data_2JOX
#
_entry.id   2JOX
#
_cell.length_a   1.000
_cell.length_b   1.000
_cell.length_c   1.000
_cell.angle_alpha   90.00
_cell.angle_beta   90.00
_cell.angle_gamma   90.00
#
_symmetry.space_group_name_H-M   'P 1'
#
loop_
_entity.id
_entity.type
_entity.pdbx_description
1 polymer 'Churchill protein'
2 non-polymer 'ZINC ION'
#
_entity_poly.entity_id   1
_entity_poly.type   'polypeptide(L)'
_entity_poly.pdbx_seq_one_letter_code
;CGDCVEKEYPNRGNTCLENGSFLLNFTGCAVCSKRDFMLITNKSLKEEDGEEIVTYDHLCKNCHHVIARHEYTFSIMDEF
QEYTMLCLLCGKAEDTISILPDDPRQ
;
_entity_poly.pdbx_strand_id   A
#
loop_
_chem_comp.id
_chem_comp.type
_chem_comp.name
_chem_comp.formula
ZN non-polymer 'ZINC ION' 'Zn 2'
#
# COMPACT_ATOMS: atom_id res chain seq x y z
N CYS A 1 -15.45 -2.55 -3.14
CA CYS A 1 -16.69 -2.61 -2.37
C CYS A 1 -16.52 -3.30 -1.00
N GLY A 2 -15.26 -3.57 -0.60
CA GLY A 2 -14.86 -4.26 0.62
C GLY A 2 -15.10 -5.78 0.50
N ASP A 3 -16.17 -6.20 -0.18
CA ASP A 3 -16.39 -7.59 -0.55
C ASP A 3 -15.31 -8.05 -1.57
N CYS A 4 -14.62 -7.10 -2.22
CA CYS A 4 -13.50 -7.31 -3.13
C CYS A 4 -12.29 -7.99 -2.42
N VAL A 5 -12.12 -7.79 -1.10
CA VAL A 5 -10.96 -8.29 -0.33
C VAL A 5 -11.36 -9.41 0.64
N GLU A 6 -10.55 -10.45 0.80
CA GLU A 6 -10.79 -11.54 1.76
C GLU A 6 -10.76 -11.02 3.21
N LYS A 7 -9.78 -10.16 3.50
CA LYS A 7 -9.58 -9.50 4.80
C LYS A 7 -9.37 -8.00 4.58
N GLU A 8 -9.91 -7.18 5.47
CA GLU A 8 -9.73 -5.72 5.46
C GLU A 8 -8.38 -5.37 6.12
N TYR A 9 -7.51 -4.64 5.41
CA TYR A 9 -6.17 -4.22 5.88
C TYR A 9 -5.37 -5.38 6.52
N PRO A 10 -5.09 -6.46 5.77
CA PRO A 10 -4.35 -7.62 6.27
C PRO A 10 -2.93 -7.24 6.69
N ASN A 11 -2.36 -7.85 7.73
CA ASN A 11 -0.97 -7.59 8.07
C ASN A 11 -0.04 -8.35 7.10
N ARG A 12 1.10 -7.76 6.76
CA ARG A 12 2.06 -8.33 5.78
C ARG A 12 3.42 -8.68 6.37
N GLY A 13 3.43 -9.01 7.67
CA GLY A 13 4.60 -9.36 8.48
C GLY A 13 5.70 -8.30 8.57
N ASN A 14 5.38 -7.07 8.11
CA ASN A 14 6.13 -5.79 8.07
C ASN A 14 6.31 -5.17 6.65
N THR A 15 5.85 -5.84 5.59
CA THR A 15 6.04 -5.39 4.18
C THR A 15 5.30 -4.07 3.88
N CYS A 16 6.02 -2.99 3.52
CA CYS A 16 5.44 -1.68 3.20
C CYS A 16 5.87 -1.25 1.78
N LEU A 17 4.92 -1.23 0.83
CA LEU A 17 5.14 -0.95 -0.60
C LEU A 17 4.33 0.25 -1.13
N GLU A 18 4.91 0.91 -2.12
CA GLU A 18 4.35 2.03 -2.89
C GLU A 18 3.82 1.61 -4.28
N ASN A 19 3.88 0.31 -4.61
CA ASN A 19 3.48 -0.26 -5.90
C ASN A 19 2.76 -1.63 -5.77
N GLY A 20 2.00 -1.98 -6.81
CA GLY A 20 1.31 -3.28 -6.95
C GLY A 20 -0.14 -3.32 -6.45
N SER A 21 -0.71 -4.54 -6.51
CA SER A 21 -2.07 -4.91 -6.08
C SER A 21 -2.03 -6.35 -5.53
N PHE A 22 -2.44 -6.55 -4.28
CA PHE A 22 -2.36 -7.85 -3.59
C PHE A 22 -3.39 -8.91 -4.02
N LEU A 23 -3.15 -9.53 -5.18
CA LEU A 23 -4.02 -10.54 -5.79
C LEU A 23 -4.41 -11.71 -4.87
N LEU A 24 -3.55 -12.07 -3.91
CA LEU A 24 -3.82 -13.12 -2.92
C LEU A 24 -4.90 -12.73 -1.88
N ASN A 25 -5.18 -11.44 -1.70
CA ASN A 25 -6.26 -10.95 -0.84
C ASN A 25 -7.46 -10.53 -1.68
N PHE A 26 -7.24 -10.04 -2.89
CA PHE A 26 -8.33 -9.70 -3.82
C PHE A 26 -9.06 -10.98 -4.24
N THR A 27 -10.30 -11.16 -3.77
CA THR A 27 -11.15 -12.32 -4.09
C THR A 27 -12.00 -12.10 -5.35
N GLY A 28 -11.78 -10.95 -6.03
CA GLY A 28 -12.55 -10.50 -7.18
C GLY A 28 -13.67 -9.56 -6.74
N CYS A 29 -14.03 -8.63 -7.60
CA CYS A 29 -15.02 -7.59 -7.37
C CYS A 29 -16.38 -8.12 -6.90
N ALA A 30 -17.21 -7.20 -6.45
CA ALA A 30 -18.62 -7.45 -6.11
C ALA A 30 -19.57 -6.49 -6.85
N VAL A 31 -19.07 -5.43 -7.50
CA VAL A 31 -19.89 -4.57 -8.36
C VAL A 31 -20.18 -5.31 -9.67
N CYS A 32 -19.22 -6.10 -10.18
CA CYS A 32 -19.30 -6.86 -11.43
C CYS A 32 -18.88 -8.35 -11.35
N SER A 33 -18.20 -8.78 -10.28
CA SER A 33 -17.72 -10.17 -10.04
C SER A 33 -16.43 -10.60 -10.78
N LYS A 34 -15.60 -9.68 -11.28
CA LYS A 34 -14.32 -10.00 -11.99
C LYS A 34 -13.12 -10.11 -11.04
N ARG A 35 -12.20 -11.04 -11.33
CA ARG A 35 -10.92 -11.27 -10.61
C ARG A 35 -9.72 -11.01 -11.53
N ASP A 36 -8.53 -10.78 -10.98
CA ASP A 36 -7.27 -10.44 -11.69
C ASP A 36 -7.38 -9.26 -12.69
N PHE A 37 -8.33 -8.38 -12.39
CA PHE A 37 -8.72 -7.19 -13.14
C PHE A 37 -8.59 -5.94 -12.27
N MET A 38 -7.48 -5.21 -12.44
CA MET A 38 -7.24 -3.94 -11.73
C MET A 38 -6.20 -3.01 -12.38
N LEU A 39 -6.41 -1.72 -12.14
CA LEU A 39 -5.67 -0.53 -12.53
C LEU A 39 -5.38 0.31 -11.28
N ILE A 40 -4.47 1.29 -11.41
CA ILE A 40 -4.09 2.25 -10.37
C ILE A 40 -4.19 3.65 -11.00
N THR A 41 -4.80 4.60 -10.29
CA THR A 41 -4.95 5.98 -10.77
C THR A 41 -4.91 6.99 -9.60
N ASN A 42 -4.88 8.29 -9.92
CA ASN A 42 -4.86 9.43 -8.99
C ASN A 42 -3.67 9.46 -8.00
N LYS A 43 -2.64 8.64 -8.27
CA LYS A 43 -1.42 8.45 -7.47
C LYS A 43 -0.72 9.77 -7.15
N SER A 44 -0.75 10.12 -5.87
CA SER A 44 -0.11 11.30 -5.30
C SER A 44 1.14 10.96 -4.48
N LEU A 45 2.03 11.94 -4.36
CA LEU A 45 3.28 11.85 -3.60
C LEU A 45 3.52 13.17 -2.85
N LYS A 46 3.98 13.05 -1.60
CA LYS A 46 4.27 14.15 -0.67
C LYS A 46 5.63 13.96 -0.02
N GLU A 47 6.33 15.06 0.26
CA GLU A 47 7.60 14.98 0.99
C GLU A 47 7.71 16.10 2.03
N GLU A 48 7.77 15.75 3.31
CA GLU A 48 7.98 16.66 4.45
C GLU A 48 9.25 16.36 5.25
N ASP A 49 10.18 17.31 5.36
CA ASP A 49 11.39 17.26 6.22
C ASP A 49 12.24 15.96 6.22
N GLY A 50 12.12 15.13 5.17
CA GLY A 50 12.80 13.82 5.01
C GLY A 50 11.82 12.65 4.89
N GLU A 51 10.58 12.82 5.36
CA GLU A 51 9.48 11.85 5.23
C GLU A 51 8.97 11.88 3.78
N GLU A 52 8.71 10.71 3.20
CA GLU A 52 8.15 10.54 1.86
C GLU A 52 6.81 9.81 1.99
N ILE A 53 5.75 10.33 1.38
CA ILE A 53 4.40 9.77 1.45
C ILE A 53 3.90 9.48 0.04
N VAL A 54 3.22 8.34 -0.14
CA VAL A 54 2.61 7.92 -1.40
C VAL A 54 1.18 7.47 -1.13
N THR A 55 0.20 8.14 -1.73
CA THR A 55 -1.22 7.79 -1.61
C THR A 55 -1.86 7.52 -2.98
N TYR A 56 -2.65 6.46 -3.11
CA TYR A 56 -3.35 6.11 -4.35
C TYR A 56 -4.63 5.28 -4.13
N ASP A 57 -5.20 4.78 -5.22
CA ASP A 57 -6.44 4.00 -5.24
C ASP A 57 -6.30 2.88 -6.28
N HIS A 58 -7.10 1.82 -6.14
CA HIS A 58 -7.16 0.67 -7.06
C HIS A 58 -8.54 0.69 -7.74
N LEU A 59 -8.61 0.36 -9.03
CA LEU A 59 -9.83 0.41 -9.85
C LEU A 59 -10.01 -0.88 -10.64
N CYS A 60 -11.22 -1.42 -10.65
CA CYS A 60 -11.57 -2.62 -11.40
C CYS A 60 -11.35 -2.41 -12.91
N LYS A 61 -10.54 -3.24 -13.56
CA LYS A 61 -10.30 -3.14 -15.02
C LYS A 61 -11.60 -3.36 -15.83
N ASN A 62 -12.67 -3.87 -15.20
CA ASN A 62 -13.95 -4.15 -15.83
C ASN A 62 -14.95 -2.99 -15.65
N CYS A 63 -15.38 -2.71 -14.42
CA CYS A 63 -16.36 -1.66 -14.11
C CYS A 63 -15.75 -0.31 -13.68
N HIS A 64 -14.42 -0.23 -13.52
CA HIS A 64 -13.65 0.96 -13.07
C HIS A 64 -14.13 1.58 -11.76
N HIS A 65 -14.85 0.80 -10.96
CA HIS A 65 -15.22 1.12 -9.59
C HIS A 65 -13.94 1.10 -8.74
N VAL A 66 -13.83 1.94 -7.71
CA VAL A 66 -12.67 1.96 -6.82
C VAL A 66 -12.73 0.77 -5.86
N ILE A 67 -11.90 -0.24 -6.13
CA ILE A 67 -11.78 -1.47 -5.35
C ILE A 67 -11.33 -1.20 -3.91
N ALA A 68 -10.30 -0.35 -3.76
CA ALA A 68 -9.67 -0.03 -2.48
C ALA A 68 -8.83 1.26 -2.55
N ARG A 69 -8.40 1.76 -1.38
CA ARG A 69 -7.50 2.90 -1.21
C ARG A 69 -6.22 2.44 -0.53
N HIS A 70 -5.09 2.99 -0.98
CA HIS A 70 -3.72 2.65 -0.54
C HIS A 70 -2.96 3.87 -0.03
N GLU A 71 -2.22 3.70 1.05
CA GLU A 71 -1.34 4.70 1.62
C GLU A 71 -0.05 4.02 2.09
N TYR A 72 1.09 4.59 1.71
CA TYR A 72 2.42 4.17 2.14
C TYR A 72 3.14 5.45 2.60
N THR A 73 3.67 5.43 3.81
CA THR A 73 4.40 6.58 4.37
C THR A 73 5.75 6.09 4.92
N PHE A 74 6.80 6.83 4.62
CA PHE A 74 8.17 6.49 5.04
C PHE A 74 8.82 7.71 5.73
N SER A 75 9.37 7.55 6.94
CA SER A 75 9.96 8.62 7.78
C SER A 75 11.38 8.29 8.27
N ILE A 76 12.27 9.29 8.33
CA ILE A 76 13.63 9.11 8.89
C ILE A 76 13.74 9.85 10.24
N MET A 77 14.08 9.11 11.30
CA MET A 77 14.28 9.66 12.66
C MET A 77 15.69 9.43 13.20
N ASP A 78 16.45 10.51 13.44
CA ASP A 78 17.81 10.57 14.02
C ASP A 78 18.88 9.64 13.39
N GLU A 79 18.80 8.34 13.65
CA GLU A 79 19.71 7.28 13.17
C GLU A 79 18.95 6.09 12.59
N PHE A 80 17.63 6.15 12.43
CA PHE A 80 16.85 5.01 11.96
C PHE A 80 15.89 5.45 10.85
N GLN A 81 15.27 4.49 10.19
CA GLN A 81 14.25 4.69 9.16
C GLN A 81 12.98 3.96 9.57
N GLU A 82 11.82 4.55 9.27
CA GLU A 82 10.48 4.06 9.58
C GLU A 82 9.69 3.88 8.30
N TYR A 83 9.07 2.72 8.15
CA TYR A 83 8.23 2.36 7.02
C TYR A 83 6.84 2.00 7.53
N THR A 84 5.79 2.57 6.94
CA THR A 84 4.43 2.24 7.31
C THR A 84 3.56 2.16 6.05
N MET A 85 2.63 1.23 6.01
CA MET A 85 1.68 1.01 4.92
C MET A 85 0.30 0.73 5.51
N LEU A 86 -0.73 1.20 4.79
CA LEU A 86 -2.14 1.07 5.13
C LEU A 86 -3.00 1.06 3.84
N CYS A 87 -3.49 -0.11 3.46
CA CYS A 87 -4.34 -0.35 2.31
C CYS A 87 -5.42 -1.40 2.65
N LEU A 88 -6.66 -1.15 2.23
CA LEU A 88 -7.78 -2.08 2.41
C LEU A 88 -7.52 -3.44 1.75
N LEU A 89 -6.81 -3.45 0.62
CA LEU A 89 -6.45 -4.64 -0.14
C LEU A 89 -5.04 -5.12 0.22
N CYS A 90 -4.04 -4.31 -0.06
CA CYS A 90 -2.64 -4.67 0.07
C CYS A 90 -2.22 -4.94 1.52
N GLY A 91 -2.77 -4.18 2.48
CA GLY A 91 -2.57 -4.43 3.91
C GLY A 91 -2.09 -3.27 4.78
N LYS A 92 -2.05 -3.53 6.09
CA LYS A 92 -1.52 -2.64 7.11
C LYS A 92 -0.26 -3.23 7.73
N ALA A 93 0.87 -2.55 7.55
CA ALA A 93 2.17 -2.99 8.03
C ALA A 93 3.08 -1.84 8.50
N GLU A 94 4.05 -2.14 9.36
CA GLU A 94 5.05 -1.18 9.85
C GLU A 94 6.39 -1.88 10.15
N ASP A 95 7.49 -1.23 9.79
CA ASP A 95 8.87 -1.68 10.02
C ASP A 95 9.80 -0.52 10.38
N THR A 96 10.87 -0.79 11.14
CA THR A 96 11.89 0.22 11.46
C THR A 96 13.31 -0.36 11.30
N ILE A 97 14.21 0.36 10.66
CA ILE A 97 15.59 -0.06 10.38
C ILE A 97 16.59 0.93 10.97
N SER A 98 17.54 0.45 11.77
CA SER A 98 18.62 1.29 12.31
C SER A 98 19.74 1.41 11.27
N ILE A 99 20.22 2.64 11.03
CA ILE A 99 21.23 2.96 10.02
C ILE A 99 22.39 3.82 10.56
N LEU A 100 23.32 4.19 9.67
CA LEU A 100 24.53 4.97 9.93
C LEU A 100 24.70 6.06 8.85
N PRO A 101 25.54 7.10 9.07
CA PRO A 101 25.79 8.15 8.08
C PRO A 101 26.39 7.64 6.75
N ASP A 102 26.94 6.42 6.75
CA ASP A 102 27.45 5.72 5.56
C ASP A 102 26.33 5.18 4.64
N ASP A 103 25.06 5.35 5.03
CA ASP A 103 23.84 4.92 4.33
C ASP A 103 23.82 3.42 3.90
N PRO A 104 24.05 2.47 4.84
CA PRO A 104 24.11 1.03 4.53
C PRO A 104 22.75 0.35 4.28
N ARG A 105 21.65 0.91 4.82
CA ARG A 105 20.25 0.41 4.72
C ARG A 105 20.06 -1.10 5.02
N GLN A 106 20.91 -1.66 5.91
CA GLN A 106 20.94 -3.07 6.32
C GLN A 106 20.77 -4.05 5.14
ZN ZN B . -15.70 -4.20 -6.18
ZN ZN C . -15.69 -4.70 -10.65
ZN ZN D . -3.13 -1.40 -2.08
N CYS A 1 -15.45 -2.56 -3.14
CA CYS A 1 -16.69 -2.63 -2.37
C CYS A 1 -16.52 -3.33 -1.00
N GLY A 2 -15.27 -3.59 -0.60
CA GLY A 2 -14.87 -4.29 0.62
C GLY A 2 -15.09 -5.80 0.50
N ASP A 3 -16.15 -6.22 -0.20
CA ASP A 3 -16.36 -7.63 -0.56
C ASP A 3 -15.28 -8.07 -1.57
N CYS A 4 -14.61 -7.11 -2.23
CA CYS A 4 -13.48 -7.32 -3.13
C CYS A 4 -12.28 -8.00 -2.43
N VAL A 5 -12.10 -7.79 -1.11
CA VAL A 5 -10.95 -8.28 -0.33
C VAL A 5 -11.35 -9.40 0.65
N GLU A 6 -10.51 -10.43 0.80
CA GLU A 6 -10.72 -11.55 1.72
C GLU A 6 -10.67 -11.06 3.18
N LYS A 7 -9.74 -10.14 3.48
CA LYS A 7 -9.53 -9.49 4.78
C LYS A 7 -9.36 -7.99 4.58
N GLU A 8 -9.91 -7.17 5.49
CA GLU A 8 -9.74 -5.71 5.46
C GLU A 8 -8.39 -5.36 6.12
N TYR A 9 -7.52 -4.64 5.41
CA TYR A 9 -6.19 -4.22 5.89
C TYR A 9 -5.39 -5.37 6.53
N PRO A 10 -5.11 -6.46 5.79
CA PRO A 10 -4.37 -7.61 6.30
C PRO A 10 -2.93 -7.23 6.70
N ASN A 11 -2.38 -7.83 7.75
CA ASN A 11 -0.98 -7.57 8.10
C ASN A 11 -0.05 -8.35 7.14
N ARG A 12 1.09 -7.76 6.77
CA ARG A 12 2.05 -8.36 5.81
C ARG A 12 3.42 -8.68 6.44
N GLY A 13 3.41 -8.99 7.72
CA GLY A 13 4.58 -9.32 8.55
C GLY A 13 5.69 -8.26 8.63
N ASN A 14 5.36 -7.04 8.16
CA ASN A 14 6.12 -5.76 8.08
C ASN A 14 6.28 -5.17 6.66
N THR A 15 5.83 -5.85 5.59
CA THR A 15 6.00 -5.41 4.19
C THR A 15 5.27 -4.10 3.88
N CYS A 16 5.99 -3.02 3.52
CA CYS A 16 5.42 -1.70 3.21
C CYS A 16 5.84 -1.26 1.79
N LEU A 17 4.89 -1.26 0.83
CA LEU A 17 5.10 -0.97 -0.60
C LEU A 17 4.30 0.22 -1.12
N GLU A 18 4.89 0.89 -2.12
CA GLU A 18 4.33 2.02 -2.88
C GLU A 18 3.79 1.60 -4.26
N ASN A 19 3.85 0.30 -4.60
CA ASN A 19 3.43 -0.25 -5.89
C ASN A 19 2.73 -1.62 -5.76
N GLY A 20 1.95 -1.99 -6.80
CA GLY A 20 1.28 -3.29 -6.94
C GLY A 20 -0.18 -3.34 -6.45
N SER A 21 -0.75 -4.55 -6.49
CA SER A 21 -2.11 -4.93 -6.06
C SER A 21 -2.05 -6.36 -5.51
N PHE A 22 -2.46 -6.56 -4.25
CA PHE A 22 -2.36 -7.86 -3.55
C PHE A 22 -3.38 -8.93 -3.95
N LEU A 23 -3.14 -9.57 -5.10
CA LEU A 23 -4.00 -10.59 -5.69
C LEU A 23 -4.41 -11.76 -4.76
N LEU A 24 -3.56 -12.12 -3.79
CA LEU A 24 -3.86 -13.17 -2.79
C LEU A 24 -4.95 -12.77 -1.78
N ASN A 25 -5.22 -11.47 -1.61
CA ASN A 25 -6.31 -10.96 -0.76
C ASN A 25 -7.50 -10.55 -1.64
N PHE A 26 -7.25 -10.05 -2.86
CA PHE A 26 -8.32 -9.72 -3.80
C PHE A 26 -9.04 -11.00 -4.24
N THR A 27 -10.28 -11.18 -3.79
CA THR A 27 -11.13 -12.34 -4.12
C THR A 27 -11.98 -12.11 -5.37
N GLY A 28 -11.75 -10.97 -6.05
CA GLY A 28 -12.51 -10.51 -7.20
C GLY A 28 -13.63 -9.56 -6.74
N CYS A 29 -13.99 -8.63 -7.61
CA CYS A 29 -15.00 -7.60 -7.37
C CYS A 29 -16.35 -8.13 -6.90
N ALA A 30 -17.19 -7.21 -6.45
CA ALA A 30 -18.59 -7.46 -6.12
C ALA A 30 -19.54 -6.51 -6.85
N VAL A 31 -19.05 -5.44 -7.50
CA VAL A 31 -19.87 -4.58 -8.36
C VAL A 31 -20.16 -5.32 -9.68
N CYS A 32 -19.20 -6.10 -10.18
CA CYS A 32 -19.28 -6.86 -11.43
C CYS A 32 -18.85 -8.35 -11.35
N SER A 33 -18.14 -8.76 -10.30
CA SER A 33 -17.65 -10.14 -10.04
C SER A 33 -16.35 -10.56 -10.78
N LYS A 34 -15.55 -9.63 -11.33
CA LYS A 34 -14.28 -9.95 -12.03
C LYS A 34 -13.08 -10.11 -11.07
N ARG A 35 -12.14 -11.00 -11.40
CA ARG A 35 -10.88 -11.24 -10.66
C ARG A 35 -9.67 -11.00 -11.59
N ASP A 36 -8.48 -10.77 -11.03
CA ASP A 36 -7.22 -10.44 -11.73
C ASP A 36 -7.33 -9.24 -12.72
N PHE A 37 -8.27 -8.37 -12.42
CA PHE A 37 -8.67 -7.17 -13.14
C PHE A 37 -8.55 -5.92 -12.27
N MET A 38 -7.45 -5.19 -12.43
CA MET A 38 -7.21 -3.92 -11.71
C MET A 38 -6.17 -2.99 -12.36
N LEU A 39 -6.40 -1.70 -12.12
CA LEU A 39 -5.65 -0.50 -12.51
C LEU A 39 -5.36 0.35 -11.26
N ILE A 40 -4.46 1.32 -11.38
CA ILE A 40 -4.09 2.30 -10.36
C ILE A 40 -4.19 3.68 -10.99
N THR A 41 -4.81 4.62 -10.28
CA THR A 41 -4.98 6.02 -10.76
C THR A 41 -4.96 7.02 -9.59
N ASN A 42 -4.94 8.31 -9.90
CA ASN A 42 -4.94 9.45 -8.97
C ASN A 42 -3.76 9.49 -7.97
N LYS A 43 -2.73 8.69 -8.26
CA LYS A 43 -1.51 8.51 -7.45
C LYS A 43 -0.79 9.83 -7.13
N SER A 44 -0.79 10.18 -5.86
CA SER A 44 -0.12 11.35 -5.30
C SER A 44 1.13 10.98 -4.50
N LEU A 45 2.05 11.94 -4.38
CA LEU A 45 3.29 11.85 -3.62
C LEU A 45 3.55 13.17 -2.87
N LYS A 46 3.98 13.05 -1.62
CA LYS A 46 4.27 14.14 -0.68
C LYS A 46 5.62 13.97 -0.02
N GLU A 47 6.31 15.05 0.27
CA GLU A 47 7.60 14.98 0.98
C GLU A 47 7.71 16.09 2.04
N GLU A 48 7.79 15.72 3.32
CA GLU A 48 7.99 16.63 4.45
C GLU A 48 9.28 16.34 5.23
N ASP A 49 10.20 17.30 5.34
CA ASP A 49 11.42 17.25 6.19
C ASP A 49 12.28 15.95 6.18
N GLY A 50 12.15 15.13 5.14
CA GLY A 50 12.82 13.83 4.96
C GLY A 50 11.84 12.65 4.84
N GLU A 51 10.61 12.81 5.33
CA GLU A 51 9.52 11.84 5.20
C GLU A 51 8.99 11.88 3.76
N GLU A 52 8.73 10.70 3.17
CA GLU A 52 8.15 10.53 1.85
C GLU A 52 6.81 9.81 1.98
N ILE A 53 5.75 10.33 1.36
CA ILE A 53 4.40 9.77 1.44
C ILE A 53 3.89 9.47 0.03
N VAL A 54 3.21 8.34 -0.15
CA VAL A 54 2.60 7.93 -1.41
C VAL A 54 1.17 7.47 -1.14
N THR A 55 0.19 8.16 -1.72
CA THR A 55 -1.23 7.82 -1.60
C THR A 55 -1.89 7.56 -2.97
N TYR A 56 -2.68 6.49 -3.10
CA TYR A 56 -3.39 6.15 -4.34
C TYR A 56 -4.66 5.31 -4.12
N ASP A 57 -5.23 4.81 -5.22
CA ASP A 57 -6.46 4.01 -5.23
C ASP A 57 -6.31 2.88 -6.27
N HIS A 58 -7.10 1.82 -6.12
CA HIS A 58 -7.16 0.68 -7.05
C HIS A 58 -8.54 0.69 -7.74
N LEU A 59 -8.60 0.36 -9.02
CA LEU A 59 -9.82 0.41 -9.84
C LEU A 59 -10.00 -0.87 -10.64
N CYS A 60 -11.20 -1.42 -10.65
CA CYS A 60 -11.56 -2.62 -11.40
C CYS A 60 -11.33 -2.40 -12.91
N LYS A 61 -10.52 -3.23 -13.57
CA LYS A 61 -10.28 -3.12 -15.02
C LYS A 61 -11.58 -3.34 -15.84
N ASN A 62 -12.65 -3.85 -15.22
CA ASN A 62 -13.93 -4.11 -15.87
C ASN A 62 -14.92 -2.93 -15.67
N CYS A 63 -15.37 -2.70 -14.44
CA CYS A 63 -16.35 -1.65 -14.12
C CYS A 63 -15.73 -0.30 -13.68
N HIS A 64 -14.40 -0.23 -13.52
CA HIS A 64 -13.64 0.96 -13.06
C HIS A 64 -14.12 1.58 -11.75
N HIS A 65 -14.84 0.79 -10.95
CA HIS A 65 -15.21 1.11 -9.59
C HIS A 65 -13.92 1.08 -8.73
N VAL A 66 -13.83 1.93 -7.70
CA VAL A 66 -12.67 1.95 -6.81
C VAL A 66 -12.74 0.75 -5.85
N ILE A 67 -11.89 -0.26 -6.13
CA ILE A 67 -11.77 -1.50 -5.35
C ILE A 67 -11.32 -1.21 -3.91
N ALA A 68 -10.30 -0.36 -3.75
CA ALA A 68 -9.67 -0.03 -2.48
C ALA A 68 -8.84 1.26 -2.54
N ARG A 69 -8.42 1.76 -1.37
CA ARG A 69 -7.52 2.91 -1.19
C ARG A 69 -6.23 2.45 -0.52
N HIS A 70 -5.10 3.00 -0.97
CA HIS A 70 -3.74 2.67 -0.53
C HIS A 70 -2.98 3.89 -0.03
N GLU A 71 -2.24 3.72 1.06
CA GLU A 71 -1.35 4.71 1.62
C GLU A 71 -0.06 4.04 2.09
N TYR A 72 1.08 4.60 1.71
CA TYR A 72 2.40 4.18 2.14
C TYR A 72 3.13 5.45 2.59
N THR A 73 3.67 5.44 3.81
CA THR A 73 4.40 6.59 4.36
C THR A 73 5.75 6.09 4.90
N PHE A 74 6.81 6.83 4.60
CA PHE A 74 8.18 6.50 5.01
C PHE A 74 8.83 7.70 5.71
N SER A 75 9.38 7.54 6.91
CA SER A 75 9.98 8.61 7.75
C SER A 75 11.38 8.28 8.24
N ILE A 76 12.28 9.27 8.30
CA ILE A 76 13.63 9.08 8.88
C ILE A 76 13.74 9.82 10.22
N MET A 77 14.08 9.07 11.29
CA MET A 77 14.27 9.60 12.65
C MET A 77 15.68 9.37 13.21
N ASP A 78 16.42 10.46 13.47
CA ASP A 78 17.76 10.53 14.09
C ASP A 78 18.88 9.62 13.49
N GLU A 79 18.77 8.29 13.66
CA GLU A 79 19.69 7.27 13.17
C GLU A 79 18.95 6.08 12.54
N PHE A 80 17.62 6.14 12.40
CA PHE A 80 16.85 4.99 11.92
C PHE A 80 15.89 5.44 10.80
N GLN A 81 15.27 4.47 10.15
CA GLN A 81 14.25 4.66 9.13
C GLN A 81 12.98 3.95 9.54
N GLU A 82 11.83 4.53 9.24
CA GLU A 82 10.50 4.04 9.56
C GLU A 82 9.69 3.87 8.27
N TYR A 83 9.06 2.71 8.13
CA TYR A 83 8.23 2.35 7.00
C TYR A 83 6.84 1.99 7.51
N THR A 84 5.79 2.56 6.92
CA THR A 84 4.42 2.24 7.30
C THR A 84 3.56 2.16 6.04
N MET A 85 2.62 1.23 6.00
CA MET A 85 1.67 1.01 4.91
C MET A 85 0.28 0.73 5.51
N LEU A 86 -0.73 1.20 4.80
CA LEU A 86 -2.16 1.08 5.13
C LEU A 86 -3.01 1.07 3.85
N CYS A 87 -3.51 -0.10 3.46
CA CYS A 87 -4.36 -0.34 2.31
C CYS A 87 -5.42 -1.39 2.66
N LEU A 88 -6.67 -1.16 2.23
CA LEU A 88 -7.79 -2.08 2.41
C LEU A 88 -7.52 -3.44 1.74
N LEU A 89 -6.80 -3.45 0.62
CA LEU A 89 -6.44 -4.64 -0.14
C LEU A 89 -5.03 -5.11 0.22
N CYS A 90 -4.02 -4.30 -0.06
CA CYS A 90 -2.63 -4.66 0.08
C CYS A 90 -2.22 -4.93 1.53
N GLY A 91 -2.75 -4.17 2.49
CA GLY A 91 -2.58 -4.42 3.92
C GLY A 91 -2.11 -3.27 4.79
N LYS A 92 -2.07 -3.53 6.10
CA LYS A 92 -1.55 -2.62 7.13
C LYS A 92 -0.28 -3.22 7.75
N ALA A 93 0.85 -2.53 7.56
CA ALA A 93 2.15 -2.97 8.04
C ALA A 93 3.06 -1.82 8.51
N GLU A 94 4.04 -2.13 9.36
CA GLU A 94 5.04 -1.17 9.85
C GLU A 94 6.38 -1.87 10.14
N ASP A 95 7.49 -1.23 9.78
CA ASP A 95 8.87 -1.68 9.99
C ASP A 95 9.80 -0.52 10.37
N THR A 96 10.87 -0.80 11.11
CA THR A 96 11.89 0.21 11.43
C THR A 96 13.30 -0.39 11.28
N ILE A 97 14.21 0.35 10.62
CA ILE A 97 15.59 -0.08 10.34
C ILE A 97 16.60 0.91 10.92
N SER A 98 17.55 0.45 11.72
CA SER A 98 18.63 1.30 12.24
C SER A 98 19.75 1.42 11.20
N ILE A 99 20.25 2.64 10.98
CA ILE A 99 21.26 2.96 9.96
C ILE A 99 22.39 3.88 10.47
N LEU A 100 23.35 4.18 9.60
CA LEU A 100 24.54 5.01 9.83
C LEU A 100 24.80 5.92 8.61
N PRO A 101 25.59 7.01 8.74
CA PRO A 101 25.92 7.91 7.62
C PRO A 101 26.67 7.22 6.47
N ASP A 102 27.27 6.04 6.72
CA ASP A 102 27.95 5.21 5.72
C ASP A 102 26.96 4.43 4.81
N ASP A 103 25.65 4.58 5.03
CA ASP A 103 24.55 3.93 4.31
C ASP A 103 24.66 2.38 4.19
N PRO A 104 24.77 1.65 5.31
CA PRO A 104 24.85 0.18 5.31
C PRO A 104 23.49 -0.48 5.01
N ARG A 105 22.37 0.22 5.28
CA ARG A 105 20.96 -0.17 5.08
C ARG A 105 20.63 -1.66 5.38
N GLN A 106 21.23 -2.20 6.45
CA GLN A 106 21.10 -3.59 6.93
C GLN A 106 21.03 -4.63 5.80
ZN ZN B . -15.68 -4.22 -6.19
ZN ZN C . -15.67 -4.72 -10.66
ZN ZN D . -3.13 -1.39 -2.08
N CYS A 1 -15.54 -2.54 -3.05
CA CYS A 1 -16.76 -2.65 -2.28
C CYS A 1 -16.56 -3.38 -0.93
N GLY A 2 -15.30 -3.65 -0.56
CA GLY A 2 -14.87 -4.37 0.63
C GLY A 2 -15.10 -5.89 0.51
N ASP A 3 -16.15 -6.30 -0.18
CA ASP A 3 -16.36 -7.70 -0.55
C ASP A 3 -15.28 -8.14 -1.56
N CYS A 4 -14.61 -7.18 -2.22
CA CYS A 4 -13.49 -7.40 -3.12
C CYS A 4 -12.27 -8.05 -2.43
N VAL A 5 -12.09 -7.87 -1.11
CA VAL A 5 -10.92 -8.33 -0.34
C VAL A 5 -11.31 -9.46 0.63
N GLU A 6 -10.47 -10.49 0.76
CA GLU A 6 -10.67 -11.63 1.69
C GLU A 6 -10.62 -11.15 3.17
N LYS A 7 -9.73 -10.20 3.47
CA LYS A 7 -9.57 -9.53 4.77
C LYS A 7 -9.35 -8.04 4.56
N GLU A 8 -9.91 -7.22 5.45
CA GLU A 8 -9.72 -5.75 5.44
C GLU A 8 -8.37 -5.41 6.10
N TYR A 9 -7.50 -4.67 5.40
CA TYR A 9 -6.18 -4.25 5.87
C TYR A 9 -5.37 -5.40 6.52
N PRO A 10 -5.09 -6.49 5.78
CA PRO A 10 -4.36 -7.64 6.30
C PRO A 10 -2.92 -7.27 6.70
N ASN A 11 -2.36 -7.87 7.75
CA ASN A 11 -0.97 -7.61 8.09
C ASN A 11 -0.05 -8.38 7.13
N ARG A 12 1.10 -7.79 6.77
CA ARG A 12 2.04 -8.36 5.77
C ARG A 12 3.44 -8.65 6.31
N GLY A 13 3.54 -8.99 7.59
CA GLY A 13 4.81 -9.30 8.25
C GLY A 13 5.84 -8.17 8.12
N ASN A 14 5.36 -6.93 8.25
CA ASN A 14 6.08 -5.65 8.17
C ASN A 14 6.41 -5.18 6.72
N THR A 15 5.83 -5.76 5.68
CA THR A 15 6.07 -5.37 4.27
C THR A 15 5.33 -4.07 3.93
N CYS A 16 6.04 -2.99 3.56
CA CYS A 16 5.47 -1.68 3.22
C CYS A 16 5.89 -1.26 1.80
N LEU A 17 4.94 -1.26 0.86
CA LEU A 17 5.13 -1.00 -0.59
C LEU A 17 4.35 0.22 -1.10
N GLU A 18 4.98 0.90 -2.06
CA GLU A 18 4.47 2.07 -2.79
C GLU A 18 3.84 1.71 -4.15
N ASN A 19 3.90 0.44 -4.57
CA ASN A 19 3.38 -0.04 -5.86
C ASN A 19 2.81 -1.47 -5.77
N GLY A 20 1.90 -1.81 -6.69
CA GLY A 20 1.28 -3.14 -6.83
C GLY A 20 -0.20 -3.21 -6.44
N SER A 21 -0.73 -4.45 -6.48
CA SER A 21 -2.11 -4.84 -6.11
C SER A 21 -2.06 -6.28 -5.57
N PHE A 22 -2.45 -6.50 -4.31
CA PHE A 22 -2.35 -7.80 -3.62
C PHE A 22 -3.36 -8.88 -4.05
N LEU A 23 -3.12 -9.49 -5.21
CA LEU A 23 -3.98 -10.52 -5.82
C LEU A 23 -4.39 -11.69 -4.90
N LEU A 24 -3.54 -12.05 -3.94
CA LEU A 24 -3.82 -13.14 -2.96
C LEU A 24 -4.90 -12.75 -1.94
N ASN A 25 -5.17 -11.46 -1.73
CA ASN A 25 -6.26 -10.97 -0.86
C ASN A 25 -7.46 -10.57 -1.73
N PHE A 26 -7.23 -10.05 -2.94
CA PHE A 26 -8.31 -9.72 -3.86
C PHE A 26 -9.03 -11.00 -4.31
N THR A 27 -10.26 -11.19 -3.87
CA THR A 27 -11.11 -12.36 -4.22
C THR A 27 -11.98 -12.10 -5.46
N GLY A 28 -11.75 -10.96 -6.12
CA GLY A 28 -12.52 -10.49 -7.26
C GLY A 28 -13.63 -9.56 -6.77
N CYS A 29 -14.01 -8.60 -7.62
CA CYS A 29 -15.01 -7.57 -7.35
C CYS A 29 -16.36 -8.11 -6.86
N ALA A 30 -17.21 -7.20 -6.43
CA ALA A 30 -18.60 -7.46 -6.09
C ALA A 30 -19.56 -6.49 -6.80
N VAL A 31 -19.07 -5.41 -7.43
CA VAL A 31 -19.92 -4.54 -8.28
C VAL A 31 -20.23 -5.28 -9.59
N CYS A 32 -19.27 -6.06 -10.11
CA CYS A 32 -19.36 -6.82 -11.35
C CYS A 32 -18.94 -8.32 -11.29
N SER A 33 -18.20 -8.73 -10.23
CA SER A 33 -17.71 -10.11 -10.00
C SER A 33 -16.42 -10.52 -10.74
N LYS A 34 -15.62 -9.60 -11.30
CA LYS A 34 -14.36 -9.92 -12.03
C LYS A 34 -13.15 -10.08 -11.09
N ARG A 35 -12.23 -10.99 -11.42
CA ARG A 35 -10.95 -11.22 -10.70
C ARG A 35 -9.76 -10.97 -11.64
N ASP A 36 -8.55 -10.75 -11.09
CA ASP A 36 -7.30 -10.42 -11.81
C ASP A 36 -7.41 -9.22 -12.79
N PHE A 37 -8.35 -8.34 -12.47
CA PHE A 37 -8.76 -7.14 -13.19
C PHE A 37 -8.63 -5.90 -12.30
N MET A 38 -7.53 -5.17 -12.48
CA MET A 38 -7.28 -3.91 -11.76
C MET A 38 -6.25 -2.97 -12.40
N LEU A 39 -6.47 -1.69 -12.17
CA LEU A 39 -5.73 -0.48 -12.57
C LEU A 39 -5.42 0.36 -11.32
N ILE A 40 -4.50 1.33 -11.48
CA ILE A 40 -4.10 2.30 -10.45
C ILE A 40 -4.23 3.69 -11.08
N THR A 41 -4.83 4.63 -10.35
CA THR A 41 -5.01 6.01 -10.80
C THR A 41 -4.93 7.00 -9.63
N ASN A 42 -4.88 8.30 -9.92
CA ASN A 42 -4.81 9.42 -8.97
C ASN A 42 -3.60 9.39 -7.99
N LYS A 43 -2.63 8.52 -8.28
CA LYS A 43 -1.41 8.29 -7.51
C LYS A 43 -0.63 9.57 -7.21
N SER A 44 -0.65 9.96 -5.94
CA SER A 44 0.01 11.15 -5.41
C SER A 44 1.23 10.82 -4.57
N LEU A 45 2.15 11.78 -4.47
CA LEU A 45 3.38 11.71 -3.70
C LEU A 45 3.63 13.04 -2.97
N LYS A 46 4.07 12.95 -1.72
CA LYS A 46 4.35 14.06 -0.81
C LYS A 46 5.70 13.89 -0.14
N GLU A 47 6.40 14.98 0.12
CA GLU A 47 7.68 14.91 0.86
C GLU A 47 7.77 16.06 1.89
N GLU A 48 7.82 15.73 3.18
CA GLU A 48 8.03 16.66 4.31
C GLU A 48 9.30 16.36 5.11
N ASP A 49 10.23 17.31 5.22
CA ASP A 49 11.43 17.26 6.09
C ASP A 49 12.28 15.96 6.11
N GLY A 50 12.16 15.11 5.08
CA GLY A 50 12.84 13.81 4.94
C GLY A 50 11.84 12.63 4.84
N GLU A 51 10.61 12.81 5.31
CA GLU A 51 9.51 11.85 5.18
C GLU A 51 8.99 11.88 3.74
N GLU A 52 8.75 10.69 3.17
CA GLU A 52 8.19 10.50 1.83
C GLU A 52 6.85 9.76 1.97
N ILE A 53 5.79 10.29 1.33
CA ILE A 53 4.45 9.72 1.40
C ILE A 53 3.95 9.41 0.00
N VAL A 54 3.25 8.28 -0.17
CA VAL A 54 2.65 7.84 -1.43
C VAL A 54 1.22 7.41 -1.15
N THR A 55 0.24 8.08 -1.76
CA THR A 55 -1.18 7.73 -1.63
C THR A 55 -1.82 7.45 -3.00
N TYR A 56 -2.60 6.38 -3.12
CA TYR A 56 -3.29 6.02 -4.37
C TYR A 56 -4.59 5.23 -4.15
N ASP A 57 -5.17 4.73 -5.24
CA ASP A 57 -6.40 3.96 -5.25
C ASP A 57 -6.29 2.84 -6.30
N HIS A 58 -7.09 1.79 -6.14
CA HIS A 58 -7.17 0.65 -7.07
C HIS A 58 -8.55 0.67 -7.74
N LEU A 59 -8.63 0.36 -9.02
CA LEU A 59 -9.86 0.41 -9.82
C LEU A 59 -10.05 -0.87 -10.64
N CYS A 60 -11.26 -1.41 -10.62
CA CYS A 60 -11.64 -2.60 -11.39
C CYS A 60 -11.43 -2.36 -12.89
N LYS A 61 -10.63 -3.20 -13.57
CA LYS A 61 -10.41 -3.08 -15.03
C LYS A 61 -11.71 -3.29 -15.83
N ASN A 62 -12.77 -3.80 -15.20
CA ASN A 62 -14.07 -4.04 -15.83
C ASN A 62 -15.03 -2.87 -15.61
N CYS A 63 -15.48 -2.64 -14.37
CA CYS A 63 -16.45 -1.58 -14.03
C CYS A 63 -15.81 -0.24 -13.60
N HIS A 64 -14.48 -0.17 -13.45
CA HIS A 64 -13.71 1.01 -13.00
C HIS A 64 -14.18 1.62 -11.67
N HIS A 65 -14.88 0.83 -10.88
CA HIS A 65 -15.24 1.14 -9.51
C HIS A 65 -13.95 1.10 -8.67
N VAL A 66 -13.84 1.94 -7.64
CA VAL A 66 -12.66 1.93 -6.76
C VAL A 66 -12.72 0.74 -5.81
N ILE A 67 -11.89 -0.27 -6.10
CA ILE A 67 -11.77 -1.52 -5.33
C ILE A 67 -11.30 -1.24 -3.89
N ALA A 68 -10.29 -0.38 -3.75
CA ALA A 68 -9.66 -0.06 -2.47
C ALA A 68 -8.81 1.24 -2.54
N ARG A 69 -8.40 1.75 -1.37
CA ARG A 69 -7.49 2.90 -1.21
C ARG A 69 -6.22 2.43 -0.52
N HIS A 70 -5.08 2.97 -0.98
CA HIS A 70 -3.72 2.63 -0.53
C HIS A 70 -2.96 3.86 -0.02
N GLU A 71 -2.21 3.68 1.06
CA GLU A 71 -1.32 4.68 1.63
C GLU A 71 -0.03 4.00 2.09
N TYR A 72 1.11 4.56 1.72
CA TYR A 72 2.43 4.16 2.17
C TYR A 72 3.16 5.42 2.62
N THR A 73 3.68 5.43 3.84
CA THR A 73 4.40 6.58 4.39
C THR A 73 5.75 6.10 4.93
N PHE A 74 6.81 6.84 4.65
CA PHE A 74 8.17 6.51 5.06
C PHE A 74 8.82 7.73 5.75
N SER A 75 9.37 7.57 6.95
CA SER A 75 9.97 8.65 7.78
C SER A 75 11.38 8.32 8.28
N ILE A 76 12.28 9.30 8.35
CA ILE A 76 13.63 9.12 8.92
C ILE A 76 13.74 9.86 10.26
N MET A 77 14.06 9.13 11.33
CA MET A 77 14.26 9.68 12.68
C MET A 77 15.67 9.45 13.26
N ASP A 78 16.43 10.52 13.50
CA ASP A 78 17.77 10.59 14.12
C ASP A 78 18.87 9.67 13.54
N GLU A 79 18.75 8.35 13.73
CA GLU A 79 19.66 7.31 13.25
C GLU A 79 18.91 6.11 12.64
N PHE A 80 17.59 6.18 12.49
CA PHE A 80 16.81 5.04 12.01
C PHE A 80 15.85 5.49 10.91
N GLN A 81 15.21 4.51 10.27
CA GLN A 81 14.21 4.70 9.23
C GLN A 81 12.93 3.99 9.64
N GLU A 82 11.78 4.58 9.34
CA GLU A 82 10.44 4.10 9.65
C GLU A 82 9.65 3.91 8.36
N TYR A 83 9.04 2.75 8.22
CA TYR A 83 8.21 2.36 7.08
C TYR A 83 6.82 2.00 7.57
N THR A 84 5.79 2.57 6.96
CA THR A 84 4.40 2.26 7.32
C THR A 84 3.54 2.18 6.06
N MET A 85 2.62 1.24 6.02
CA MET A 85 1.68 1.00 4.93
C MET A 85 0.29 0.71 5.51
N LEU A 86 -0.73 1.17 4.80
CA LEU A 86 -2.14 1.05 5.14
C LEU A 86 -3.00 1.04 3.84
N CYS A 87 -3.49 -0.13 3.47
CA CYS A 87 -4.35 -0.37 2.31
C CYS A 87 -5.41 -1.43 2.66
N LEU A 88 -6.66 -1.18 2.23
CA LEU A 88 -7.79 -2.11 2.41
C LEU A 88 -7.51 -3.47 1.73
N LEU A 89 -6.81 -3.47 0.61
CA LEU A 89 -6.44 -4.66 -0.16
C LEU A 89 -5.04 -5.14 0.20
N CYS A 90 -4.03 -4.33 -0.08
CA CYS A 90 -2.65 -4.68 0.07
C CYS A 90 -2.23 -4.96 1.53
N GLY A 91 -2.77 -4.21 2.48
CA GLY A 91 -2.58 -4.46 3.90
C GLY A 91 -2.10 -3.31 4.78
N LYS A 92 -2.05 -3.57 6.08
CA LYS A 92 -1.52 -2.65 7.11
C LYS A 92 -0.25 -3.24 7.73
N ALA A 93 0.86 -2.55 7.56
CA ALA A 93 2.17 -2.96 8.05
C ALA A 93 3.05 -1.80 8.55
N GLU A 94 4.02 -2.09 9.41
CA GLU A 94 5.00 -1.13 9.92
C GLU A 94 6.33 -1.81 10.26
N ASP A 95 7.44 -1.18 9.90
CA ASP A 95 8.82 -1.64 10.16
C ASP A 95 9.75 -0.47 10.51
N THR A 96 10.81 -0.73 11.28
CA THR A 96 11.83 0.29 11.59
C THR A 96 13.23 -0.31 11.48
N ILE A 97 14.14 0.41 10.80
CA ILE A 97 15.52 -0.03 10.51
C ILE A 97 16.54 0.96 11.07
N SER A 98 17.50 0.52 11.86
CA SER A 98 18.60 1.38 12.34
C SER A 98 19.68 1.49 11.26
N ILE A 99 20.18 2.70 11.02
CA ILE A 99 21.19 3.01 10.00
C ILE A 99 22.35 3.86 10.55
N LEU A 100 23.33 4.19 9.68
CA LEU A 100 24.55 4.93 9.99
C LEU A 100 24.81 6.02 8.93
N PRO A 101 25.63 7.05 9.23
CA PRO A 101 25.98 8.12 8.27
C PRO A 101 26.71 7.60 7.03
N ASP A 102 27.32 6.41 7.09
CA ASP A 102 27.96 5.71 5.97
C ASP A 102 26.95 5.11 4.97
N ASP A 103 25.65 5.20 5.27
CA ASP A 103 24.50 4.69 4.50
C ASP A 103 24.64 3.23 3.99
N PRO A 104 24.70 2.24 4.90
CA PRO A 104 24.92 0.82 4.56
C PRO A 104 23.73 0.10 3.90
N ARG A 105 22.51 0.68 3.91
CA ARG A 105 21.25 0.09 3.36
C ARG A 105 20.89 -1.32 3.90
N GLN A 106 21.48 -1.74 5.03
CA GLN A 106 21.33 -3.07 5.66
C GLN A 106 21.30 -4.22 4.64
ZN ZN B . -15.73 -4.20 -6.12
ZN ZN C . -15.73 -4.68 -10.60
ZN ZN D . -3.13 -1.41 -2.07
N CYS A 1 -15.41 -2.42 -3.11
CA CYS A 1 -16.65 -2.49 -2.36
C CYS A 1 -16.49 -3.19 -0.99
N GLY A 2 -15.25 -3.48 -0.60
CA GLY A 2 -14.85 -4.20 0.62
C GLY A 2 -15.13 -5.69 0.52
N ASP A 3 -16.20 -6.09 -0.17
CA ASP A 3 -16.45 -7.49 -0.53
C ASP A 3 -15.36 -7.98 -1.51
N CYS A 4 -14.65 -7.06 -2.18
CA CYS A 4 -13.52 -7.32 -3.07
C CYS A 4 -12.33 -8.00 -2.36
N VAL A 5 -12.18 -7.82 -1.03
CA VAL A 5 -11.01 -8.30 -0.26
C VAL A 5 -11.40 -9.42 0.73
N GLU A 6 -10.57 -10.47 0.85
CA GLU A 6 -10.76 -11.59 1.78
C GLU A 6 -10.69 -11.11 3.25
N LYS A 7 -9.78 -10.19 3.55
CA LYS A 7 -9.59 -9.53 4.84
C LYS A 7 -9.37 -8.03 4.63
N GLU A 8 -9.91 -7.21 5.52
CA GLU A 8 -9.72 -5.76 5.52
C GLU A 8 -8.37 -5.41 6.18
N TYR A 9 -7.50 -4.69 5.46
CA TYR A 9 -6.16 -4.28 5.92
C TYR A 9 -5.35 -5.44 6.56
N PRO A 10 -5.08 -6.52 5.80
CA PRO A 10 -4.33 -7.68 6.30
C PRO A 10 -2.89 -7.30 6.68
N ASN A 11 -2.31 -7.94 7.70
CA ASN A 11 -0.91 -7.67 8.03
C ASN A 11 0.00 -8.43 7.05
N ARG A 12 1.15 -7.83 6.69
CA ARG A 12 2.10 -8.39 5.70
C ARG A 12 3.48 -8.71 6.29
N GLY A 13 3.51 -9.04 7.58
CA GLY A 13 4.71 -9.37 8.36
C GLY A 13 5.80 -8.30 8.41
N ASN A 14 5.45 -7.07 8.00
CA ASN A 14 6.19 -5.78 7.93
C ASN A 14 6.34 -5.17 6.52
N THR A 15 5.87 -5.83 5.46
CA THR A 15 6.04 -5.37 4.05
C THR A 15 5.32 -4.05 3.76
N CYS A 16 6.03 -2.98 3.39
CA CYS A 16 5.47 -1.66 3.09
C CYS A 16 5.89 -1.23 1.67
N LEU A 17 4.94 -1.21 0.72
CA LEU A 17 5.14 -0.92 -0.71
C LEU A 17 4.33 0.28 -1.22
N GLU A 18 4.93 1.00 -2.18
CA GLU A 18 4.30 2.14 -2.87
C GLU A 18 3.66 1.77 -4.22
N ASN A 19 3.73 0.50 -4.62
CA ASN A 19 3.20 -0.04 -5.89
C ASN A 19 2.69 -1.49 -5.72
N GLY A 20 1.78 -1.92 -6.61
CA GLY A 20 1.24 -3.27 -6.68
C GLY A 20 -0.26 -3.39 -6.33
N SER A 21 -0.76 -4.62 -6.36
CA SER A 21 -2.14 -5.04 -6.02
C SER A 21 -2.10 -6.48 -5.48
N PHE A 22 -2.52 -6.69 -4.23
CA PHE A 22 -2.43 -7.98 -3.54
C PHE A 22 -3.48 -9.04 -3.96
N LEU A 23 -3.23 -9.66 -5.13
CA LEU A 23 -4.11 -10.67 -5.74
C LEU A 23 -4.52 -11.83 -4.82
N LEU A 24 -3.68 -12.20 -3.84
CA LEU A 24 -3.95 -13.24 -2.85
C LEU A 24 -5.02 -12.84 -1.81
N ASN A 25 -5.29 -11.53 -1.65
CA ASN A 25 -6.36 -11.02 -0.78
C ASN A 25 -7.57 -10.62 -1.63
N PHE A 26 -7.34 -10.11 -2.85
CA PHE A 26 -8.43 -9.77 -3.78
C PHE A 26 -9.18 -11.04 -4.21
N THR A 27 -10.42 -11.18 -3.76
CA THR A 27 -11.30 -12.34 -4.10
C THR A 27 -12.10 -12.09 -5.39
N GLY A 28 -11.91 -10.92 -6.00
CA GLY A 28 -12.63 -10.45 -7.18
C GLY A 28 -13.73 -9.47 -6.74
N CYS A 29 -14.05 -8.51 -7.61
CA CYS A 29 -15.02 -7.45 -7.38
C CYS A 29 -16.40 -7.96 -6.94
N ALA A 30 -17.22 -7.03 -6.46
CA ALA A 30 -18.61 -7.25 -6.13
C ALA A 30 -19.55 -6.26 -6.85
N VAL A 31 -19.03 -5.20 -7.48
CA VAL A 31 -19.83 -4.31 -8.33
C VAL A 31 -20.16 -5.03 -9.66
N CYS A 32 -19.22 -5.84 -10.18
CA CYS A 32 -19.32 -6.60 -11.43
C CYS A 32 -18.94 -8.10 -11.37
N SER A 33 -18.26 -8.55 -10.30
CA SER A 33 -17.82 -9.94 -10.06
C SER A 33 -16.53 -10.40 -10.79
N LYS A 34 -15.67 -9.50 -11.30
CA LYS A 34 -14.41 -9.86 -12.00
C LYS A 34 -13.21 -10.05 -11.05
N ARG A 35 -12.33 -11.01 -11.35
CA ARG A 35 -11.06 -11.27 -10.62
C ARG A 35 -9.86 -11.05 -11.56
N ASP A 36 -8.65 -10.85 -11.01
CA ASP A 36 -7.40 -10.55 -11.74
C ASP A 36 -7.48 -9.35 -12.72
N PHE A 37 -8.41 -8.45 -12.41
CA PHE A 37 -8.78 -7.23 -13.13
C PHE A 37 -8.62 -6.00 -12.25
N MET A 38 -7.51 -5.28 -12.42
CA MET A 38 -7.23 -4.03 -11.70
C MET A 38 -6.14 -3.17 -12.33
N LEU A 39 -6.32 -1.86 -12.13
CA LEU A 39 -5.52 -0.71 -12.55
C LEU A 39 -5.21 0.16 -11.30
N ILE A 40 -4.24 1.06 -11.44
CA ILE A 40 -3.85 2.05 -10.42
C ILE A 40 -3.92 3.42 -11.09
N THR A 41 -4.51 4.39 -10.41
CA THR A 41 -4.62 5.77 -10.89
C THR A 41 -4.63 6.75 -9.73
N ASN A 42 -4.62 8.05 -10.04
CA ASN A 42 -4.76 9.15 -9.08
C ASN A 42 -3.64 9.15 -8.00
N LYS A 43 -2.53 8.45 -8.28
CA LYS A 43 -1.34 8.32 -7.44
C LYS A 43 -0.71 9.68 -7.13
N SER A 44 -0.76 10.05 -5.85
CA SER A 44 -0.17 11.27 -5.30
C SER A 44 1.07 10.97 -4.46
N LEU A 45 1.94 11.97 -4.32
CA LEU A 45 3.18 11.92 -3.56
C LEU A 45 3.40 13.23 -2.80
N LYS A 46 3.85 13.11 -1.55
CA LYS A 46 4.11 14.19 -0.60
C LYS A 46 5.47 14.03 0.06
N GLU A 47 6.14 15.12 0.38
CA GLU A 47 7.43 15.07 1.09
C GLU A 47 7.53 16.18 2.15
N GLU A 48 7.61 15.79 3.43
CA GLU A 48 7.82 16.69 4.58
C GLU A 48 9.10 16.40 5.36
N ASP A 49 10.01 17.36 5.48
CA ASP A 49 11.24 17.32 6.32
C ASP A 49 12.11 16.03 6.30
N GLY A 50 11.99 15.21 5.25
CA GLY A 50 12.68 13.93 5.07
C GLY A 50 11.72 12.73 4.95
N GLU A 51 10.48 12.89 5.41
CA GLU A 51 9.40 11.91 5.27
C GLU A 51 8.88 11.96 3.83
N GLU A 52 8.64 10.78 3.23
CA GLU A 52 8.07 10.62 1.90
C GLU A 52 6.74 9.87 2.03
N ILE A 53 5.67 10.37 1.40
CA ILE A 53 4.33 9.79 1.47
C ILE A 53 3.83 9.50 0.06
N VAL A 54 3.18 8.36 -0.13
CA VAL A 54 2.58 7.93 -1.39
C VAL A 54 1.16 7.44 -1.13
N THR A 55 0.16 8.11 -1.74
CA THR A 55 -1.25 7.72 -1.63
C THR A 55 -1.87 7.45 -3.00
N TYR A 56 -2.63 6.36 -3.16
CA TYR A 56 -3.29 6.01 -4.43
C TYR A 56 -4.59 5.18 -4.24
N ASP A 57 -5.11 4.62 -5.33
CA ASP A 57 -6.32 3.82 -5.35
C ASP A 57 -6.14 2.65 -6.34
N HIS A 58 -6.94 1.60 -6.15
CA HIS A 58 -7.04 0.44 -7.05
C HIS A 58 -8.40 0.55 -7.73
N LEU A 59 -8.46 0.27 -9.03
CA LEU A 59 -9.67 0.41 -9.85
C LEU A 59 -9.88 -0.84 -10.69
N CYS A 60 -11.09 -1.39 -10.65
CA CYS A 60 -11.48 -2.58 -11.40
C CYS A 60 -11.26 -2.38 -12.91
N LYS A 61 -10.49 -3.25 -13.56
CA LYS A 61 -10.24 -3.16 -15.02
C LYS A 61 -11.55 -3.33 -15.83
N ASN A 62 -12.63 -3.79 -15.20
CA ASN A 62 -13.93 -4.00 -15.85
C ASN A 62 -14.86 -2.80 -15.66
N CYS A 63 -15.31 -2.53 -14.42
CA CYS A 63 -16.23 -1.44 -14.10
C CYS A 63 -15.56 -0.12 -13.65
N HIS A 64 -14.23 -0.08 -13.49
CA HIS A 64 -13.43 1.07 -13.01
C HIS A 64 -13.90 1.69 -11.69
N HIS A 65 -14.65 0.92 -10.91
CA HIS A 65 -15.03 1.23 -9.55
C HIS A 65 -13.76 1.17 -8.69
N VAL A 66 -13.63 2.01 -7.66
CA VAL A 66 -12.48 1.96 -6.76
C VAL A 66 -12.59 0.76 -5.82
N ILE A 67 -11.79 -0.27 -6.10
CA ILE A 67 -11.71 -1.53 -5.34
C ILE A 67 -11.27 -1.25 -3.89
N ALA A 68 -10.24 -0.41 -3.74
CA ALA A 68 -9.62 -0.08 -2.46
C ALA A 68 -8.75 1.19 -2.56
N ARG A 69 -8.39 1.77 -1.40
CA ARG A 69 -7.44 2.89 -1.26
C ARG A 69 -6.17 2.38 -0.59
N HIS A 70 -5.03 2.92 -1.03
CA HIS A 70 -3.69 2.57 -0.56
C HIS A 70 -2.92 3.79 -0.06
N GLU A 71 -2.20 3.63 1.04
CA GLU A 71 -1.34 4.65 1.61
C GLU A 71 -0.04 3.97 2.08
N TYR A 72 1.09 4.56 1.71
CA TYR A 72 2.42 4.17 2.13
C TYR A 72 3.14 5.43 2.60
N THR A 73 3.65 5.44 3.82
CA THR A 73 4.37 6.59 4.38
C THR A 73 5.72 6.11 4.92
N PHE A 74 6.77 6.86 4.63
CA PHE A 74 8.14 6.54 5.04
C PHE A 74 8.78 7.75 5.74
N SER A 75 9.31 7.59 6.95
CA SER A 75 9.90 8.65 7.80
C SER A 75 11.32 8.34 8.28
N ILE A 76 12.21 9.34 8.36
CA ILE A 76 13.57 9.17 8.91
C ILE A 76 13.69 9.90 10.26
N MET A 77 14.05 9.17 11.31
CA MET A 77 14.26 9.70 12.68
C MET A 77 15.68 9.48 13.20
N ASP A 78 16.43 10.57 13.44
CA ASP A 78 17.80 10.64 13.99
C ASP A 78 18.88 9.77 13.31
N GLU A 79 18.81 8.44 13.49
CA GLU A 79 19.72 7.43 12.92
C GLU A 79 18.97 6.22 12.38
N PHE A 80 17.63 6.24 12.31
CA PHE A 80 16.85 5.09 11.88
C PHE A 80 15.85 5.53 10.80
N GLN A 81 15.22 4.55 10.17
CA GLN A 81 14.19 4.73 9.16
C GLN A 81 12.92 4.01 9.57
N GLU A 82 11.77 4.59 9.27
CA GLU A 82 10.44 4.09 9.59
C GLU A 82 9.65 3.90 8.31
N TYR A 83 9.07 2.72 8.14
CA TYR A 83 8.24 2.35 7.00
C TYR A 83 6.87 1.96 7.49
N THR A 84 5.82 2.54 6.91
CA THR A 84 4.44 2.19 7.29
C THR A 84 3.59 2.12 6.03
N MET A 85 2.66 1.18 5.99
CA MET A 85 1.69 0.97 4.90
C MET A 85 0.31 0.68 5.50
N LEU A 86 -0.71 1.15 4.80
CA LEU A 86 -2.13 1.02 5.14
C LEU A 86 -2.98 1.02 3.86
N CYS A 87 -3.48 -0.16 3.48
CA CYS A 87 -4.33 -0.40 2.32
C CYS A 87 -5.40 -1.45 2.68
N LEU A 88 -6.64 -1.22 2.25
CA LEU A 88 -7.76 -2.14 2.45
C LEU A 88 -7.50 -3.49 1.77
N LEU A 89 -6.81 -3.51 0.64
CA LEU A 89 -6.47 -4.70 -0.12
C LEU A 89 -5.06 -5.20 0.24
N CYS A 90 -4.05 -4.40 -0.04
CA CYS A 90 -2.66 -4.78 0.10
C CYS A 90 -2.25 -5.03 1.55
N GLY A 91 -2.77 -4.25 2.50
CA GLY A 91 -2.58 -4.49 3.93
C GLY A 91 -2.08 -3.33 4.78
N LYS A 92 -2.03 -3.59 6.09
CA LYS A 92 -1.49 -2.69 7.11
C LYS A 92 -0.21 -3.29 7.71
N ALA A 93 0.91 -2.62 7.53
CA ALA A 93 2.22 -3.07 7.98
C ALA A 93 3.13 -1.92 8.46
N GLU A 94 4.11 -2.23 9.30
CA GLU A 94 5.10 -1.26 9.81
C GLU A 94 6.45 -1.94 10.11
N ASP A 95 7.55 -1.26 9.76
CA ASP A 95 8.93 -1.69 9.99
C ASP A 95 9.84 -0.52 10.37
N THR A 96 10.91 -0.76 11.12
CA THR A 96 11.93 0.26 11.44
C THR A 96 13.34 -0.31 11.29
N ILE A 97 14.24 0.43 10.63
CA ILE A 97 15.63 0.02 10.35
C ILE A 97 16.62 1.01 10.95
N SER A 98 17.59 0.56 11.73
CA SER A 98 18.68 1.42 12.22
C SER A 98 19.76 1.53 11.14
N ILE A 99 20.21 2.76 10.85
CA ILE A 99 21.15 3.06 9.75
C ILE A 99 22.31 3.98 10.16
N LEU A 100 23.11 4.35 9.16
CA LEU A 100 24.29 5.21 9.20
C LEU A 100 24.20 6.23 8.04
N PRO A 101 24.98 7.32 8.03
CA PRO A 101 24.97 8.32 6.95
C PRO A 101 25.31 7.75 5.55
N ASP A 102 25.90 6.56 5.48
CA ASP A 102 26.18 5.83 4.23
C ASP A 102 24.93 5.18 3.61
N ASP A 103 23.78 5.26 4.29
CA ASP A 103 22.47 4.68 3.92
C ASP A 103 22.51 3.18 3.53
N PRO A 104 23.04 2.28 4.40
CA PRO A 104 23.18 0.84 4.12
C PRO A 104 21.87 0.03 4.18
N ARG A 105 20.83 0.53 4.87
CA ARG A 105 19.50 -0.10 5.07
C ARG A 105 19.53 -1.59 5.44
N GLN A 106 20.49 -1.98 6.28
CA GLN A 106 20.71 -3.35 6.78
C GLN A 106 20.58 -4.42 5.68
ZN ZN B . -15.64 -4.09 -6.17
ZN ZN C . -15.65 -4.55 -10.66
ZN ZN D . -3.09 -1.53 -2.03
N CYS A 1 -15.48 -2.44 -3.12
CA CYS A 1 -16.70 -2.51 -2.33
C CYS A 1 -16.51 -3.23 -0.98
N GLY A 2 -15.26 -3.51 -0.61
CA GLY A 2 -14.84 -4.23 0.60
C GLY A 2 -15.11 -5.73 0.50
N ASP A 3 -16.19 -6.13 -0.17
CA ASP A 3 -16.44 -7.53 -0.53
C ASP A 3 -15.36 -8.02 -1.53
N CYS A 4 -14.66 -7.08 -2.20
CA CYS A 4 -13.55 -7.33 -3.11
C CYS A 4 -12.33 -8.00 -2.43
N VAL A 5 -12.16 -7.81 -1.11
CA VAL A 5 -10.98 -8.30 -0.35
C VAL A 5 -11.36 -9.43 0.62
N GLU A 6 -10.51 -10.46 0.71
CA GLU A 6 -10.68 -11.61 1.62
C GLU A 6 -10.60 -11.16 3.08
N LYS A 7 -9.67 -10.23 3.38
CA LYS A 7 -9.42 -9.64 4.70
C LYS A 7 -9.25 -8.12 4.53
N GLU A 8 -9.81 -7.32 5.43
CA GLU A 8 -9.63 -5.86 5.45
C GLU A 8 -8.29 -5.50 6.10
N TYR A 9 -7.44 -4.74 5.41
CA TYR A 9 -6.11 -4.30 5.87
C TYR A 9 -5.30 -5.46 6.51
N PRO A 10 -5.02 -6.54 5.75
CA PRO A 10 -4.29 -7.69 6.25
C PRO A 10 -2.85 -7.33 6.65
N ASN A 11 -2.30 -7.92 7.71
CA ASN A 11 -0.90 -7.66 8.07
C ASN A 11 0.02 -8.44 7.12
N ARG A 12 1.16 -7.85 6.74
CA ARG A 12 2.12 -8.41 5.76
C ARG A 12 3.52 -8.69 6.31
N GLY A 13 3.60 -9.03 7.60
CA GLY A 13 4.87 -9.33 8.28
C GLY A 13 5.89 -8.19 8.17
N ASN A 14 5.39 -6.95 8.23
CA ASN A 14 6.09 -5.65 8.16
C ASN A 14 6.38 -5.15 6.72
N THR A 15 5.88 -5.81 5.66
CA THR A 15 6.10 -5.40 4.26
C THR A 15 5.37 -4.10 3.92
N CYS A 16 6.08 -3.01 3.57
CA CYS A 16 5.50 -1.71 3.22
C CYS A 16 5.92 -1.29 1.81
N LEU A 17 4.97 -1.29 0.86
CA LEU A 17 5.16 -1.03 -0.57
C LEU A 17 4.38 0.19 -1.08
N GLU A 18 5.00 0.90 -2.03
CA GLU A 18 4.45 2.04 -2.76
C GLU A 18 3.80 1.67 -4.10
N ASN A 19 3.88 0.41 -4.52
CA ASN A 19 3.34 -0.09 -5.80
C ASN A 19 2.83 -1.54 -5.72
N GLY A 20 1.88 -1.88 -6.61
CA GLY A 20 1.30 -3.22 -6.76
C GLY A 20 -0.19 -3.31 -6.40
N SER A 21 -0.73 -4.53 -6.45
CA SER A 21 -2.11 -4.93 -6.10
C SER A 21 -2.07 -6.36 -5.56
N PHE A 22 -2.47 -6.57 -4.30
CA PHE A 22 -2.36 -7.87 -3.61
C PHE A 22 -3.38 -8.95 -4.04
N LEU A 23 -3.12 -9.56 -5.20
CA LEU A 23 -3.98 -10.60 -5.80
C LEU A 23 -4.35 -11.78 -4.89
N LEU A 24 -3.49 -12.13 -3.93
CA LEU A 24 -3.75 -13.20 -2.94
C LEU A 24 -4.83 -12.84 -1.90
N ASN A 25 -5.21 -11.56 -1.80
CA ASN A 25 -6.29 -11.07 -0.92
C ASN A 25 -7.49 -10.60 -1.75
N PHE A 26 -7.28 -10.13 -2.99
CA PHE A 26 -8.39 -9.78 -3.88
C PHE A 26 -9.15 -11.05 -4.30
N THR A 27 -10.39 -11.18 -3.82
CA THR A 27 -11.28 -12.33 -4.14
C THR A 27 -12.08 -12.12 -5.42
N GLY A 28 -11.95 -10.93 -6.03
CA GLY A 28 -12.71 -10.49 -7.20
C GLY A 28 -13.80 -9.51 -6.74
N CYS A 29 -14.13 -8.56 -7.61
CA CYS A 29 -15.11 -7.50 -7.37
C CYS A 29 -16.47 -8.00 -6.89
N ALA A 30 -17.28 -7.07 -6.43
CA ALA A 30 -18.68 -7.30 -6.09
C ALA A 30 -19.63 -6.32 -6.82
N VAL A 31 -19.11 -5.26 -7.46
CA VAL A 31 -19.93 -4.38 -8.31
C VAL A 31 -20.26 -5.11 -9.63
N CYS A 32 -19.32 -5.93 -10.14
CA CYS A 32 -19.42 -6.68 -11.39
C CYS A 32 -19.04 -8.18 -11.32
N SER A 33 -18.33 -8.62 -10.26
CA SER A 33 -17.89 -10.01 -10.02
C SER A 33 -16.60 -10.46 -10.79
N LYS A 34 -15.78 -9.53 -11.32
CA LYS A 34 -14.52 -9.87 -12.03
C LYS A 34 -13.33 -10.07 -11.09
N ARG A 35 -12.40 -10.98 -11.45
CA ARG A 35 -11.15 -11.27 -10.72
C ARG A 35 -9.93 -11.06 -11.65
N ASP A 36 -8.74 -10.90 -11.07
CA ASP A 36 -7.47 -10.59 -11.78
C ASP A 36 -7.53 -9.38 -12.76
N PHE A 37 -8.44 -8.47 -12.44
CA PHE A 37 -8.81 -7.24 -13.16
C PHE A 37 -8.65 -6.01 -12.28
N MET A 38 -7.54 -5.29 -12.46
CA MET A 38 -7.28 -4.02 -11.76
C MET A 38 -6.24 -3.11 -12.41
N LEU A 39 -6.44 -1.81 -12.19
CA LEU A 39 -5.68 -0.63 -12.58
C LEU A 39 -5.38 0.22 -11.32
N ILE A 40 -4.48 1.20 -11.47
CA ILE A 40 -4.10 2.17 -10.44
C ILE A 40 -4.19 3.55 -11.07
N THR A 41 -4.76 4.53 -10.35
CA THR A 41 -4.89 5.91 -10.81
C THR A 41 -4.84 6.91 -9.65
N ASN A 42 -4.82 8.21 -9.96
CA ASN A 42 -4.79 9.36 -9.03
C ASN A 42 -3.60 9.37 -8.04
N LYS A 43 -2.57 8.55 -8.31
CA LYS A 43 -1.35 8.38 -7.51
C LYS A 43 -0.66 9.70 -7.16
N SER A 44 -0.70 10.05 -5.89
CA SER A 44 -0.09 11.24 -5.30
C SER A 44 1.16 10.91 -4.48
N LEU A 45 2.04 11.90 -4.33
CA LEU A 45 3.29 11.82 -3.58
C LEU A 45 3.54 13.13 -2.83
N LYS A 46 3.99 13.02 -1.57
CA LYS A 46 4.28 14.12 -0.65
C LYS A 46 5.64 13.93 0.00
N GLU A 47 6.34 15.02 0.28
CA GLU A 47 7.63 14.95 1.00
C GLU A 47 7.73 16.08 2.04
N GLU A 48 7.81 15.71 3.33
CA GLU A 48 8.02 16.63 4.45
C GLU A 48 9.31 16.32 5.25
N ASP A 49 10.24 17.27 5.36
CA ASP A 49 11.45 17.20 6.21
C ASP A 49 12.30 15.90 6.21
N GLY A 50 12.17 15.08 5.16
CA GLY A 50 12.83 13.77 5.00
C GLY A 50 11.85 12.60 4.89
N GLU A 51 10.61 12.78 5.37
CA GLU A 51 9.52 11.81 5.24
C GLU A 51 8.98 11.85 3.81
N GLU A 52 8.71 10.69 3.22
CA GLU A 52 8.15 10.52 1.89
C GLU A 52 6.81 9.79 2.03
N ILE A 53 5.75 10.30 1.41
CA ILE A 53 4.41 9.75 1.49
C ILE A 53 3.90 9.45 0.08
N VAL A 54 3.23 8.31 -0.11
CA VAL A 54 2.64 7.89 -1.37
C VAL A 54 1.21 7.42 -1.11
N THR A 55 0.24 8.09 -1.72
CA THR A 55 -1.19 7.73 -1.62
C THR A 55 -1.82 7.47 -2.99
N TYR A 56 -2.60 6.39 -3.13
CA TYR A 56 -3.27 6.04 -4.39
C TYR A 56 -4.55 5.21 -4.18
N ASP A 57 -5.13 4.71 -5.27
CA ASP A 57 -6.36 3.93 -5.28
C ASP A 57 -6.23 2.80 -6.33
N HIS A 58 -7.04 1.75 -6.17
CA HIS A 58 -7.12 0.60 -7.08
C HIS A 58 -8.49 0.64 -7.76
N LEU A 59 -8.57 0.30 -9.05
CA LEU A 59 -9.80 0.37 -9.85
C LEU A 59 -10.01 -0.91 -10.66
N CYS A 60 -11.22 -1.43 -10.65
CA CYS A 60 -11.61 -2.62 -11.41
C CYS A 60 -11.39 -2.40 -12.92
N LYS A 61 -10.61 -3.26 -13.58
CA LYS A 61 -10.37 -3.15 -15.04
C LYS A 61 -11.68 -3.33 -15.85
N ASN A 62 -12.76 -3.82 -15.22
CA ASN A 62 -14.05 -4.03 -15.87
C ASN A 62 -14.99 -2.84 -15.66
N CYS A 63 -15.45 -2.60 -14.42
CA CYS A 63 -16.40 -1.53 -14.09
C CYS A 63 -15.74 -0.20 -13.66
N HIS A 64 -14.41 -0.15 -13.51
CA HIS A 64 -13.61 1.03 -13.06
C HIS A 64 -14.08 1.66 -11.75
N HIS A 65 -14.80 0.88 -10.95
CA HIS A 65 -15.16 1.20 -9.58
C HIS A 65 -13.88 1.15 -8.73
N VAL A 66 -13.76 1.98 -7.69
CA VAL A 66 -12.59 1.96 -6.81
C VAL A 66 -12.67 0.75 -5.86
N ILE A 67 -11.85 -0.26 -6.14
CA ILE A 67 -11.75 -1.50 -5.37
C ILE A 67 -11.29 -1.24 -3.93
N ALA A 68 -10.27 -0.39 -3.78
CA ALA A 68 -9.65 -0.06 -2.50
C ALA A 68 -8.78 1.22 -2.57
N ARG A 69 -8.38 1.73 -1.41
CA ARG A 69 -7.46 2.87 -1.23
C ARG A 69 -6.18 2.39 -0.55
N HIS A 70 -5.05 2.92 -1.01
CA HIS A 70 -3.70 2.59 -0.55
C HIS A 70 -2.93 3.81 -0.05
N GLU A 71 -2.20 3.63 1.05
CA GLU A 71 -1.31 4.64 1.62
C GLU A 71 -0.02 3.96 2.08
N TYR A 72 1.12 4.54 1.73
CA TYR A 72 2.44 4.14 2.17
C TYR A 72 3.14 5.41 2.63
N THR A 73 3.67 5.40 3.86
CA THR A 73 4.38 6.56 4.42
C THR A 73 5.73 6.08 4.96
N PHE A 74 6.79 6.83 4.68
CA PHE A 74 8.16 6.50 5.09
C PHE A 74 8.82 7.71 5.77
N SER A 75 9.38 7.56 6.97
CA SER A 75 10.01 8.62 7.79
C SER A 75 11.44 8.29 8.23
N ILE A 76 12.33 9.29 8.27
CA ILE A 76 13.67 9.09 8.87
C ILE A 76 13.77 9.97 10.12
N MET A 77 14.03 9.36 11.28
CA MET A 77 14.28 10.05 12.55
C MET A 77 15.65 9.77 13.17
N ASP A 78 16.45 10.83 13.37
CA ASP A 78 17.78 10.86 14.02
C ASP A 78 18.85 9.91 13.45
N GLU A 79 18.69 8.60 13.67
CA GLU A 79 19.61 7.53 13.23
C GLU A 79 18.87 6.31 12.66
N PHE A 80 17.54 6.36 12.51
CA PHE A 80 16.80 5.18 12.03
C PHE A 80 15.83 5.60 10.92
N GLN A 81 15.20 4.61 10.30
CA GLN A 81 14.19 4.76 9.26
C GLN A 81 12.92 4.02 9.69
N GLU A 82 11.77 4.58 9.36
CA GLU A 82 10.43 4.07 9.66
C GLU A 82 9.65 3.90 8.37
N TYR A 83 9.05 2.74 8.22
CA TYR A 83 8.21 2.36 7.08
C TYR A 83 6.83 2.00 7.58
N THR A 84 5.79 2.55 6.96
CA THR A 84 4.40 2.22 7.30
C THR A 84 3.57 2.11 6.03
N MET A 85 2.64 1.18 6.00
CA MET A 85 1.69 0.95 4.91
C MET A 85 0.31 0.67 5.49
N LEU A 86 -0.71 1.13 4.78
CA LEU A 86 -2.13 1.01 5.12
C LEU A 86 -2.99 0.99 3.83
N CYS A 87 -3.48 -0.17 3.46
CA CYS A 87 -4.34 -0.41 2.30
C CYS A 87 -5.40 -1.47 2.64
N LEU A 88 -6.65 -1.23 2.23
CA LEU A 88 -7.77 -2.15 2.42
C LEU A 88 -7.52 -3.51 1.74
N LEU A 89 -6.82 -3.51 0.59
CA LEU A 89 -6.47 -4.70 -0.18
C LEU A 89 -5.08 -5.21 0.18
N CYS A 90 -4.06 -4.39 -0.07
CA CYS A 90 -2.68 -4.76 0.07
C CYS A 90 -2.26 -5.04 1.52
N GLY A 91 -2.75 -4.25 2.48
CA GLY A 91 -2.54 -4.50 3.90
C GLY A 91 -2.07 -3.34 4.77
N LYS A 92 -2.00 -3.61 6.08
CA LYS A 92 -1.48 -2.71 7.10
C LYS A 92 -0.21 -3.29 7.72
N ALA A 93 0.90 -2.58 7.56
CA ALA A 93 2.22 -2.98 8.04
C ALA A 93 3.09 -1.82 8.55
N GLU A 94 4.06 -2.12 9.41
CA GLU A 94 5.04 -1.14 9.92
C GLU A 94 6.39 -1.83 10.24
N ASP A 95 7.50 -1.19 9.88
CA ASP A 95 8.87 -1.65 10.10
C ASP A 95 9.82 -0.49 10.46
N THR A 96 10.88 -0.75 11.21
CA THR A 96 11.91 0.26 11.54
C THR A 96 13.32 -0.31 11.38
N ILE A 97 14.22 0.44 10.74
CA ILE A 97 15.61 0.06 10.44
C ILE A 97 16.59 1.06 11.06
N SER A 98 17.57 0.60 11.83
CA SER A 98 18.63 1.47 12.37
C SER A 98 19.74 1.63 11.32
N ILE A 99 20.19 2.88 11.11
CA ILE A 99 21.19 3.24 10.10
C ILE A 99 22.30 4.16 10.64
N LEU A 100 23.17 4.59 9.72
CA LEU A 100 24.34 5.45 9.92
C LEU A 100 24.37 6.53 8.81
N PRO A 101 25.17 7.60 8.93
CA PRO A 101 25.27 8.64 7.90
C PRO A 101 25.74 8.13 6.52
N ASP A 102 26.33 6.94 6.46
CA ASP A 102 26.74 6.25 5.22
C ASP A 102 25.54 5.60 4.47
N ASP A 103 24.33 5.65 5.05
CA ASP A 103 23.06 5.10 4.53
C ASP A 103 23.13 3.61 4.10
N PRO A 104 23.57 2.68 4.99
CA PRO A 104 23.72 1.25 4.67
C PRO A 104 22.42 0.44 4.58
N ARG A 105 21.32 0.91 5.19
CA ARG A 105 19.97 0.28 5.23
C ARG A 105 19.98 -1.24 5.55
N GLN A 106 20.85 -1.66 6.47
CA GLN A 106 21.05 -3.05 6.91
C GLN A 106 21.07 -4.06 5.75
ZN ZN B . -15.73 -4.12 -6.16
ZN ZN C . -15.74 -4.62 -10.64
ZN ZN D . -3.12 -1.46 -2.08
N CYS A 1 -15.51 -2.54 -3.09
CA CYS A 1 -16.74 -2.64 -2.31
C CYS A 1 -16.55 -3.36 -0.96
N GLY A 2 -15.29 -3.63 -0.59
CA GLY A 2 -14.86 -4.35 0.62
C GLY A 2 -15.10 -5.86 0.50
N ASP A 3 -16.15 -6.27 -0.20
CA ASP A 3 -16.36 -7.68 -0.57
C ASP A 3 -15.28 -8.14 -1.57
N CYS A 4 -14.60 -7.18 -2.23
CA CYS A 4 -13.48 -7.40 -3.13
C CYS A 4 -12.26 -8.06 -2.43
N VAL A 5 -12.09 -7.87 -1.11
CA VAL A 5 -10.94 -8.33 -0.34
C VAL A 5 -11.32 -9.46 0.65
N GLU A 6 -10.49 -10.49 0.78
CA GLU A 6 -10.70 -11.61 1.71
C GLU A 6 -10.64 -11.14 3.18
N LYS A 7 -9.75 -10.19 3.49
CA LYS A 7 -9.59 -9.52 4.78
C LYS A 7 -9.38 -8.03 4.56
N GLU A 8 -9.92 -7.20 5.45
CA GLU A 8 -9.73 -5.74 5.44
C GLU A 8 -8.39 -5.40 6.10
N TYR A 9 -7.52 -4.67 5.40
CA TYR A 9 -6.18 -4.24 5.88
C TYR A 9 -5.38 -5.40 6.53
N PRO A 10 -5.11 -6.49 5.80
CA PRO A 10 -4.38 -7.65 6.31
C PRO A 10 -2.94 -7.28 6.72
N ASN A 11 -2.39 -7.88 7.77
CA ASN A 11 -0.99 -7.63 8.12
C ASN A 11 -0.07 -8.41 7.18
N ARG A 12 1.08 -7.82 6.82
CA ARG A 12 2.04 -8.39 5.84
C ARG A 12 3.43 -8.68 6.40
N GLY A 13 3.51 -9.00 7.69
CA GLY A 13 4.78 -9.30 8.39
C GLY A 13 5.80 -8.16 8.28
N ASN A 14 5.29 -6.92 8.32
CA ASN A 14 6.01 -5.63 8.25
C ASN A 14 6.32 -5.14 6.81
N THR A 15 5.82 -5.81 5.75
CA THR A 15 6.07 -5.41 4.34
C THR A 15 5.33 -4.12 3.98
N CYS A 16 6.05 -3.03 3.63
CA CYS A 16 5.46 -1.73 3.27
C CYS A 16 5.88 -1.33 1.84
N LEU A 17 4.93 -1.36 0.90
CA LEU A 17 5.12 -1.10 -0.54
C LEU A 17 4.33 0.10 -1.06
N GLU A 18 4.95 0.80 -2.01
CA GLU A 18 4.41 1.95 -2.73
C GLU A 18 3.73 1.56 -4.06
N ASN A 19 3.84 0.31 -4.51
CA ASN A 19 3.28 -0.15 -5.80
C ASN A 19 2.75 -1.61 -5.78
N GLY A 20 1.83 -1.90 -6.70
CA GLY A 20 1.22 -3.22 -6.93
C GLY A 20 -0.26 -3.32 -6.55
N SER A 21 -0.77 -4.56 -6.52
CA SER A 21 -2.13 -4.95 -6.13
C SER A 21 -2.08 -6.37 -5.57
N PHE A 22 -2.48 -6.58 -4.31
CA PHE A 22 -2.36 -7.87 -3.61
C PHE A 22 -3.37 -8.94 -4.02
N LEU A 23 -3.13 -9.57 -5.16
CA LEU A 23 -3.99 -10.60 -5.76
C LEU A 23 -4.39 -11.77 -4.84
N LEU A 24 -3.53 -12.12 -3.86
CA LEU A 24 -3.82 -13.18 -2.88
C LEU A 24 -4.91 -12.79 -1.86
N ASN A 25 -5.19 -11.49 -1.68
CA ASN A 25 -6.27 -10.99 -0.83
C ASN A 25 -7.48 -10.59 -1.70
N PHE A 26 -7.23 -10.07 -2.91
CA PHE A 26 -8.31 -9.73 -3.85
C PHE A 26 -9.03 -11.01 -4.30
N THR A 27 -10.27 -11.21 -3.86
CA THR A 27 -11.11 -12.38 -4.22
C THR A 27 -11.96 -12.11 -5.46
N GLY A 28 -11.72 -10.97 -6.12
CA GLY A 28 -12.49 -10.48 -7.26
C GLY A 28 -13.60 -9.56 -6.77
N CYS A 29 -13.99 -8.60 -7.62
CA CYS A 29 -14.98 -7.58 -7.36
C CYS A 29 -16.34 -8.12 -6.89
N ALA A 30 -17.18 -7.19 -6.45
CA ALA A 30 -18.57 -7.45 -6.13
C ALA A 30 -19.53 -6.48 -6.84
N VAL A 31 -19.04 -5.41 -7.48
CA VAL A 31 -19.88 -4.54 -8.32
C VAL A 31 -20.18 -5.27 -9.64
N CYS A 32 -19.21 -6.06 -10.16
CA CYS A 32 -19.30 -6.82 -11.40
C CYS A 32 -18.87 -8.30 -11.33
N SER A 33 -18.14 -8.71 -10.28
CA SER A 33 -17.64 -10.09 -10.03
C SER A 33 -16.36 -10.50 -10.79
N LYS A 34 -15.57 -9.57 -11.36
CA LYS A 34 -14.31 -9.88 -12.07
C LYS A 34 -13.11 -10.07 -11.13
N ARG A 35 -12.15 -10.94 -11.49
CA ARG A 35 -10.89 -11.18 -10.76
C ARG A 35 -9.69 -10.94 -11.70
N ASP A 36 -8.48 -10.73 -11.15
CA ASP A 36 -7.23 -10.39 -11.86
C ASP A 36 -7.34 -9.18 -12.83
N PHE A 37 -8.28 -8.31 -12.51
CA PHE A 37 -8.69 -7.09 -13.22
C PHE A 37 -8.55 -5.86 -12.33
N MET A 38 -7.46 -5.11 -12.50
CA MET A 38 -7.21 -3.86 -11.76
C MET A 38 -6.18 -2.92 -12.41
N LEU A 39 -6.41 -1.63 -12.15
CA LEU A 39 -5.68 -0.42 -12.55
C LEU A 39 -5.37 0.44 -11.30
N ILE A 40 -4.49 1.43 -11.45
CA ILE A 40 -4.11 2.41 -10.43
C ILE A 40 -4.28 3.80 -11.04
N THR A 41 -4.90 4.72 -10.31
CA THR A 41 -5.12 6.12 -10.76
C THR A 41 -5.08 7.09 -9.58
N ASN A 42 -5.12 8.39 -9.87
CA ASN A 42 -5.11 9.53 -8.92
C ASN A 42 -3.90 9.56 -7.95
N LYS A 43 -2.88 8.75 -8.23
CA LYS A 43 -1.65 8.54 -7.47
C LYS A 43 -0.89 9.83 -7.15
N SER A 44 -0.84 10.17 -5.87
CA SER A 44 -0.11 11.32 -5.33
C SER A 44 1.14 10.90 -4.55
N LEU A 45 2.08 11.84 -4.46
CA LEU A 45 3.34 11.72 -3.71
C LEU A 45 3.61 13.04 -2.99
N LYS A 46 4.06 12.94 -1.74
CA LYS A 46 4.36 14.05 -0.83
C LYS A 46 5.72 13.84 -0.19
N GLU A 47 6.44 14.92 0.09
CA GLU A 47 7.72 14.83 0.81
C GLU A 47 7.80 15.97 1.84
N GLU A 48 7.85 15.62 3.13
CA GLU A 48 8.04 16.56 4.25
C GLU A 48 9.31 16.28 5.07
N ASP A 49 10.22 17.25 5.17
CA ASP A 49 11.39 17.23 6.08
C ASP A 49 12.26 15.94 6.15
N GLY A 50 12.19 15.08 5.12
CA GLY A 50 12.87 13.78 5.01
C GLY A 50 11.91 12.59 4.86
N GLU A 51 10.65 12.77 5.27
CA GLU A 51 9.57 11.78 5.13
C GLU A 51 9.05 11.80 3.69
N GLU A 52 8.77 10.63 3.12
CA GLU A 52 8.21 10.44 1.78
C GLU A 52 6.86 9.72 1.93
N ILE A 53 5.81 10.24 1.29
CA ILE A 53 4.46 9.70 1.39
C ILE A 53 3.93 9.40 -0.01
N VAL A 54 3.23 8.28 -0.17
CA VAL A 54 2.60 7.86 -1.43
C VAL A 54 1.18 7.43 -1.13
N THR A 55 0.21 8.12 -1.72
CA THR A 55 -1.23 7.80 -1.59
C THR A 55 -1.88 7.55 -2.95
N TYR A 56 -2.67 6.48 -3.09
CA TYR A 56 -3.37 6.14 -4.34
C TYR A 56 -4.63 5.29 -4.12
N ASP A 57 -5.20 4.78 -5.22
CA ASP A 57 -6.42 3.98 -5.23
C ASP A 57 -6.27 2.86 -6.28
N HIS A 58 -7.06 1.80 -6.13
CA HIS A 58 -7.13 0.66 -7.05
C HIS A 58 -8.51 0.67 -7.72
N LEU A 59 -8.59 0.37 -9.01
CA LEU A 59 -9.82 0.43 -9.81
C LEU A 59 -10.00 -0.84 -10.63
N CYS A 60 -11.21 -1.40 -10.62
CA CYS A 60 -11.57 -2.59 -11.38
C CYS A 60 -11.36 -2.36 -12.89
N LYS A 61 -10.56 -3.18 -13.57
CA LYS A 61 -10.33 -3.05 -15.02
C LYS A 61 -11.64 -3.25 -15.83
N ASN A 62 -12.70 -3.77 -15.22
CA ASN A 62 -13.98 -4.02 -15.86
C ASN A 62 -14.96 -2.85 -15.63
N CYS A 63 -15.41 -2.62 -14.40
CA CYS A 63 -16.39 -1.58 -14.06
C CYS A 63 -15.76 -0.23 -13.63
N HIS A 64 -14.43 -0.16 -13.46
CA HIS A 64 -13.66 1.02 -13.02
C HIS A 64 -14.13 1.64 -11.70
N HIS A 65 -14.83 0.84 -10.89
CA HIS A 65 -15.20 1.14 -9.52
C HIS A 65 -13.91 1.10 -8.68
N VAL A 66 -13.81 1.93 -7.64
CA VAL A 66 -12.63 1.92 -6.75
C VAL A 66 -12.70 0.71 -5.81
N ILE A 67 -11.86 -0.29 -6.10
CA ILE A 67 -11.74 -1.54 -5.33
C ILE A 67 -11.27 -1.26 -3.89
N ALA A 68 -10.27 -0.39 -3.74
CA ALA A 68 -9.64 -0.07 -2.47
C ALA A 68 -8.80 1.23 -2.53
N ARG A 69 -8.40 1.74 -1.36
CA ARG A 69 -7.49 2.89 -1.19
C ARG A 69 -6.21 2.42 -0.52
N HIS A 70 -5.08 2.96 -0.96
CA HIS A 70 -3.72 2.62 -0.52
C HIS A 70 -2.95 3.85 -0.01
N GLU A 71 -2.21 3.67 1.07
CA GLU A 71 -1.32 4.68 1.63
C GLU A 71 -0.03 4.00 2.09
N TYR A 72 1.11 4.56 1.72
CA TYR A 72 2.43 4.15 2.16
C TYR A 72 3.17 5.41 2.60
N THR A 73 3.69 5.42 3.82
CA THR A 73 4.43 6.56 4.37
C THR A 73 5.76 6.07 4.90
N PHE A 74 6.83 6.79 4.60
CA PHE A 74 8.20 6.45 5.02
C PHE A 74 8.87 7.67 5.69
N SER A 75 9.38 7.53 6.92
CA SER A 75 9.97 8.60 7.74
C SER A 75 11.38 8.29 8.25
N ILE A 76 12.27 9.29 8.31
CA ILE A 76 13.62 9.11 8.88
C ILE A 76 13.75 9.87 10.20
N MET A 77 14.09 9.16 11.28
CA MET A 77 14.30 9.72 12.63
C MET A 77 15.72 9.49 13.18
N ASP A 78 16.48 10.58 13.40
CA ASP A 78 17.85 10.64 13.98
C ASP A 78 18.92 9.74 13.32
N GLU A 79 18.84 8.43 13.51
CA GLU A 79 19.73 7.40 12.95
C GLU A 79 18.96 6.18 12.44
N PHE A 80 17.63 6.23 12.36
CA PHE A 80 16.82 5.08 11.96
C PHE A 80 15.83 5.50 10.88
N GLN A 81 15.16 4.52 10.28
CA GLN A 81 14.16 4.70 9.25
C GLN A 81 12.88 4.00 9.67
N GLU A 82 11.73 4.57 9.36
CA GLU A 82 10.40 4.09 9.68
C GLU A 82 9.62 3.89 8.38
N TYR A 83 9.03 2.72 8.24
CA TYR A 83 8.21 2.33 7.10
C TYR A 83 6.82 1.98 7.59
N THR A 84 5.78 2.54 6.97
CA THR A 84 4.40 2.24 7.32
C THR A 84 3.56 2.14 6.05
N MET A 85 2.62 1.21 6.03
CA MET A 85 1.68 0.98 4.93
C MET A 85 0.29 0.70 5.51
N LEU A 86 -0.72 1.16 4.80
CA LEU A 86 -2.14 1.04 5.13
C LEU A 86 -2.99 1.03 3.84
N CYS A 87 -3.49 -0.15 3.47
CA CYS A 87 -4.34 -0.38 2.31
C CYS A 87 -5.41 -1.44 2.65
N LEU A 88 -6.66 -1.19 2.23
CA LEU A 88 -7.78 -2.11 2.40
C LEU A 88 -7.51 -3.47 1.73
N LEU A 89 -6.80 -3.48 0.61
CA LEU A 89 -6.44 -4.68 -0.15
C LEU A 89 -5.04 -5.16 0.21
N CYS A 90 -4.03 -4.34 -0.06
CA CYS A 90 -2.64 -4.70 0.08
C CYS A 90 -2.23 -4.98 1.54
N GLY A 91 -2.76 -4.22 2.50
CA GLY A 91 -2.58 -4.47 3.92
C GLY A 91 -2.11 -3.31 4.79
N LYS A 92 -2.06 -3.58 6.10
CA LYS A 92 -1.54 -2.67 7.14
C LYS A 92 -0.27 -3.25 7.75
N ALA A 93 0.85 -2.54 7.59
CA ALA A 93 2.16 -2.96 8.08
C ALA A 93 3.03 -1.79 8.58
N GLU A 94 4.00 -2.09 9.45
CA GLU A 94 4.98 -1.12 9.96
C GLU A 94 6.32 -1.80 10.31
N ASP A 95 7.44 -1.17 9.95
CA ASP A 95 8.80 -1.63 10.21
C ASP A 95 9.74 -0.46 10.56
N THR A 96 10.80 -0.72 11.33
CA THR A 96 11.83 0.30 11.64
C THR A 96 13.23 -0.29 11.50
N ILE A 97 14.14 0.42 10.82
CA ILE A 97 15.53 0.00 10.54
C ILE A 97 16.54 0.99 11.09
N SER A 98 17.55 0.54 11.83
CA SER A 98 18.65 1.40 12.28
C SER A 98 19.71 1.50 11.17
N ILE A 99 20.17 2.72 10.87
CA ILE A 99 21.09 3.03 9.76
C ILE A 99 22.24 3.98 10.14
N LEU A 100 23.00 4.37 9.11
CA LEU A 100 24.15 5.28 9.13
C LEU A 100 23.93 6.36 8.04
N PRO A 101 24.62 7.52 8.09
CA PRO A 101 24.48 8.60 7.11
C PRO A 101 24.74 8.21 5.64
N ASP A 102 25.36 7.06 5.40
CA ASP A 102 25.60 6.49 4.07
C ASP A 102 24.32 5.87 3.43
N ASP A 103 23.22 5.78 4.18
CA ASP A 103 21.92 5.20 3.80
C ASP A 103 22.02 3.79 3.15
N PRO A 104 22.52 2.77 3.88
CA PRO A 104 22.72 1.41 3.37
C PRO A 104 21.43 0.57 3.17
N ARG A 105 20.28 0.99 3.72
CA ARG A 105 18.97 0.29 3.68
C ARG A 105 19.00 -1.18 4.17
N GLN A 106 20.03 -1.55 4.95
CA GLN A 106 20.31 -2.90 5.48
C GLN A 106 19.96 -4.04 4.50
ZN ZN B . -15.70 -4.21 -6.14
ZN ZN C . -15.68 -4.69 -10.62
ZN ZN D . -3.11 -1.43 -2.06
N CYS A 1 -15.51 -2.54 -3.10
CA CYS A 1 -16.74 -2.62 -2.34
C CYS A 1 -16.55 -3.34 -0.98
N GLY A 2 -15.29 -3.60 -0.60
CA GLY A 2 -14.87 -4.31 0.61
C GLY A 2 -15.11 -5.82 0.50
N ASP A 3 -16.18 -6.24 -0.18
CA ASP A 3 -16.41 -7.64 -0.55
C ASP A 3 -15.31 -8.11 -1.54
N CYS A 4 -14.63 -7.17 -2.20
CA CYS A 4 -13.51 -7.41 -3.10
C CYS A 4 -12.29 -8.05 -2.40
N VAL A 5 -12.12 -7.87 -1.08
CA VAL A 5 -10.96 -8.34 -0.31
C VAL A 5 -11.34 -9.45 0.68
N GLU A 6 -10.52 -10.50 0.81
CA GLU A 6 -10.74 -11.59 1.77
C GLU A 6 -10.68 -11.08 3.22
N LYS A 7 -9.77 -10.15 3.51
CA LYS A 7 -9.61 -9.48 4.80
C LYS A 7 -9.37 -7.99 4.59
N GLU A 8 -9.92 -7.16 5.47
CA GLU A 8 -9.74 -5.71 5.46
C GLU A 8 -8.39 -5.36 6.12
N TYR A 9 -7.52 -4.63 5.41
CA TYR A 9 -6.19 -4.21 5.88
C TYR A 9 -5.39 -5.37 6.53
N PRO A 10 -5.11 -6.46 5.78
CA PRO A 10 -4.38 -7.62 6.29
C PRO A 10 -2.95 -7.24 6.71
N ASN A 11 -2.38 -7.88 7.72
CA ASN A 11 -0.98 -7.62 8.06
C ASN A 11 -0.07 -8.38 7.09
N ARG A 12 1.09 -7.79 6.74
CA ARG A 12 2.03 -8.31 5.74
C ARG A 12 3.43 -8.64 6.28
N GLY A 13 3.52 -9.00 7.57
CA GLY A 13 4.80 -9.31 8.22
C GLY A 13 5.83 -8.18 8.13
N ASN A 14 5.33 -6.94 8.22
CA ASN A 14 6.03 -5.65 8.15
C ASN A 14 6.33 -5.13 6.72
N THR A 15 5.83 -5.78 5.65
CA THR A 15 6.07 -5.37 4.25
C THR A 15 5.32 -4.07 3.92
N CYS A 16 6.03 -2.99 3.56
CA CYS A 16 5.44 -1.68 3.22
C CYS A 16 5.86 -1.25 1.80
N LEU A 17 4.92 -1.25 0.86
CA LEU A 17 5.12 -0.98 -0.57
C LEU A 17 4.31 0.21 -1.11
N GLU A 18 4.89 0.88 -2.10
CA GLU A 18 4.34 2.00 -2.86
C GLU A 18 3.80 1.58 -4.25
N ASN A 19 3.86 0.29 -4.60
CA ASN A 19 3.45 -0.27 -5.89
C ASN A 19 2.74 -1.64 -5.77
N GLY A 20 1.97 -1.99 -6.80
CA GLY A 20 1.29 -3.29 -6.95
C GLY A 20 -0.16 -3.34 -6.45
N SER A 21 -0.73 -4.55 -6.50
CA SER A 21 -2.09 -4.94 -6.07
C SER A 21 -2.03 -6.36 -5.51
N PHE A 22 -2.45 -6.58 -4.27
CA PHE A 22 -2.36 -7.88 -3.57
C PHE A 22 -3.39 -8.93 -4.02
N LEU A 23 -3.15 -9.55 -5.18
CA LEU A 23 -4.01 -10.57 -5.79
C LEU A 23 -4.40 -11.75 -4.87
N LEU A 24 -3.55 -12.09 -3.90
CA LEU A 24 -3.80 -13.16 -2.91
C LEU A 24 -4.88 -12.76 -1.88
N ASN A 25 -5.18 -11.47 -1.71
CA ASN A 25 -6.27 -10.98 -0.85
C ASN A 25 -7.48 -10.57 -1.70
N PHE A 26 -7.26 -10.06 -2.91
CA PHE A 26 -8.34 -9.73 -3.84
C PHE A 26 -9.06 -11.01 -4.28
N THR A 27 -10.30 -11.20 -3.82
CA THR A 27 -11.14 -12.36 -4.16
C THR A 27 -11.96 -12.13 -5.44
N GLY A 28 -11.78 -10.97 -6.06
CA GLY A 28 -12.52 -10.50 -7.22
C GLY A 28 -13.64 -9.55 -6.76
N CYS A 29 -14.00 -8.60 -7.62
CA CYS A 29 -15.00 -7.58 -7.37
C CYS A 29 -16.37 -8.12 -6.90
N ALA A 30 -17.20 -7.20 -6.45
CA ALA A 30 -18.60 -7.45 -6.13
C ALA A 30 -19.55 -6.49 -6.85
N VAL A 31 -19.05 -5.42 -7.49
CA VAL A 31 -19.89 -4.55 -8.34
C VAL A 31 -20.18 -5.29 -9.66
N CYS A 32 -19.22 -6.08 -10.17
CA CYS A 32 -19.30 -6.84 -11.42
C CYS A 32 -18.88 -8.33 -11.35
N SER A 33 -18.16 -8.74 -10.30
CA SER A 33 -17.67 -10.12 -10.04
C SER A 33 -16.36 -10.53 -10.76
N LYS A 34 -15.57 -9.61 -11.33
CA LYS A 34 -14.29 -9.94 -12.03
C LYS A 34 -13.09 -10.10 -11.07
N ARG A 35 -12.17 -11.01 -11.39
CA ARG A 35 -10.89 -11.24 -10.66
C ARG A 35 -9.70 -11.00 -11.60
N ASP A 36 -8.50 -10.77 -11.04
CA ASP A 36 -7.25 -10.43 -11.76
C ASP A 36 -7.36 -9.24 -12.74
N PHE A 37 -8.30 -8.36 -12.42
CA PHE A 37 -8.70 -7.15 -13.16
C PHE A 37 -8.58 -5.91 -12.27
N MET A 38 -7.47 -5.17 -12.44
CA MET A 38 -7.23 -3.91 -11.73
C MET A 38 -6.19 -2.98 -12.37
N LEU A 39 -6.42 -1.69 -12.13
CA LEU A 39 -5.67 -0.49 -12.52
C LEU A 39 -5.37 0.36 -11.27
N ILE A 40 -4.45 1.31 -11.39
CA ILE A 40 -4.08 2.29 -10.36
C ILE A 40 -4.19 3.68 -10.99
N THR A 41 -4.81 4.62 -10.28
CA THR A 41 -4.98 6.01 -10.75
C THR A 41 -4.95 7.00 -9.59
N ASN A 42 -4.93 8.31 -9.90
CA ASN A 42 -4.93 9.44 -8.97
C ASN A 42 -3.75 9.47 -7.97
N LYS A 43 -2.70 8.67 -8.25
CA LYS A 43 -1.49 8.50 -7.46
C LYS A 43 -0.76 9.81 -7.14
N SER A 44 -0.77 10.16 -5.86
CA SER A 44 -0.09 11.33 -5.31
C SER A 44 1.15 10.96 -4.51
N LEU A 45 2.08 11.92 -4.39
CA LEU A 45 3.32 11.82 -3.64
C LEU A 45 3.57 13.14 -2.89
N LYS A 46 4.00 13.02 -1.64
CA LYS A 46 4.30 14.13 -0.71
C LYS A 46 5.65 13.94 -0.05
N GLU A 47 6.35 15.04 0.24
CA GLU A 47 7.63 14.96 0.95
C GLU A 47 7.74 16.09 2.00
N GLU A 48 7.83 15.72 3.28
CA GLU A 48 8.05 16.64 4.41
C GLU A 48 9.33 16.33 5.19
N ASP A 49 10.26 17.29 5.30
CA ASP A 49 11.47 17.24 6.15
C ASP A 49 12.33 15.93 6.13
N GLY A 50 12.18 15.10 5.10
CA GLY A 50 12.86 13.79 4.93
C GLY A 50 11.86 12.62 4.82
N GLU A 51 10.63 12.80 5.30
CA GLU A 51 9.54 11.84 5.17
C GLU A 51 9.01 11.86 3.73
N GLU A 52 8.74 10.70 3.16
CA GLU A 52 8.17 10.51 1.83
C GLU A 52 6.82 9.79 1.97
N ILE A 53 5.77 10.32 1.35
CA ILE A 53 4.43 9.75 1.43
C ILE A 53 3.91 9.46 0.02
N VAL A 54 3.23 8.33 -0.15
CA VAL A 54 2.61 7.91 -1.41
C VAL A 54 1.18 7.46 -1.15
N THR A 55 0.21 8.14 -1.73
CA THR A 55 -1.22 7.80 -1.61
C THR A 55 -1.86 7.53 -2.97
N TYR A 56 -2.65 6.46 -3.10
CA TYR A 56 -3.36 6.11 -4.34
C TYR A 56 -4.63 5.28 -4.12
N ASP A 57 -5.20 4.78 -5.21
CA ASP A 57 -6.43 3.98 -5.22
C ASP A 57 -6.29 2.86 -6.27
N HIS A 58 -7.09 1.80 -6.11
CA HIS A 58 -7.17 0.66 -7.04
C HIS A 58 -8.54 0.69 -7.71
N LEU A 59 -8.62 0.36 -9.01
CA LEU A 59 -9.84 0.42 -9.81
C LEU A 59 -10.01 -0.86 -10.62
N CYS A 60 -11.22 -1.41 -10.63
CA CYS A 60 -11.58 -2.61 -11.38
C CYS A 60 -11.35 -2.38 -12.89
N LYS A 61 -10.54 -3.23 -13.55
CA LYS A 61 -10.30 -3.12 -15.00
C LYS A 61 -11.59 -3.32 -15.83
N ASN A 62 -12.66 -3.82 -15.21
CA ASN A 62 -13.95 -4.07 -15.85
C ASN A 62 -14.93 -2.91 -15.65
N CYS A 63 -15.39 -2.67 -14.41
CA CYS A 63 -16.36 -1.62 -14.09
C CYS A 63 -15.74 -0.26 -13.65
N HIS A 64 -14.40 -0.19 -13.49
CA HIS A 64 -13.65 1.00 -13.03
C HIS A 64 -14.12 1.60 -11.71
N HIS A 65 -14.85 0.81 -10.93
CA HIS A 65 -15.22 1.12 -9.55
C HIS A 65 -13.93 1.08 -8.70
N VAL A 66 -13.83 1.92 -7.65
CA VAL A 66 -12.66 1.93 -6.78
C VAL A 66 -12.71 0.73 -5.81
N ILE A 67 -11.91 -0.29 -6.12
CA ILE A 67 -11.77 -1.54 -5.34
C ILE A 67 -11.33 -1.25 -3.90
N ALA A 68 -10.29 -0.41 -3.76
CA ALA A 68 -9.66 -0.09 -2.48
C ALA A 68 -8.82 1.20 -2.54
N ARG A 69 -8.40 1.69 -1.37
CA ARG A 69 -7.53 2.87 -1.19
C ARG A 69 -6.23 2.41 -0.53
N HIS A 70 -5.12 2.99 -0.96
CA HIS A 70 -3.75 2.66 -0.53
C HIS A 70 -2.98 3.88 -0.02
N GLU A 71 -2.24 3.70 1.05
CA GLU A 71 -1.34 4.71 1.62
C GLU A 71 -0.06 4.03 2.09
N TYR A 72 1.08 4.59 1.71
CA TYR A 72 2.40 4.18 2.15
C TYR A 72 3.13 5.44 2.59
N THR A 73 3.66 5.45 3.81
CA THR A 73 4.40 6.59 4.36
C THR A 73 5.74 6.10 4.91
N PHE A 74 6.81 6.83 4.62
CA PHE A 74 8.18 6.49 5.03
C PHE A 74 8.84 7.71 5.71
N SER A 75 9.38 7.55 6.92
CA SER A 75 9.98 8.62 7.75
C SER A 75 11.39 8.29 8.24
N ILE A 76 12.28 9.27 8.31
CA ILE A 76 13.64 9.10 8.88
C ILE A 76 13.76 9.84 10.21
N MET A 77 14.08 9.11 11.29
CA MET A 77 14.28 9.66 12.64
C MET A 77 15.69 9.43 13.20
N ASP A 78 16.45 10.51 13.43
CA ASP A 78 17.80 10.58 14.03
C ASP A 78 18.89 9.67 13.43
N GLU A 79 18.78 8.35 13.62
CA GLU A 79 19.70 7.31 13.13
C GLU A 79 18.94 6.11 12.55
N PHE A 80 17.63 6.17 12.41
CA PHE A 80 16.84 5.02 11.95
C PHE A 80 15.88 5.46 10.84
N GLN A 81 15.26 4.48 10.20
CA GLN A 81 14.24 4.67 9.17
C GLN A 81 12.95 3.96 9.59
N GLU A 82 11.81 4.54 9.28
CA GLU A 82 10.47 4.07 9.60
C GLU A 82 9.67 3.89 8.31
N TYR A 83 9.05 2.73 8.18
CA TYR A 83 8.21 2.36 7.05
C TYR A 83 6.82 2.02 7.55
N THR A 84 5.78 2.58 6.96
CA THR A 84 4.40 2.26 7.33
C THR A 84 3.55 2.17 6.05
N MET A 85 2.61 1.23 6.02
CA MET A 85 1.67 1.02 4.93
C MET A 85 0.28 0.73 5.51
N LEU A 86 -0.74 1.20 4.80
CA LEU A 86 -2.15 1.07 5.13
C LEU A 86 -3.01 1.06 3.84
N CYS A 87 -3.50 -0.12 3.47
CA CYS A 87 -4.36 -0.36 2.31
C CYS A 87 -5.43 -1.41 2.65
N LEU A 88 -6.67 -1.17 2.22
CA LEU A 88 -7.79 -2.09 2.39
C LEU A 88 -7.53 -3.45 1.73
N LEU A 89 -6.82 -3.46 0.60
CA LEU A 89 -6.46 -4.66 -0.14
C LEU A 89 -5.06 -5.14 0.22
N CYS A 90 -4.05 -4.34 -0.07
CA CYS A 90 -2.65 -4.69 0.09
C CYS A 90 -2.24 -4.95 1.53
N GLY A 91 -2.78 -4.19 2.49
CA GLY A 91 -2.59 -4.44 3.91
C GLY A 91 -2.11 -3.28 4.78
N LYS A 92 -2.06 -3.55 6.09
CA LYS A 92 -1.54 -2.64 7.12
C LYS A 92 -0.27 -3.23 7.75
N ALA A 93 0.84 -2.53 7.57
CA ALA A 93 2.15 -2.96 8.06
C ALA A 93 3.03 -1.79 8.56
N GLU A 94 4.01 -2.09 9.42
CA GLU A 94 5.00 -1.12 9.92
C GLU A 94 6.34 -1.82 10.23
N ASP A 95 7.46 -1.19 9.87
CA ASP A 95 8.82 -1.65 10.10
C ASP A 95 9.76 -0.49 10.46
N THR A 96 10.83 -0.76 11.22
CA THR A 96 11.87 0.25 11.53
C THR A 96 13.26 -0.35 11.38
N ILE A 97 14.18 0.37 10.73
CA ILE A 97 15.56 -0.06 10.44
C ILE A 97 16.57 0.93 11.03
N SER A 98 17.50 0.48 11.84
CA SER A 98 18.59 1.32 12.35
C SER A 98 19.70 1.42 11.30
N ILE A 99 20.20 2.63 11.05
CA ILE A 99 21.21 2.93 10.01
C ILE A 99 22.37 3.81 10.53
N LEU A 100 23.30 4.13 9.62
CA LEU A 100 24.51 4.92 9.84
C LEU A 100 24.68 5.94 8.68
N PRO A 101 25.52 6.99 8.83
CA PRO A 101 25.79 7.97 7.78
C PRO A 101 26.39 7.37 6.50
N ASP A 102 26.94 6.14 6.57
CA ASP A 102 27.46 5.37 5.44
C ASP A 102 26.34 4.76 4.56
N ASP A 103 25.07 4.94 4.94
CA ASP A 103 23.85 4.45 4.28
C ASP A 103 23.84 2.92 3.97
N PRO A 104 24.07 2.03 4.96
CA PRO A 104 24.15 0.58 4.77
C PRO A 104 22.78 -0.12 4.57
N ARG A 105 21.68 0.47 5.06
CA ARG A 105 20.28 -0.05 4.98
C ARG A 105 20.13 -1.53 5.39
N GLN A 106 20.92 -2.00 6.36
CA GLN A 106 20.97 -3.38 6.88
C GLN A 106 20.90 -4.44 5.76
ZN ZN B . -15.71 -4.22 -6.15
ZN ZN C . -15.68 -4.70 -10.64
ZN ZN D . -3.13 -1.42 -2.08
N CYS A 1 -15.50 -2.49 -3.11
CA CYS A 1 -16.73 -2.58 -2.34
C CYS A 1 -16.55 -3.30 -0.98
N GLY A 2 -15.29 -3.56 -0.60
CA GLY A 2 -14.87 -4.29 0.61
C GLY A 2 -15.11 -5.79 0.49
N ASP A 3 -16.17 -6.20 -0.20
CA ASP A 3 -16.41 -7.60 -0.57
C ASP A 3 -15.32 -8.07 -1.57
N CYS A 4 -14.63 -7.13 -2.22
CA CYS A 4 -13.49 -7.36 -3.12
C CYS A 4 -12.29 -8.03 -2.42
N VAL A 5 -12.13 -7.82 -1.10
CA VAL A 5 -10.97 -8.31 -0.32
C VAL A 5 -11.37 -9.44 0.65
N GLU A 6 -10.53 -10.47 0.78
CA GLU A 6 -10.73 -11.60 1.70
C GLU A 6 -10.70 -11.11 3.17
N LYS A 7 -9.76 -10.21 3.48
CA LYS A 7 -9.56 -9.56 4.78
C LYS A 7 -9.36 -8.05 4.57
N GLU A 8 -9.90 -7.24 5.47
CA GLU A 8 -9.72 -5.77 5.47
C GLU A 8 -8.37 -5.43 6.13
N TYR A 9 -7.51 -4.69 5.41
CA TYR A 9 -6.18 -4.27 5.88
C TYR A 9 -5.37 -5.42 6.54
N PRO A 10 -5.10 -6.51 5.79
CA PRO A 10 -4.35 -7.66 6.29
C PRO A 10 -2.92 -7.29 6.69
N ASN A 11 -2.34 -7.89 7.72
CA ASN A 11 -0.94 -7.63 8.06
C ASN A 11 -0.03 -8.40 7.10
N ARG A 12 1.12 -7.81 6.73
CA ARG A 12 2.07 -8.38 5.75
C ARG A 12 3.46 -8.66 6.31
N GLY A 13 3.55 -9.00 7.59
CA GLY A 13 4.83 -9.29 8.26
C GLY A 13 5.85 -8.15 8.16
N ASN A 14 5.34 -6.91 8.22
CA ASN A 14 6.05 -5.62 8.15
C ASN A 14 6.34 -5.12 6.71
N THR A 15 5.83 -5.77 5.65
CA THR A 15 6.07 -5.37 4.25
C THR A 15 5.32 -4.06 3.91
N CYS A 16 6.03 -2.98 3.55
CA CYS A 16 5.46 -1.67 3.20
C CYS A 16 5.88 -1.26 1.78
N LEU A 17 4.95 -1.27 0.83
CA LEU A 17 5.15 -1.00 -0.60
C LEU A 17 4.33 0.19 -1.11
N GLU A 18 4.93 0.93 -2.05
CA GLU A 18 4.34 2.07 -2.76
C GLU A 18 3.68 1.68 -4.09
N ASN A 19 3.78 0.42 -4.52
CA ASN A 19 3.21 -0.07 -5.78
C ASN A 19 2.71 -1.53 -5.69
N GLY A 20 1.74 -1.88 -6.55
CA GLY A 20 1.17 -3.23 -6.71
C GLY A 20 -0.34 -3.33 -6.45
N SER A 21 -0.82 -4.58 -6.38
CA SER A 21 -2.21 -4.99 -6.09
C SER A 21 -2.16 -6.42 -5.54
N PHE A 22 -2.53 -6.61 -4.27
CA PHE A 22 -2.41 -7.90 -3.57
C PHE A 22 -3.41 -8.99 -3.97
N LEU A 23 -3.17 -9.63 -5.12
CA LEU A 23 -4.03 -10.67 -5.71
C LEU A 23 -4.44 -11.82 -4.77
N LEU A 24 -3.60 -12.18 -3.79
CA LEU A 24 -3.90 -13.23 -2.80
C LEU A 24 -4.98 -12.82 -1.79
N ASN A 25 -5.27 -11.52 -1.63
CA ASN A 25 -6.34 -11.01 -0.79
C ASN A 25 -7.54 -10.59 -1.66
N PHE A 26 -7.28 -10.08 -2.88
CA PHE A 26 -8.36 -9.76 -3.82
C PHE A 26 -9.08 -11.02 -4.26
N THR A 27 -10.32 -11.20 -3.81
CA THR A 27 -11.17 -12.36 -4.15
C THR A 27 -12.02 -12.11 -5.41
N GLY A 28 -11.78 -10.98 -6.08
CA GLY A 28 -12.54 -10.50 -7.23
C GLY A 28 -13.65 -9.56 -6.75
N CYS A 29 -14.02 -8.60 -7.61
CA CYS A 29 -15.01 -7.56 -7.36
C CYS A 29 -16.36 -8.09 -6.87
N ALA A 30 -17.20 -7.16 -6.45
CA ALA A 30 -18.60 -7.40 -6.11
C ALA A 30 -19.54 -6.43 -6.84
N VAL A 31 -19.04 -5.36 -7.48
CA VAL A 31 -19.88 -4.50 -8.33
C VAL A 31 -20.17 -5.23 -9.65
N CYS A 32 -19.22 -6.03 -10.15
CA CYS A 32 -19.32 -6.80 -11.40
C CYS A 32 -18.91 -8.29 -11.31
N SER A 33 -18.17 -8.69 -10.25
CA SER A 33 -17.69 -10.06 -9.99
C SER A 33 -16.39 -10.50 -10.74
N LYS A 34 -15.60 -9.58 -11.32
CA LYS A 34 -14.34 -9.93 -12.03
C LYS A 34 -13.15 -10.10 -11.09
N ARG A 35 -12.21 -11.01 -11.43
CA ARG A 35 -10.94 -11.25 -10.69
C ARG A 35 -9.75 -11.02 -11.64
N ASP A 36 -8.54 -10.82 -11.09
CA ASP A 36 -7.29 -10.49 -11.82
C ASP A 36 -7.39 -9.30 -12.80
N PHE A 37 -8.33 -8.41 -12.48
CA PHE A 37 -8.73 -7.20 -13.19
C PHE A 37 -8.58 -5.96 -12.31
N MET A 38 -7.48 -5.23 -12.50
CA MET A 38 -7.23 -3.97 -11.77
C MET A 38 -6.19 -3.04 -12.43
N LEU A 39 -6.41 -1.75 -12.20
CA LEU A 39 -5.65 -0.56 -12.59
C LEU A 39 -5.35 0.29 -11.34
N ILE A 40 -4.45 1.27 -11.48
CA ILE A 40 -4.07 2.24 -10.45
C ILE A 40 -4.19 3.63 -11.09
N THR A 41 -4.77 4.58 -10.36
CA THR A 41 -4.93 5.97 -10.81
C THR A 41 -4.86 6.96 -9.66
N ASN A 42 -4.85 8.26 -9.96
CA ASN A 42 -4.81 9.40 -9.02
C ASN A 42 -3.61 9.42 -8.04
N LYS A 43 -2.59 8.59 -8.32
CA LYS A 43 -1.36 8.41 -7.53
C LYS A 43 -0.67 9.73 -7.18
N SER A 44 -0.70 10.08 -5.89
CA SER A 44 -0.09 11.28 -5.33
C SER A 44 1.15 10.94 -4.49
N LEU A 45 2.03 11.93 -4.35
CA LEU A 45 3.28 11.86 -3.58
C LEU A 45 3.51 13.18 -2.84
N LYS A 46 3.94 13.07 -1.58
CA LYS A 46 4.20 14.17 -0.64
C LYS A 46 5.55 14.01 0.05
N GLU A 47 6.22 15.12 0.35
CA GLU A 47 7.51 15.07 1.07
C GLU A 47 7.65 16.20 2.10
N GLU A 48 7.74 15.84 3.39
CA GLU A 48 8.04 16.76 4.50
C GLU A 48 9.33 16.41 5.27
N ASP A 49 10.28 17.33 5.34
CA ASP A 49 11.54 17.26 6.14
C ASP A 49 12.35 15.94 6.11
N GLY A 50 12.17 15.11 5.09
CA GLY A 50 12.82 13.79 4.91
C GLY A 50 11.80 12.64 4.83
N GLU A 51 10.58 12.84 5.34
CA GLU A 51 9.47 11.90 5.24
C GLU A 51 8.93 11.93 3.80
N GLU A 52 8.67 10.76 3.23
CA GLU A 52 8.11 10.58 1.90
C GLU A 52 6.77 9.85 2.04
N ILE A 53 5.71 10.37 1.43
CA ILE A 53 4.37 9.81 1.50
C ILE A 53 3.87 9.50 0.09
N VAL A 54 3.20 8.37 -0.09
CA VAL A 54 2.61 7.94 -1.36
C VAL A 54 1.18 7.48 -1.10
N THR A 55 0.20 8.15 -1.70
CA THR A 55 -1.24 7.80 -1.60
C THR A 55 -1.86 7.53 -2.97
N TYR A 56 -2.62 6.44 -3.12
CA TYR A 56 -3.30 6.09 -4.38
C TYR A 56 -4.57 5.25 -4.17
N ASP A 57 -5.12 4.74 -5.27
CA ASP A 57 -6.36 3.96 -5.28
C ASP A 57 -6.22 2.82 -6.33
N HIS A 58 -7.03 1.77 -6.17
CA HIS A 58 -7.10 0.61 -7.09
C HIS A 58 -8.48 0.64 -7.76
N LEU A 59 -8.55 0.32 -9.05
CA LEU A 59 -9.79 0.38 -9.86
C LEU A 59 -9.98 -0.90 -10.66
N CYS A 60 -11.18 -1.44 -10.66
CA CYS A 60 -11.56 -2.63 -11.41
C CYS A 60 -11.34 -2.41 -12.92
N LYS A 61 -10.55 -3.24 -13.60
CA LYS A 61 -10.32 -3.13 -15.05
C LYS A 61 -11.62 -3.33 -15.85
N ASN A 62 -12.69 -3.83 -15.23
CA ASN A 62 -13.98 -4.07 -15.87
C ASN A 62 -14.95 -2.90 -15.66
N CYS A 63 -15.40 -2.66 -14.42
CA CYS A 63 -16.36 -1.60 -14.09
C CYS A 63 -15.72 -0.26 -13.67
N HIS A 64 -14.39 -0.19 -13.51
CA HIS A 64 -13.61 0.98 -13.07
C HIS A 64 -14.07 1.61 -11.74
N HIS A 65 -14.80 0.84 -10.95
CA HIS A 65 -15.16 1.15 -9.58
C HIS A 65 -13.87 1.10 -8.73
N VAL A 66 -13.76 1.93 -7.70
CA VAL A 66 -12.59 1.93 -6.81
C VAL A 66 -12.66 0.72 -5.87
N ILE A 67 -11.84 -0.28 -6.14
CA ILE A 67 -11.72 -1.54 -5.37
C ILE A 67 -11.28 -1.25 -3.93
N ALA A 68 -10.26 -0.39 -3.78
CA ALA A 68 -9.64 -0.06 -2.50
C ALA A 68 -8.79 1.23 -2.57
N ARG A 69 -8.39 1.75 -1.40
CA ARG A 69 -7.49 2.90 -1.23
C ARG A 69 -6.20 2.42 -0.55
N HIS A 70 -5.07 2.96 -1.00
CA HIS A 70 -3.72 2.63 -0.54
C HIS A 70 -2.96 3.85 -0.03
N GLU A 71 -2.23 3.68 1.06
CA GLU A 71 -1.35 4.69 1.64
C GLU A 71 -0.06 4.01 2.10
N TYR A 72 1.08 4.60 1.75
CA TYR A 72 2.41 4.19 2.18
C TYR A 72 3.12 5.46 2.65
N THR A 73 3.63 5.46 3.87
CA THR A 73 4.35 6.62 4.43
C THR A 73 5.71 6.14 4.96
N PHE A 74 6.76 6.88 4.67
CA PHE A 74 8.13 6.55 5.07
C PHE A 74 8.79 7.75 5.76
N SER A 75 9.38 7.59 6.94
CA SER A 75 10.00 8.65 7.77
C SER A 75 11.42 8.30 8.25
N ILE A 76 12.33 9.28 8.30
CA ILE A 76 13.70 9.09 8.85
C ILE A 76 13.82 9.84 10.18
N MET A 77 14.15 9.11 11.26
CA MET A 77 14.37 9.65 12.60
C MET A 77 15.78 9.41 13.16
N ASP A 78 16.55 10.49 13.39
CA ASP A 78 17.90 10.55 14.00
C ASP A 78 18.98 9.61 13.41
N GLU A 79 18.85 8.30 13.59
CA GLU A 79 19.76 7.24 13.10
C GLU A 79 18.98 6.06 12.50
N PHE A 80 17.66 6.13 12.36
CA PHE A 80 16.86 5.00 11.89
C PHE A 80 15.90 5.46 10.80
N GLN A 81 15.26 4.48 10.16
CA GLN A 81 14.23 4.66 9.15
C GLN A 81 12.95 3.97 9.59
N GLU A 82 11.81 4.56 9.29
CA GLU A 82 10.46 4.10 9.62
C GLU A 82 9.66 3.92 8.34
N TYR A 83 9.05 2.75 8.20
CA TYR A 83 8.21 2.37 7.07
C TYR A 83 6.83 2.02 7.58
N THR A 84 5.78 2.58 6.98
CA THR A 84 4.40 2.27 7.33
C THR A 84 3.54 2.19 6.07
N MET A 85 2.61 1.25 6.04
CA MET A 85 1.66 1.02 4.95
C MET A 85 0.28 0.73 5.52
N LEU A 86 -0.74 1.18 4.81
CA LEU A 86 -2.16 1.05 5.14
C LEU A 86 -3.00 1.04 3.85
N CYS A 87 -3.51 -0.13 3.47
CA CYS A 87 -4.36 -0.38 2.31
C CYS A 87 -5.42 -1.43 2.65
N LEU A 88 -6.67 -1.19 2.23
CA LEU A 88 -7.78 -2.13 2.41
C LEU A 88 -7.51 -3.48 1.74
N LEU A 89 -6.81 -3.48 0.61
CA LEU A 89 -6.45 -4.68 -0.15
C LEU A 89 -5.04 -5.15 0.20
N CYS A 90 -4.04 -4.34 -0.07
CA CYS A 90 -2.64 -4.70 0.07
C CYS A 90 -2.24 -4.98 1.52
N GLY A 91 -2.78 -4.22 2.48
CA GLY A 91 -2.59 -4.47 3.90
C GLY A 91 -2.11 -3.31 4.77
N LYS A 92 -2.05 -3.57 6.08
CA LYS A 92 -1.52 -2.66 7.10
C LYS A 92 -0.25 -3.24 7.71
N ALA A 93 0.87 -2.53 7.56
CA ALA A 93 2.17 -2.94 8.05
C ALA A 93 3.05 -1.79 8.55
N GLU A 94 4.02 -2.09 9.41
CA GLU A 94 5.00 -1.11 9.93
C GLU A 94 6.34 -1.80 10.24
N ASP A 95 7.46 -1.17 9.89
CA ASP A 95 8.82 -1.63 10.12
C ASP A 95 9.76 -0.47 10.48
N THR A 96 10.83 -0.72 11.24
CA THR A 96 11.86 0.28 11.55
C THR A 96 13.26 -0.32 11.39
N ILE A 97 14.17 0.38 10.70
CA ILE A 97 15.54 -0.06 10.39
C ILE A 97 16.57 0.92 10.93
N SER A 98 17.56 0.46 11.69
CA SER A 98 18.67 1.33 12.14
C SER A 98 19.74 1.45 11.05
N ILE A 99 20.24 2.67 10.82
CA ILE A 99 21.22 3.01 9.78
C ILE A 99 22.36 3.90 10.29
N LEU A 100 23.35 4.20 9.44
CA LEU A 100 24.53 5.00 9.73
C LEU A 100 24.90 5.90 8.52
N PRO A 101 25.65 7.01 8.73
CA PRO A 101 26.08 7.90 7.64
C PRO A 101 27.04 7.22 6.65
N ASP A 102 27.63 6.08 7.02
CA ASP A 102 28.52 5.25 6.20
C ASP A 102 27.76 4.43 5.12
N ASP A 103 26.43 4.57 5.04
CA ASP A 103 25.52 3.87 4.11
C ASP A 103 25.62 2.33 4.18
N PRO A 104 25.18 1.70 5.30
CA PRO A 104 25.24 0.25 5.48
C PRO A 104 24.24 -0.55 4.63
N ARG A 105 23.27 0.12 3.99
CA ARG A 105 22.20 -0.45 3.15
C ARG A 105 21.47 -1.63 3.81
N GLN A 106 21.21 -1.49 5.12
CA GLN A 106 20.54 -2.45 5.99
C GLN A 106 19.18 -2.91 5.44
ZN ZN B . -15.70 -4.18 -6.16
ZN ZN C . -15.68 -4.69 -10.63
ZN ZN D . -3.11 -1.43 -2.06
N CYS A 1 -15.49 -2.46 -3.04
CA CYS A 1 -16.71 -2.56 -2.27
C CYS A 1 -16.53 -3.30 -0.92
N GLY A 2 -15.27 -3.58 -0.55
CA GLY A 2 -14.84 -4.31 0.64
C GLY A 2 -15.09 -5.82 0.52
N ASP A 3 -16.15 -6.22 -0.18
CA ASP A 3 -16.38 -7.61 -0.57
C ASP A 3 -15.31 -8.07 -1.58
N CYS A 4 -14.60 -7.12 -2.21
CA CYS A 4 -13.48 -7.34 -3.12
C CYS A 4 -12.28 -8.02 -2.44
N VAL A 5 -12.11 -7.86 -1.11
CA VAL A 5 -10.94 -8.35 -0.36
C VAL A 5 -11.32 -9.49 0.61
N GLU A 6 -10.48 -10.52 0.74
CA GLU A 6 -10.68 -11.65 1.67
C GLU A 6 -10.63 -11.17 3.14
N LYS A 7 -9.72 -10.23 3.45
CA LYS A 7 -9.56 -9.56 4.74
C LYS A 7 -9.34 -8.07 4.52
N GLU A 8 -9.89 -7.24 5.41
CA GLU A 8 -9.71 -5.78 5.40
C GLU A 8 -8.37 -5.45 6.08
N TYR A 9 -7.49 -4.70 5.38
CA TYR A 9 -6.17 -4.28 5.86
C TYR A 9 -5.37 -5.44 6.51
N PRO A 10 -5.09 -6.52 5.77
CA PRO A 10 -4.36 -7.69 6.28
C PRO A 10 -2.92 -7.31 6.69
N ASN A 11 -2.36 -7.90 7.73
CA ASN A 11 -0.97 -7.62 8.08
C ASN A 11 -0.03 -8.40 7.14
N ARG A 12 1.12 -7.81 6.76
CA ARG A 12 2.08 -8.42 5.82
C ARG A 12 3.45 -8.71 6.44
N GLY A 13 3.44 -9.01 7.75
CA GLY A 13 4.62 -9.33 8.56
C GLY A 13 5.71 -8.25 8.64
N ASN A 14 5.38 -7.04 8.17
CA ASN A 14 6.13 -5.76 8.10
C ASN A 14 6.30 -5.17 6.67
N THR A 15 5.85 -5.85 5.62
CA THR A 15 6.03 -5.42 4.21
C THR A 15 5.31 -4.10 3.89
N CYS A 16 6.03 -3.02 3.55
CA CYS A 16 5.47 -1.71 3.21
C CYS A 16 5.90 -1.28 1.79
N LEU A 17 4.96 -1.27 0.84
CA LEU A 17 5.17 -1.01 -0.60
C LEU A 17 4.39 0.22 -1.10
N GLU A 18 5.01 0.92 -2.05
CA GLU A 18 4.46 2.08 -2.77
C GLU A 18 3.81 1.70 -4.12
N ASN A 19 3.89 0.44 -4.54
CA ASN A 19 3.34 -0.06 -5.81
C ASN A 19 2.88 -1.52 -5.73
N GLY A 20 1.89 -1.88 -6.56
CA GLY A 20 1.34 -3.24 -6.68
C GLY A 20 -0.17 -3.34 -6.38
N SER A 21 -0.67 -4.58 -6.41
CA SER A 21 -2.06 -4.99 -6.09
C SER A 21 -2.02 -6.42 -5.55
N PHE A 22 -2.43 -6.63 -4.30
CA PHE A 22 -2.33 -7.93 -3.61
C PHE A 22 -3.34 -9.00 -4.04
N LEU A 23 -3.09 -9.62 -5.19
CA LEU A 23 -3.92 -10.64 -5.82
C LEU A 23 -4.31 -11.84 -4.93
N LEU A 24 -3.50 -12.16 -3.91
CA LEU A 24 -3.78 -13.24 -2.94
C LEU A 24 -4.89 -12.85 -1.92
N ASN A 25 -5.21 -11.56 -1.77
CA ASN A 25 -6.30 -11.06 -0.92
C ASN A 25 -7.50 -10.64 -1.78
N PHE A 26 -7.26 -10.14 -3.00
CA PHE A 26 -8.35 -9.77 -3.92
C PHE A 26 -9.14 -11.00 -4.37
N THR A 27 -10.35 -11.19 -3.83
CA THR A 27 -11.23 -12.33 -4.18
C THR A 27 -12.03 -12.09 -5.46
N GLY A 28 -11.88 -10.91 -6.06
CA GLY A 28 -12.61 -10.44 -7.22
C GLY A 28 -13.70 -9.47 -6.76
N CYS A 29 -14.04 -8.50 -7.62
CA CYS A 29 -15.02 -7.46 -7.37
C CYS A 29 -16.38 -7.98 -6.92
N ALA A 30 -17.21 -7.06 -6.44
CA ALA A 30 -18.60 -7.31 -6.11
C ALA A 30 -19.56 -6.31 -6.80
N VAL A 31 -19.06 -5.23 -7.41
CA VAL A 31 -19.89 -4.34 -8.24
C VAL A 31 -20.22 -5.05 -9.57
N CYS A 32 -19.28 -5.85 -10.09
CA CYS A 32 -19.39 -6.60 -11.36
C CYS A 32 -19.01 -8.10 -11.30
N SER A 33 -18.30 -8.55 -10.26
CA SER A 33 -17.86 -9.96 -10.04
C SER A 33 -16.55 -10.39 -10.76
N LYS A 34 -15.67 -9.47 -11.21
CA LYS A 34 -14.42 -9.82 -11.92
C LYS A 34 -13.18 -9.97 -11.00
N ARG A 35 -12.34 -10.97 -11.26
CA ARG A 35 -11.05 -11.23 -10.57
C ARG A 35 -9.89 -11.01 -11.56
N ASP A 36 -8.67 -10.82 -11.05
CA ASP A 36 -7.44 -10.50 -11.82
C ASP A 36 -7.56 -9.31 -12.80
N PHE A 37 -8.47 -8.41 -12.45
CA PHE A 37 -8.87 -7.20 -13.16
C PHE A 37 -8.71 -5.95 -12.28
N MET A 38 -7.60 -5.24 -12.47
CA MET A 38 -7.32 -3.98 -11.76
C MET A 38 -6.26 -3.10 -12.42
N LEU A 39 -6.44 -1.80 -12.20
CA LEU A 39 -5.65 -0.64 -12.61
C LEU A 39 -5.32 0.22 -11.37
N ILE A 40 -4.37 1.14 -11.51
CA ILE A 40 -3.97 2.10 -10.49
C ILE A 40 -4.04 3.48 -11.15
N THR A 41 -4.62 4.45 -10.44
CA THR A 41 -4.74 5.84 -10.89
C THR A 41 -4.72 6.81 -9.73
N ASN A 42 -4.75 8.11 -10.03
CA ASN A 42 -4.87 9.21 -9.06
C ASN A 42 -3.73 9.22 -7.99
N LYS A 43 -2.62 8.53 -8.30
CA LYS A 43 -1.41 8.39 -7.49
C LYS A 43 -0.76 9.74 -7.16
N SER A 44 -0.77 10.09 -5.88
CA SER A 44 -0.16 11.28 -5.31
C SER A 44 1.10 10.94 -4.50
N LEU A 45 1.98 11.91 -4.37
CA LEU A 45 3.23 11.84 -3.60
C LEU A 45 3.46 13.15 -2.85
N LYS A 46 3.91 13.03 -1.59
CA LYS A 46 4.16 14.13 -0.66
C LYS A 46 5.51 13.97 0.02
N GLU A 47 6.19 15.08 0.32
CA GLU A 47 7.47 15.04 1.03
C GLU A 47 7.58 16.15 2.09
N GLU A 48 7.68 15.77 3.36
CA GLU A 48 7.92 16.68 4.50
C GLU A 48 9.23 16.38 5.26
N ASP A 49 10.15 17.34 5.35
CA ASP A 49 11.39 17.29 6.18
C ASP A 49 12.25 15.99 6.14
N GLY A 50 12.10 15.17 5.11
CA GLY A 50 12.77 13.87 4.91
C GLY A 50 11.80 12.68 4.81
N GLU A 51 10.57 12.85 5.31
CA GLU A 51 9.48 11.88 5.19
C GLU A 51 8.95 11.91 3.75
N GLU A 52 8.69 10.74 3.19
CA GLU A 52 8.11 10.55 1.85
C GLU A 52 6.78 9.82 2.00
N ILE A 53 5.72 10.34 1.38
CA ILE A 53 4.37 9.77 1.45
C ILE A 53 3.87 9.47 0.05
N VAL A 54 3.21 8.33 -0.14
CA VAL A 54 2.62 7.90 -1.40
C VAL A 54 1.20 7.42 -1.15
N THR A 55 0.21 8.09 -1.75
CA THR A 55 -1.21 7.72 -1.65
C THR A 55 -1.82 7.44 -3.02
N TYR A 56 -2.60 6.36 -3.18
CA TYR A 56 -3.25 6.00 -4.46
C TYR A 56 -4.53 5.17 -4.26
N ASP A 57 -5.05 4.61 -5.35
CA ASP A 57 -6.25 3.80 -5.37
C ASP A 57 -6.11 2.63 -6.35
N HIS A 58 -6.91 1.58 -6.15
CA HIS A 58 -7.04 0.45 -7.05
C HIS A 58 -8.43 0.56 -7.70
N LEU A 59 -8.52 0.28 -9.00
CA LEU A 59 -9.74 0.44 -9.79
C LEU A 59 -9.97 -0.81 -10.64
N CYS A 60 -11.18 -1.35 -10.62
CA CYS A 60 -11.58 -2.53 -11.39
C CYS A 60 -11.36 -2.31 -12.89
N LYS A 61 -10.60 -3.19 -13.56
CA LYS A 61 -10.38 -3.10 -15.02
C LYS A 61 -11.70 -3.28 -15.82
N ASN A 62 -12.78 -3.73 -15.16
CA ASN A 62 -14.08 -3.97 -15.79
C ASN A 62 -15.05 -2.80 -15.60
N CYS A 63 -15.40 -2.48 -14.35
CA CYS A 63 -16.35 -1.40 -14.02
C CYS A 63 -15.69 -0.07 -13.56
N HIS A 64 -14.36 -0.03 -13.42
CA HIS A 64 -13.55 1.12 -12.95
C HIS A 64 -14.01 1.72 -11.61
N HIS A 65 -14.76 0.94 -10.84
CA HIS A 65 -15.11 1.24 -9.46
C HIS A 65 -13.82 1.17 -8.62
N VAL A 66 -13.70 1.98 -7.57
CA VAL A 66 -12.53 1.96 -6.69
C VAL A 66 -12.59 0.75 -5.75
N ILE A 67 -11.82 -0.28 -6.10
CA ILE A 67 -11.71 -1.54 -5.35
C ILE A 67 -11.24 -1.29 -3.90
N ALA A 68 -10.20 -0.45 -3.76
CA ALA A 68 -9.57 -0.14 -2.49
C ALA A 68 -8.72 1.13 -2.57
N ARG A 69 -8.35 1.68 -1.41
CA ARG A 69 -7.44 2.84 -1.26
C ARG A 69 -6.16 2.36 -0.60
N HIS A 70 -5.03 2.93 -1.04
CA HIS A 70 -3.68 2.59 -0.60
C HIS A 70 -2.91 3.81 -0.08
N GLU A 71 -2.19 3.64 1.01
CA GLU A 71 -1.32 4.65 1.58
C GLU A 71 -0.02 3.97 2.06
N TYR A 72 1.11 4.56 1.70
CA TYR A 72 2.44 4.16 2.14
C TYR A 72 3.14 5.42 2.60
N THR A 73 3.67 5.42 3.83
CA THR A 73 4.38 6.58 4.38
C THR A 73 5.73 6.11 4.92
N PHE A 74 6.78 6.85 4.63
CA PHE A 74 8.15 6.53 5.04
C PHE A 74 8.80 7.74 5.73
N SER A 75 9.33 7.59 6.95
CA SER A 75 9.93 8.66 7.79
C SER A 75 11.34 8.35 8.27
N ILE A 76 12.22 9.34 8.35
CA ILE A 76 13.58 9.18 8.92
C ILE A 76 13.70 9.92 10.25
N MET A 77 14.06 9.20 11.32
CA MET A 77 14.27 9.75 12.67
C MET A 77 15.70 9.53 13.19
N ASP A 78 16.44 10.61 13.42
CA ASP A 78 17.82 10.67 13.95
C ASP A 78 18.86 9.75 13.24
N GLU A 79 18.85 8.45 13.53
CA GLU A 79 19.73 7.42 12.97
C GLU A 79 18.94 6.20 12.47
N PHE A 80 17.61 6.26 12.38
CA PHE A 80 16.81 5.10 11.96
C PHE A 80 15.82 5.54 10.88
N GLN A 81 15.17 4.55 10.26
CA GLN A 81 14.16 4.74 9.23
C GLN A 81 12.88 4.03 9.65
N GLU A 82 11.74 4.61 9.34
CA GLU A 82 10.39 4.11 9.64
C GLU A 82 9.62 3.93 8.35
N TYR A 83 9.03 2.75 8.19
CA TYR A 83 8.21 2.37 7.05
C TYR A 83 6.82 2.00 7.55
N THR A 84 5.78 2.56 6.94
CA THR A 84 4.41 2.24 7.30
C THR A 84 3.56 2.14 6.03
N MET A 85 2.63 1.21 6.00
CA MET A 85 1.69 0.98 4.90
C MET A 85 0.30 0.69 5.49
N LEU A 86 -0.72 1.16 4.78
CA LEU A 86 -2.13 1.03 5.10
C LEU A 86 -2.98 1.02 3.82
N CYS A 87 -3.46 -0.16 3.44
CA CYS A 87 -4.31 -0.41 2.28
C CYS A 87 -5.38 -1.46 2.62
N LEU A 88 -6.62 -1.22 2.19
CA LEU A 88 -7.75 -2.15 2.37
C LEU A 88 -7.48 -3.51 1.70
N LEU A 89 -6.76 -3.53 0.58
CA LEU A 89 -6.41 -4.73 -0.17
C LEU A 89 -5.01 -5.22 0.20
N CYS A 90 -4.00 -4.41 -0.08
CA CYS A 90 -2.60 -4.78 0.07
C CYS A 90 -2.22 -5.06 1.54
N GLY A 91 -2.73 -4.26 2.48
CA GLY A 91 -2.56 -4.51 3.91
C GLY A 91 -2.09 -3.34 4.76
N LYS A 92 -2.05 -3.58 6.08
CA LYS A 92 -1.52 -2.66 7.09
C LYS A 92 -0.25 -3.26 7.71
N ALA A 93 0.87 -2.58 7.53
CA ALA A 93 2.18 -3.00 8.02
C ALA A 93 3.06 -1.84 8.50
N GLU A 94 4.04 -2.14 9.37
CA GLU A 94 5.02 -1.17 9.87
C GLU A 94 6.37 -1.85 10.19
N ASP A 95 7.47 -1.20 9.85
CA ASP A 95 8.85 -1.64 10.08
C ASP A 95 9.76 -0.46 10.46
N THR A 96 10.83 -0.71 11.22
CA THR A 96 11.84 0.30 11.55
C THR A 96 13.25 -0.28 11.39
N ILE A 97 14.17 0.45 10.74
CA ILE A 97 15.55 0.04 10.45
C ILE A 97 16.55 1.02 11.05
N SER A 98 17.53 0.56 11.82
CA SER A 98 18.61 1.41 12.32
C SER A 98 19.69 1.50 11.24
N ILE A 99 20.16 2.72 10.93
CA ILE A 99 21.10 2.99 9.84
C ILE A 99 22.28 3.92 10.22
N LEU A 100 23.13 4.18 9.23
CA LEU A 100 24.32 5.05 9.27
C LEU A 100 24.16 6.14 8.19
N PRO A 101 24.91 7.25 8.22
CA PRO A 101 24.82 8.33 7.21
C PRO A 101 25.11 7.88 5.77
N ASP A 102 25.70 6.70 5.57
CA ASP A 102 25.94 6.07 4.27
C ASP A 102 24.68 5.43 3.64
N ASP A 103 23.54 5.47 4.35
CA ASP A 103 22.23 4.88 3.97
C ASP A 103 22.28 3.40 3.51
N PRO A 104 22.83 2.47 4.33
CA PRO A 104 22.97 1.05 3.98
C PRO A 104 21.66 0.22 4.03
N ARG A 105 20.63 0.70 4.75
CA ARG A 105 19.31 0.06 4.94
C ARG A 105 19.34 -1.45 5.29
N GLN A 106 20.34 -1.85 6.09
CA GLN A 106 20.59 -3.23 6.56
C GLN A 106 20.40 -4.28 5.46
ZN ZN B . -15.69 -4.11 -6.11
ZN ZN C . -15.72 -4.53 -10.60
ZN ZN D . -3.04 -1.51 -2.08
N CYS A 1 -15.49 -2.50 -3.05
CA CYS A 1 -16.72 -2.58 -2.28
C CYS A 1 -16.52 -3.30 -0.92
N GLY A 2 -15.26 -3.57 -0.55
CA GLY A 2 -14.84 -4.30 0.66
C GLY A 2 -15.09 -5.80 0.54
N ASP A 3 -16.16 -6.20 -0.14
CA ASP A 3 -16.40 -7.60 -0.50
C ASP A 3 -15.32 -8.08 -1.50
N CYS A 4 -14.63 -7.14 -2.17
CA CYS A 4 -13.51 -7.38 -3.08
C CYS A 4 -12.29 -8.03 -2.39
N VAL A 5 -12.12 -7.86 -1.07
CA VAL A 5 -10.95 -8.33 -0.31
C VAL A 5 -11.32 -9.46 0.68
N GLU A 6 -10.49 -10.50 0.79
CA GLU A 6 -10.68 -11.63 1.71
C GLU A 6 -10.63 -11.16 3.18
N LYS A 7 -9.72 -10.21 3.49
CA LYS A 7 -9.56 -9.55 4.78
C LYS A 7 -9.34 -8.05 4.56
N GLU A 8 -9.88 -7.22 5.45
CA GLU A 8 -9.68 -5.76 5.44
C GLU A 8 -8.34 -5.43 6.10
N TYR A 9 -7.47 -4.68 5.40
CA TYR A 9 -6.14 -4.27 5.87
C TYR A 9 -5.33 -5.42 6.51
N PRO A 10 -5.06 -6.51 5.76
CA PRO A 10 -4.33 -7.67 6.27
C PRO A 10 -2.90 -7.30 6.67
N ASN A 11 -2.33 -7.94 7.70
CA ASN A 11 -0.93 -7.69 8.05
C ASN A 11 -0.02 -8.42 7.04
N ARG A 12 1.13 -7.83 6.72
CA ARG A 12 2.09 -8.33 5.71
C ARG A 12 3.48 -8.64 6.25
N GLY A 13 3.60 -9.01 7.52
CA GLY A 13 4.88 -9.32 8.17
C GLY A 13 5.90 -8.17 8.07
N ASN A 14 5.38 -6.94 8.18
CA ASN A 14 6.08 -5.64 8.12
C ASN A 14 6.40 -5.13 6.69
N THR A 15 5.89 -5.77 5.62
CA THR A 15 6.14 -5.36 4.22
C THR A 15 5.40 -4.06 3.89
N CYS A 16 6.11 -2.97 3.54
CA CYS A 16 5.53 -1.66 3.21
C CYS A 16 5.95 -1.23 1.79
N LEU A 17 5.01 -1.24 0.84
CA LEU A 17 5.22 -0.96 -0.59
C LEU A 17 4.40 0.23 -1.13
N GLU A 18 4.99 0.89 -2.12
CA GLU A 18 4.45 2.01 -2.89
C GLU A 18 3.92 1.58 -4.29
N ASN A 19 3.98 0.28 -4.61
CA ASN A 19 3.59 -0.29 -5.91
C ASN A 19 2.86 -1.65 -5.77
N GLY A 20 2.10 -2.02 -6.82
CA GLY A 20 1.42 -3.31 -6.95
C GLY A 20 -0.03 -3.37 -6.45
N SER A 21 -0.57 -4.60 -6.48
CA SER A 21 -1.92 -5.00 -6.04
C SER A 21 -1.84 -6.41 -5.45
N PHE A 22 -2.45 -6.64 -4.28
CA PHE A 22 -2.37 -7.94 -3.56
C PHE A 22 -3.41 -8.97 -4.01
N LEU A 23 -3.20 -9.55 -5.19
CA LEU A 23 -4.08 -10.54 -5.81
C LEU A 23 -4.43 -11.75 -4.91
N LEU A 24 -3.57 -12.11 -3.95
CA LEU A 24 -3.83 -13.18 -2.97
C LEU A 24 -4.91 -12.81 -1.94
N ASN A 25 -5.22 -11.51 -1.74
CA ASN A 25 -6.29 -11.04 -0.88
C ASN A 25 -7.51 -10.63 -1.72
N PHE A 26 -7.30 -10.12 -2.94
CA PHE A 26 -8.39 -9.78 -3.85
C PHE A 26 -9.13 -11.06 -4.28
N THR A 27 -10.37 -11.20 -3.85
CA THR A 27 -11.25 -12.34 -4.17
C THR A 27 -12.08 -12.10 -5.44
N GLY A 28 -11.87 -10.95 -6.09
CA GLY A 28 -12.64 -10.49 -7.25
C GLY A 28 -13.73 -9.52 -6.77
N CYS A 29 -14.08 -8.57 -7.63
CA CYS A 29 -15.07 -7.52 -7.36
C CYS A 29 -16.43 -8.05 -6.87
N ALA A 30 -17.25 -7.13 -6.41
CA ALA A 30 -18.64 -7.37 -6.06
C ALA A 30 -19.59 -6.38 -6.76
N VAL A 31 -19.10 -5.31 -7.39
CA VAL A 31 -19.94 -4.43 -8.23
C VAL A 31 -20.27 -5.15 -9.54
N CYS A 32 -19.33 -5.94 -10.08
CA CYS A 32 -19.45 -6.69 -11.33
C CYS A 32 -19.05 -8.19 -11.27
N SER A 33 -18.33 -8.63 -10.23
CA SER A 33 -17.87 -10.02 -9.99
C SER A 33 -16.59 -10.44 -10.76
N LYS A 34 -15.77 -9.52 -11.31
CA LYS A 34 -14.53 -9.87 -12.05
C LYS A 34 -13.31 -10.08 -11.12
N ARG A 35 -12.40 -10.98 -11.49
CA ARG A 35 -11.12 -11.24 -10.79
C ARG A 35 -9.95 -11.04 -11.76
N ASP A 36 -8.72 -10.87 -11.25
CA ASP A 36 -7.48 -10.57 -12.01
C ASP A 36 -7.58 -9.34 -12.96
N PHE A 37 -8.49 -8.43 -12.58
CA PHE A 37 -8.88 -7.20 -13.26
C PHE A 37 -8.71 -5.98 -12.34
N MET A 38 -7.60 -5.25 -12.51
CA MET A 38 -7.33 -4.00 -11.78
C MET A 38 -6.29 -3.09 -12.43
N LEU A 39 -6.49 -1.79 -12.19
CA LEU A 39 -5.72 -0.60 -12.58
C LEU A 39 -5.41 0.23 -11.31
N ILE A 40 -4.48 1.19 -11.45
CA ILE A 40 -4.10 2.16 -10.41
C ILE A 40 -4.17 3.54 -11.04
N THR A 41 -4.76 4.50 -10.33
CA THR A 41 -4.88 5.89 -10.80
C THR A 41 -4.84 6.89 -9.63
N ASN A 42 -4.79 8.19 -9.95
CA ASN A 42 -4.76 9.34 -9.03
C ASN A 42 -3.57 9.36 -8.04
N LYS A 43 -2.55 8.53 -8.32
CA LYS A 43 -1.33 8.35 -7.53
C LYS A 43 -0.63 9.67 -7.21
N SER A 44 -0.66 10.03 -5.94
CA SER A 44 -0.03 11.22 -5.37
C SER A 44 1.21 10.89 -4.54
N LEU A 45 2.10 11.87 -4.42
CA LEU A 45 3.34 11.80 -3.65
C LEU A 45 3.58 13.12 -2.91
N LYS A 46 4.01 13.01 -1.65
CA LYS A 46 4.30 14.12 -0.74
C LYS A 46 5.65 13.95 -0.06
N GLU A 47 6.35 15.04 0.22
CA GLU A 47 7.62 14.98 0.95
C GLU A 47 7.70 16.11 2.00
N GLU A 48 7.75 15.75 3.28
CA GLU A 48 7.95 16.67 4.42
C GLU A 48 9.22 16.38 5.22
N ASP A 49 10.14 17.34 5.34
CA ASP A 49 11.34 17.30 6.21
C ASP A 49 12.20 16.00 6.21
N GLY A 50 12.10 15.17 5.18
CA GLY A 50 12.78 13.87 5.02
C GLY A 50 11.81 12.69 4.90
N GLU A 51 10.57 12.85 5.36
CA GLU A 51 9.48 11.88 5.21
C GLU A 51 8.98 11.90 3.77
N GLU A 52 8.73 10.72 3.19
CA GLU A 52 8.17 10.53 1.86
C GLU A 52 6.84 9.80 1.98
N ILE A 53 5.78 10.31 1.35
CA ILE A 53 4.44 9.74 1.42
C ILE A 53 3.94 9.44 0.01
N VAL A 54 3.26 8.31 -0.17
CA VAL A 54 2.67 7.88 -1.43
C VAL A 54 1.23 7.42 -1.17
N THR A 55 0.26 8.09 -1.77
CA THR A 55 -1.16 7.72 -1.66
C THR A 55 -1.79 7.45 -3.03
N TYR A 56 -2.58 6.38 -3.16
CA TYR A 56 -3.28 6.02 -4.40
C TYR A 56 -4.57 5.21 -4.18
N ASP A 57 -5.14 4.70 -5.27
CA ASP A 57 -6.37 3.92 -5.28
C ASP A 57 -6.24 2.79 -6.31
N HIS A 58 -7.05 1.73 -6.16
CA HIS A 58 -7.14 0.59 -7.08
C HIS A 58 -8.51 0.62 -7.75
N LEU A 59 -8.60 0.30 -9.03
CA LEU A 59 -9.83 0.37 -9.83
C LEU A 59 -10.04 -0.90 -10.64
N CYS A 60 -11.26 -1.43 -10.63
CA CYS A 60 -11.65 -2.60 -11.39
C CYS A 60 -11.45 -2.38 -12.89
N LYS A 61 -10.67 -3.23 -13.58
CA LYS A 61 -10.44 -3.10 -15.04
C LYS A 61 -11.76 -3.28 -15.84
N ASN A 62 -12.82 -3.76 -15.21
CA ASN A 62 -14.13 -3.98 -15.83
C ASN A 62 -15.07 -2.79 -15.61
N CYS A 63 -15.52 -2.56 -14.36
CA CYS A 63 -16.46 -1.50 -14.01
C CYS A 63 -15.80 -0.17 -13.59
N HIS A 64 -14.47 -0.12 -13.44
CA HIS A 64 -13.68 1.05 -12.99
C HIS A 64 -14.12 1.66 -11.65
N HIS A 65 -14.85 0.88 -10.87
CA HIS A 65 -15.20 1.19 -9.49
C HIS A 65 -13.90 1.13 -8.65
N VAL A 66 -13.77 1.96 -7.62
CA VAL A 66 -12.61 1.95 -6.73
C VAL A 66 -12.68 0.73 -5.80
N ILE A 67 -11.86 -0.27 -6.08
CA ILE A 67 -11.74 -1.52 -5.32
C ILE A 67 -11.27 -1.25 -3.88
N ALA A 68 -10.26 -0.40 -3.74
CA ALA A 68 -9.62 -0.07 -2.48
C ALA A 68 -8.77 1.21 -2.55
N ARG A 69 -8.36 1.73 -1.38
CA ARG A 69 -7.44 2.88 -1.23
C ARG A 69 -6.15 2.40 -0.56
N HIS A 70 -5.02 2.94 -1.02
CA HIS A 70 -3.67 2.60 -0.58
C HIS A 70 -2.90 3.81 -0.07
N GLU A 71 -2.16 3.64 1.02
CA GLU A 71 -1.28 4.66 1.59
C GLU A 71 0.00 3.98 2.06
N TYR A 72 1.14 4.54 1.68
CA TYR A 72 2.47 4.14 2.13
C TYR A 72 3.19 5.42 2.59
N THR A 73 3.70 5.43 3.80
CA THR A 73 4.42 6.58 4.36
C THR A 73 5.77 6.10 4.92
N PHE A 74 6.82 6.84 4.63
CA PHE A 74 8.19 6.52 5.05
C PHE A 74 8.83 7.74 5.75
N SER A 75 9.36 7.60 6.97
CA SER A 75 9.94 8.67 7.80
C SER A 75 11.35 8.36 8.30
N ILE A 76 12.24 9.36 8.37
CA ILE A 76 13.58 9.19 8.95
C ILE A 76 13.68 9.95 10.28
N MET A 77 14.01 9.23 11.36
CA MET A 77 14.20 9.80 12.71
C MET A 77 15.61 9.57 13.26
N ASP A 78 16.37 10.65 13.47
CA ASP A 78 17.73 10.71 14.06
C ASP A 78 18.79 9.75 13.45
N GLU A 79 18.72 8.47 13.79
CA GLU A 79 19.63 7.39 13.34
C GLU A 79 18.87 6.16 12.83
N PHE A 80 17.56 6.27 12.59
CA PHE A 80 16.78 5.12 12.14
C PHE A 80 15.83 5.57 11.01
N GLN A 81 15.23 4.58 10.34
CA GLN A 81 14.23 4.77 9.30
C GLN A 81 12.94 4.05 9.69
N GLU A 82 11.80 4.63 9.37
CA GLU A 82 10.46 4.13 9.67
C GLU A 82 9.68 3.93 8.37
N TYR A 83 9.07 2.77 8.23
CA TYR A 83 8.25 2.39 7.09
C TYR A 83 6.86 2.02 7.58
N THR A 84 5.81 2.59 6.96
CA THR A 84 4.43 2.25 7.32
C THR A 84 3.59 2.16 6.05
N MET A 85 2.66 1.21 6.01
CA MET A 85 1.72 0.98 4.91
C MET A 85 0.33 0.70 5.49
N LEU A 86 -0.68 1.16 4.77
CA LEU A 86 -2.10 1.02 5.10
C LEU A 86 -2.95 1.02 3.82
N CYS A 87 -3.45 -0.15 3.44
CA CYS A 87 -4.31 -0.40 2.28
C CYS A 87 -5.37 -1.45 2.63
N LEU A 88 -6.62 -1.20 2.21
CA LEU A 88 -7.74 -2.12 2.39
C LEU A 88 -7.49 -3.48 1.72
N LEU A 89 -6.79 -3.49 0.58
CA LEU A 89 -6.44 -4.68 -0.17
C LEU A 89 -5.04 -5.17 0.18
N CYS A 90 -4.02 -4.36 -0.10
CA CYS A 90 -2.64 -4.72 0.04
C CYS A 90 -2.22 -5.00 1.49
N GLY A 91 -2.76 -4.24 2.45
CA GLY A 91 -2.57 -4.49 3.87
C GLY A 91 -2.07 -3.34 4.73
N LYS A 92 -2.01 -3.60 6.04
CA LYS A 92 -1.46 -2.69 7.06
C LYS A 92 -0.17 -3.28 7.63
N ALA A 93 0.93 -2.54 7.50
CA ALA A 93 2.24 -2.94 7.98
C ALA A 93 3.09 -1.79 8.52
N GLU A 94 4.08 -2.10 9.38
CA GLU A 94 5.04 -1.13 9.91
C GLU A 94 6.38 -1.82 10.22
N ASP A 95 7.50 -1.17 9.88
CA ASP A 95 8.87 -1.63 10.12
C ASP A 95 9.79 -0.46 10.49
N THR A 96 10.85 -0.72 11.24
CA THR A 96 11.87 0.30 11.57
C THR A 96 13.28 -0.29 11.42
N ILE A 97 14.20 0.46 10.80
CA ILE A 97 15.58 0.04 10.52
C ILE A 97 16.56 1.02 11.15
N SER A 98 17.49 0.55 11.98
CA SER A 98 18.55 1.40 12.53
C SER A 98 19.71 1.50 11.53
N ILE A 99 20.24 2.72 11.36
CA ILE A 99 21.27 3.07 10.38
C ILE A 99 22.46 3.84 10.99
N LEU A 100 23.57 3.92 10.25
CA LEU A 100 24.79 4.65 10.59
C LEU A 100 25.45 5.21 9.32
N PRO A 101 26.27 6.27 9.40
CA PRO A 101 26.99 6.84 8.25
C PRO A 101 28.04 5.87 7.66
N ASP A 102 28.44 4.84 8.42
CA ASP A 102 29.39 3.79 8.03
C ASP A 102 28.79 2.73 7.06
N ASP A 103 27.52 2.87 6.66
CA ASP A 103 26.79 1.95 5.75
C ASP A 103 26.83 0.47 6.21
N PRO A 104 26.20 0.12 7.36
CA PRO A 104 26.18 -1.25 7.88
C PRO A 104 25.22 -2.14 7.06
N ARG A 105 24.04 -1.59 6.77
CA ARG A 105 22.94 -2.22 6.01
C ARG A 105 22.13 -1.24 5.15
N GLN A 106 22.30 0.06 5.33
CA GLN A 106 21.61 1.14 4.60
C GLN A 106 22.58 2.33 4.40
ZN ZN B . -15.73 -4.16 -6.11
ZN ZN C . -15.77 -4.62 -10.60
ZN ZN D . -3.08 -1.45 -2.11
N CYS A 1 -15.45 -2.54 -3.11
CA CYS A 1 -16.67 -2.59 -2.34
C CYS A 1 -16.50 -3.29 -0.97
N GLY A 2 -15.25 -3.56 -0.58
CA GLY A 2 -14.85 -4.27 0.65
C GLY A 2 -15.10 -5.78 0.52
N ASP A 3 -16.17 -6.18 -0.16
CA ASP A 3 -16.41 -7.58 -0.53
C ASP A 3 -15.32 -8.05 -1.54
N CYS A 4 -14.64 -7.10 -2.20
CA CYS A 4 -13.51 -7.33 -3.11
C CYS A 4 -12.30 -8.00 -2.41
N VAL A 5 -12.14 -7.82 -1.09
CA VAL A 5 -10.97 -8.30 -0.33
C VAL A 5 -11.35 -9.43 0.65
N GLU A 6 -10.52 -10.46 0.77
CA GLU A 6 -10.70 -11.60 1.68
C GLU A 6 -10.65 -11.12 3.15
N LYS A 7 -9.72 -10.20 3.46
CA LYS A 7 -9.51 -9.56 4.76
C LYS A 7 -9.34 -8.05 4.56
N GLU A 8 -9.87 -7.25 5.47
CA GLU A 8 -9.70 -5.78 5.47
C GLU A 8 -8.36 -5.44 6.12
N TYR A 9 -7.49 -4.71 5.40
CA TYR A 9 -6.15 -4.30 5.87
C TYR A 9 -5.35 -5.45 6.51
N PRO A 10 -5.07 -6.53 5.75
CA PRO A 10 -4.33 -7.69 6.25
C PRO A 10 -2.90 -7.31 6.64
N ASN A 11 -2.32 -7.94 7.67
CA ASN A 11 -0.91 -7.67 8.01
C ASN A 11 0.00 -8.43 7.02
N ARG A 12 1.15 -7.82 6.68
CA ARG A 12 2.10 -8.34 5.66
C ARG A 12 3.49 -8.66 6.20
N GLY A 13 3.59 -9.02 7.48
CA GLY A 13 4.88 -9.33 8.13
C GLY A 13 5.89 -8.18 8.03
N ASN A 14 5.38 -6.94 8.14
CA ASN A 14 6.08 -5.65 8.09
C ASN A 14 6.37 -5.13 6.66
N THR A 15 5.87 -5.77 5.59
CA THR A 15 6.11 -5.35 4.19
C THR A 15 5.37 -4.04 3.87
N CYS A 16 6.07 -2.96 3.51
CA CYS A 16 5.51 -1.65 3.18
C CYS A 16 5.92 -1.22 1.75
N LEU A 17 4.96 -1.21 0.82
CA LEU A 17 5.15 -0.93 -0.62
C LEU A 17 4.38 0.29 -1.12
N GLU A 18 5.01 1.00 -2.06
CA GLU A 18 4.49 2.18 -2.77
C GLU A 18 3.84 1.85 -4.13
N ASN A 19 3.93 0.59 -4.58
CA ASN A 19 3.38 0.13 -5.86
C ASN A 19 2.95 -1.35 -5.77
N GLY A 20 1.90 -1.72 -6.52
CA GLY A 20 1.38 -3.09 -6.63
C GLY A 20 -0.12 -3.24 -6.34
N SER A 21 -0.57 -4.51 -6.30
CA SER A 21 -1.94 -4.98 -6.00
C SER A 21 -1.85 -6.39 -5.42
N PHE A 22 -2.48 -6.64 -4.26
CA PHE A 22 -2.39 -7.93 -3.55
C PHE A 22 -3.42 -8.97 -3.98
N LEU A 23 -3.19 -9.59 -5.14
CA LEU A 23 -4.07 -10.59 -5.74
C LEU A 23 -4.43 -11.79 -4.83
N LEU A 24 -3.59 -12.13 -3.85
CA LEU A 24 -3.86 -13.20 -2.86
C LEU A 24 -4.95 -12.81 -1.84
N ASN A 25 -5.25 -11.52 -1.68
CA ASN A 25 -6.33 -11.01 -0.82
C ASN A 25 -7.52 -10.60 -1.69
N PHE A 26 -7.30 -10.09 -2.91
CA PHE A 26 -8.39 -9.76 -3.84
C PHE A 26 -9.13 -11.04 -4.26
N THR A 27 -10.37 -11.19 -3.82
CA THR A 27 -11.24 -12.34 -4.14
C THR A 27 -12.07 -12.10 -5.41
N GLY A 28 -11.87 -10.96 -6.07
CA GLY A 28 -12.64 -10.51 -7.22
C GLY A 28 -13.74 -9.55 -6.77
N CYS A 29 -14.08 -8.59 -7.65
CA CYS A 29 -15.07 -7.54 -7.39
C CYS A 29 -16.43 -8.06 -6.94
N ALA A 30 -17.25 -7.15 -6.45
CA ALA A 30 -18.64 -7.38 -6.10
C ALA A 30 -19.60 -6.40 -6.81
N VAL A 31 -19.10 -5.33 -7.44
CA VAL A 31 -19.93 -4.45 -8.29
C VAL A 31 -20.25 -5.17 -9.60
N CYS A 32 -19.32 -5.97 -10.12
CA CYS A 32 -19.43 -6.72 -11.38
C CYS A 32 -19.03 -8.22 -11.33
N SER A 33 -18.33 -8.67 -10.29
CA SER A 33 -17.88 -10.06 -10.07
C SER A 33 -16.61 -10.51 -10.85
N LYS A 34 -15.75 -9.58 -11.31
CA LYS A 34 -14.50 -9.91 -12.04
C LYS A 34 -13.28 -10.11 -11.11
N ARG A 35 -12.37 -11.01 -11.47
CA ARG A 35 -11.09 -11.27 -10.77
C ARG A 35 -9.90 -11.05 -11.73
N ASP A 36 -8.68 -10.88 -11.21
CA ASP A 36 -7.45 -10.58 -11.96
C ASP A 36 -7.54 -9.36 -12.91
N PHE A 37 -8.45 -8.46 -12.55
CA PHE A 37 -8.85 -7.22 -13.22
C PHE A 37 -8.68 -6.00 -12.31
N MET A 38 -7.58 -5.27 -12.49
CA MET A 38 -7.31 -4.02 -11.76
C MET A 38 -6.26 -3.10 -12.42
N LEU A 39 -6.47 -1.80 -12.17
CA LEU A 39 -5.71 -0.61 -12.56
C LEU A 39 -5.39 0.22 -11.31
N ILE A 40 -4.46 1.18 -11.45
CA ILE A 40 -4.06 2.14 -10.42
C ILE A 40 -4.15 3.54 -11.05
N THR A 41 -4.75 4.49 -10.33
CA THR A 41 -4.88 5.88 -10.79
C THR A 41 -4.81 6.86 -9.62
N ASN A 42 -4.75 8.17 -9.93
CA ASN A 42 -4.69 9.30 -8.99
C ASN A 42 -3.50 9.29 -8.00
N LYS A 43 -2.50 8.42 -8.28
CA LYS A 43 -1.28 8.20 -7.50
C LYS A 43 -0.53 9.50 -7.20
N SER A 44 -0.59 9.91 -5.94
CA SER A 44 0.03 11.12 -5.42
C SER A 44 1.25 10.82 -4.55
N LEU A 45 2.14 11.81 -4.43
CA LEU A 45 3.36 11.76 -3.65
C LEU A 45 3.60 13.10 -2.93
N LYS A 46 4.00 13.02 -1.66
CA LYS A 46 4.27 14.13 -0.75
C LYS A 46 5.62 13.96 -0.05
N GLU A 47 6.31 15.05 0.24
CA GLU A 47 7.58 14.99 0.97
C GLU A 47 7.69 16.13 2.01
N GLU A 48 7.75 15.79 3.30
CA GLU A 48 7.98 16.72 4.41
C GLU A 48 9.26 16.41 5.21
N ASP A 49 10.19 17.36 5.30
CA ASP A 49 11.40 17.31 6.16
C ASP A 49 12.24 16.01 6.17
N GLY A 50 12.12 15.17 5.14
CA GLY A 50 12.78 13.86 4.99
C GLY A 50 11.79 12.69 4.90
N GLU A 51 10.55 12.87 5.38
CA GLU A 51 9.47 11.91 5.26
C GLU A 51 8.94 11.93 3.81
N GLU A 52 8.70 10.75 3.24
CA GLU A 52 8.14 10.55 1.90
C GLU A 52 6.81 9.82 2.04
N ILE A 53 5.75 10.34 1.40
CA ILE A 53 4.40 9.77 1.47
C ILE A 53 3.91 9.46 0.06
N VAL A 54 3.24 8.32 -0.12
CA VAL A 54 2.65 7.88 -1.38
C VAL A 54 1.23 7.41 -1.13
N THR A 55 0.25 8.07 -1.74
CA THR A 55 -1.17 7.70 -1.64
C THR A 55 -1.78 7.41 -3.01
N TYR A 56 -2.56 6.34 -3.14
CA TYR A 56 -3.24 5.97 -4.39
C TYR A 56 -4.54 5.18 -4.17
N ASP A 57 -5.12 4.68 -5.26
CA ASP A 57 -6.37 3.92 -5.26
C ASP A 57 -6.24 2.78 -6.31
N HIS A 58 -7.06 1.74 -6.15
CA HIS A 58 -7.14 0.60 -7.07
C HIS A 58 -8.52 0.62 -7.75
N LEU A 59 -8.60 0.30 -9.04
CA LEU A 59 -9.82 0.37 -9.84
C LEU A 59 -10.03 -0.91 -10.64
N CYS A 60 -11.25 -1.44 -10.65
CA CYS A 60 -11.63 -2.62 -11.41
C CYS A 60 -11.42 -2.39 -12.91
N LYS A 61 -10.64 -3.25 -13.59
CA LYS A 61 -10.40 -3.12 -15.05
C LYS A 61 -11.73 -3.30 -15.85
N ASN A 62 -12.79 -3.80 -15.23
CA ASN A 62 -14.09 -4.03 -15.86
C ASN A 62 -15.04 -2.83 -15.65
N CYS A 63 -15.49 -2.60 -14.41
CA CYS A 63 -16.43 -1.54 -14.07
C CYS A 63 -15.79 -0.19 -13.64
N HIS A 64 -14.46 -0.15 -13.48
CA HIS A 64 -13.66 1.02 -13.03
C HIS A 64 -14.12 1.63 -11.71
N HIS A 65 -14.84 0.86 -10.92
CA HIS A 65 -15.20 1.17 -9.54
C HIS A 65 -13.90 1.13 -8.70
N VAL A 66 -13.79 1.97 -7.67
CA VAL A 66 -12.62 1.96 -6.79
C VAL A 66 -12.69 0.77 -5.84
N ILE A 67 -11.88 -0.26 -6.13
CA ILE A 67 -11.77 -1.50 -5.35
C ILE A 67 -11.31 -1.22 -3.91
N ALA A 68 -10.29 -0.37 -3.76
CA ALA A 68 -9.65 -0.06 -2.49
C ALA A 68 -8.80 1.22 -2.56
N ARG A 69 -8.38 1.74 -1.39
CA ARG A 69 -7.47 2.88 -1.22
C ARG A 69 -6.19 2.41 -0.53
N HIS A 70 -5.06 2.94 -0.99
CA HIS A 70 -3.70 2.61 -0.54
C HIS A 70 -2.94 3.83 -0.02
N GLU A 71 -2.19 3.65 1.06
CA GLU A 71 -1.32 4.66 1.63
C GLU A 71 -0.02 3.98 2.09
N TYR A 72 1.11 4.57 1.75
CA TYR A 72 2.44 4.17 2.18
C TYR A 72 3.16 5.43 2.65
N THR A 73 3.66 5.44 3.87
CA THR A 73 4.38 6.60 4.43
C THR A 73 5.72 6.12 4.97
N PHE A 74 6.79 6.87 4.69
CA PHE A 74 8.16 6.55 5.11
C PHE A 74 8.80 7.76 5.80
N SER A 75 9.36 7.60 7.00
CA SER A 75 9.95 8.66 7.84
C SER A 75 11.36 8.34 8.33
N ILE A 76 12.26 9.33 8.40
CA ILE A 76 13.62 9.15 8.96
C ILE A 76 13.73 9.89 10.30
N MET A 77 14.08 9.17 11.37
CA MET A 77 14.27 9.70 12.72
C MET A 77 15.69 9.48 13.28
N ASP A 78 16.44 10.56 13.52
CA ASP A 78 17.79 10.64 14.10
C ASP A 78 18.88 9.76 13.44
N GLU A 79 18.82 8.43 13.61
CA GLU A 79 19.72 7.43 13.03
C GLU A 79 18.96 6.21 12.49
N PHE A 80 17.62 6.25 12.41
CA PHE A 80 16.84 5.09 11.99
C PHE A 80 15.85 5.52 10.89
N GLN A 81 15.22 4.54 10.27
CA GLN A 81 14.19 4.71 9.25
C GLN A 81 12.92 4.02 9.68
N GLU A 82 11.77 4.59 9.36
CA GLU A 82 10.44 4.12 9.68
C GLU A 82 9.65 3.93 8.38
N TYR A 83 9.05 2.75 8.24
CA TYR A 83 8.23 2.37 7.10
C TYR A 83 6.84 2.01 7.59
N THR A 84 5.79 2.57 6.99
CA THR A 84 4.42 2.25 7.34
C THR A 84 3.57 2.16 6.07
N MET A 85 2.64 1.22 6.03
CA MET A 85 1.70 1.00 4.94
C MET A 85 0.31 0.70 5.51
N LEU A 86 -0.71 1.17 4.80
CA LEU A 86 -2.12 1.02 5.13
C LEU A 86 -2.97 1.02 3.85
N CYS A 87 -3.47 -0.16 3.47
CA CYS A 87 -4.33 -0.39 2.31
C CYS A 87 -5.39 -1.45 2.65
N LEU A 88 -6.64 -1.20 2.24
CA LEU A 88 -7.77 -2.13 2.41
C LEU A 88 -7.51 -3.48 1.73
N LEU A 89 -6.81 -3.48 0.59
CA LEU A 89 -6.44 -4.66 -0.17
C LEU A 89 -5.04 -5.15 0.19
N CYS A 90 -4.03 -4.33 -0.09
CA CYS A 90 -2.64 -4.70 0.06
C CYS A 90 -2.23 -4.98 1.50
N GLY A 91 -2.76 -4.22 2.46
CA GLY A 91 -2.56 -4.47 3.88
C GLY A 91 -2.08 -3.33 4.75
N LYS A 92 -2.02 -3.59 6.07
CA LYS A 92 -1.48 -2.69 7.09
C LYS A 92 -0.22 -3.28 7.70
N ALA A 93 0.90 -2.57 7.53
CA ALA A 93 2.21 -2.99 8.02
C ALA A 93 3.08 -1.83 8.53
N GLU A 94 4.06 -2.12 9.39
CA GLU A 94 5.03 -1.15 9.91
C GLU A 94 6.37 -1.84 10.25
N ASP A 95 7.49 -1.20 9.89
CA ASP A 95 8.86 -1.65 10.13
C ASP A 95 9.79 -0.47 10.50
N THR A 96 10.85 -0.73 11.26
CA THR A 96 11.86 0.29 11.58
C THR A 96 13.28 -0.30 11.44
N ILE A 97 14.18 0.43 10.78
CA ILE A 97 15.57 0.01 10.49
C ILE A 97 16.58 1.00 11.07
N SER A 98 17.54 0.55 11.87
CA SER A 98 18.64 1.42 12.34
C SER A 98 19.70 1.52 11.25
N ILE A 99 20.19 2.74 10.97
CA ILE A 99 21.13 3.03 9.87
C ILE A 99 22.31 3.93 10.29
N LEU A 100 23.13 4.29 9.29
CA LEU A 100 24.32 5.13 9.35
C LEU A 100 24.28 6.13 8.18
N PRO A 101 25.10 7.21 8.17
CA PRO A 101 25.13 8.19 7.08
C PRO A 101 25.47 7.61 5.70
N ASP A 102 26.01 6.40 5.63
CA ASP A 102 26.29 5.65 4.38
C ASP A 102 25.02 5.04 3.73
N ASP A 103 23.86 5.18 4.37
CA ASP A 103 22.54 4.67 3.96
C ASP A 103 22.51 3.16 3.61
N PRO A 104 22.93 2.27 4.54
CA PRO A 104 22.94 0.81 4.31
C PRO A 104 21.53 0.16 4.27
N ARG A 105 20.52 0.81 4.88
CA ARG A 105 19.11 0.40 4.98
C ARG A 105 18.85 -1.12 5.14
N GLN A 106 19.62 -1.74 6.04
CA GLN A 106 19.58 -3.18 6.38
C GLN A 106 18.14 -3.72 6.55
ZN ZN B . -15.71 -4.18 -6.17
ZN ZN C . -15.75 -4.63 -10.65
ZN ZN D . -3.10 -1.43 -2.09
N CYS A 1 -15.51 -2.52 -3.10
CA CYS A 1 -16.74 -2.62 -2.33
C CYS A 1 -16.54 -3.34 -0.97
N GLY A 2 -15.29 -3.61 -0.60
CA GLY A 2 -14.86 -4.32 0.62
C GLY A 2 -15.10 -5.83 0.51
N ASP A 3 -16.17 -6.25 -0.18
CA ASP A 3 -16.38 -7.65 -0.53
C ASP A 3 -15.30 -8.12 -1.55
N CYS A 4 -14.62 -7.16 -2.20
CA CYS A 4 -13.50 -7.39 -3.11
C CYS A 4 -12.28 -8.04 -2.42
N VAL A 5 -12.11 -7.85 -1.10
CA VAL A 5 -10.94 -8.32 -0.32
C VAL A 5 -11.33 -9.44 0.66
N GLU A 6 -10.49 -10.47 0.79
CA GLU A 6 -10.70 -11.59 1.74
C GLU A 6 -10.65 -11.11 3.20
N LYS A 7 -9.75 -10.17 3.50
CA LYS A 7 -9.58 -9.50 4.80
C LYS A 7 -9.36 -8.01 4.58
N GLU A 8 -9.90 -7.18 5.46
CA GLU A 8 -9.71 -5.72 5.46
C GLU A 8 -8.37 -5.38 6.11
N TYR A 9 -7.50 -4.65 5.41
CA TYR A 9 -6.16 -4.23 5.88
C TYR A 9 -5.36 -5.37 6.53
N PRO A 10 -5.10 -6.47 5.79
CA PRO A 10 -4.36 -7.63 6.30
C PRO A 10 -2.93 -7.27 6.70
N ASN A 11 -2.37 -7.87 7.75
CA ASN A 11 -0.97 -7.63 8.11
C ASN A 11 -0.05 -8.39 7.14
N ARG A 12 1.09 -7.80 6.77
CA ARG A 12 2.04 -8.36 5.77
C ARG A 12 3.44 -8.63 6.31
N GLY A 13 3.55 -8.98 7.59
CA GLY A 13 4.83 -9.28 8.26
C GLY A 13 5.84 -8.14 8.14
N ASN A 14 5.34 -6.90 8.21
CA ASN A 14 6.05 -5.61 8.14
C ASN A 14 6.35 -5.12 6.70
N THR A 15 5.84 -5.76 5.65
CA THR A 15 6.06 -5.35 4.24
C THR A 15 5.34 -4.05 3.89
N CYS A 16 6.06 -2.97 3.53
CA CYS A 16 5.49 -1.66 3.19
C CYS A 16 5.90 -1.25 1.76
N LEU A 17 4.94 -1.25 0.83
CA LEU A 17 5.13 -0.99 -0.61
C LEU A 17 4.33 0.22 -1.13
N GLU A 18 4.93 0.94 -2.07
CA GLU A 18 4.35 2.09 -2.77
C GLU A 18 3.72 1.73 -4.12
N ASN A 19 3.77 0.45 -4.54
CA ASN A 19 3.23 -0.03 -5.82
C ASN A 19 2.75 -1.49 -5.74
N GLY A 20 1.80 -1.84 -6.63
CA GLY A 20 1.23 -3.19 -6.78
C GLY A 20 -0.27 -3.28 -6.44
N SER A 21 -0.78 -4.52 -6.47
CA SER A 21 -2.16 -4.92 -6.13
C SER A 21 -2.11 -6.36 -5.58
N PHE A 22 -2.49 -6.56 -4.32
CA PHE A 22 -2.38 -7.86 -3.63
C PHE A 22 -3.40 -8.94 -4.04
N LEU A 23 -3.16 -9.57 -5.18
CA LEU A 23 -4.02 -10.59 -5.79
C LEU A 23 -4.42 -11.76 -4.86
N LEU A 24 -3.57 -12.12 -3.89
CA LEU A 24 -3.85 -13.18 -2.90
C LEU A 24 -4.93 -12.78 -1.88
N ASN A 25 -5.21 -11.47 -1.69
CA ASN A 25 -6.29 -10.98 -0.84
C ASN A 25 -7.50 -10.57 -1.70
N PHE A 26 -7.26 -10.07 -2.92
CA PHE A 26 -8.34 -9.74 -3.85
C PHE A 26 -9.06 -11.02 -4.29
N THR A 27 -10.30 -11.20 -3.84
CA THR A 27 -11.15 -12.36 -4.19
C THR A 27 -12.00 -12.11 -5.42
N GLY A 28 -11.77 -10.97 -6.10
CA GLY A 28 -12.54 -10.50 -7.24
C GLY A 28 -13.65 -9.56 -6.76
N CYS A 29 -14.03 -8.61 -7.62
CA CYS A 29 -15.02 -7.58 -7.35
C CYS A 29 -16.37 -8.11 -6.86
N ALA A 30 -17.21 -7.20 -6.43
CA ALA A 30 -18.61 -7.44 -6.09
C ALA A 30 -19.57 -6.48 -6.82
N VAL A 31 -19.07 -5.40 -7.46
CA VAL A 31 -19.91 -4.55 -8.32
C VAL A 31 -20.20 -5.28 -9.63
N CYS A 32 -19.25 -6.08 -10.13
CA CYS A 32 -19.34 -6.84 -11.38
C CYS A 32 -18.91 -8.33 -11.30
N SER A 33 -18.18 -8.74 -10.25
CA SER A 33 -17.69 -10.11 -10.00
C SER A 33 -16.39 -10.52 -10.73
N LYS A 34 -15.60 -9.61 -11.32
CA LYS A 34 -14.34 -9.93 -12.03
C LYS A 34 -13.14 -10.10 -11.08
N ARG A 35 -12.22 -11.01 -11.40
CA ARG A 35 -10.94 -11.25 -10.68
C ARG A 35 -9.74 -11.02 -11.62
N ASP A 36 -8.54 -10.80 -11.07
CA ASP A 36 -7.30 -10.48 -11.80
C ASP A 36 -7.41 -9.28 -12.78
N PHE A 37 -8.35 -8.39 -12.46
CA PHE A 37 -8.75 -7.19 -13.18
C PHE A 37 -8.62 -5.94 -12.30
N MET A 38 -7.51 -5.21 -12.48
CA MET A 38 -7.26 -3.95 -11.77
C MET A 38 -6.23 -3.02 -12.43
N LEU A 39 -6.46 -1.73 -12.19
CA LEU A 39 -5.71 -0.53 -12.58
C LEU A 39 -5.41 0.31 -11.32
N ILE A 40 -4.51 1.28 -11.46
CA ILE A 40 -4.12 2.24 -10.41
C ILE A 40 -4.23 3.64 -11.04
N THR A 41 -4.83 4.58 -10.31
CA THR A 41 -4.97 5.97 -10.78
C THR A 41 -4.93 6.96 -9.61
N ASN A 42 -4.92 8.26 -9.91
CA ASN A 42 -4.90 9.40 -8.99
C ASN A 42 -3.70 9.42 -7.98
N LYS A 43 -2.66 8.63 -8.28
CA LYS A 43 -1.44 8.47 -7.48
C LYS A 43 -0.75 9.79 -7.15
N SER A 44 -0.75 10.13 -5.86
CA SER A 44 -0.10 11.31 -5.29
C SER A 44 1.15 10.95 -4.49
N LEU A 45 2.06 11.92 -4.36
CA LEU A 45 3.30 11.82 -3.61
C LEU A 45 3.56 13.14 -2.86
N LYS A 46 4.00 13.01 -1.60
CA LYS A 46 4.28 14.12 -0.67
C LYS A 46 5.63 13.94 0.00
N GLU A 47 6.31 15.04 0.29
CA GLU A 47 7.61 14.98 0.99
C GLU A 47 7.73 16.10 2.05
N GLU A 48 7.84 15.73 3.33
CA GLU A 48 8.10 16.63 4.46
C GLU A 48 9.41 16.32 5.20
N ASP A 49 10.34 17.26 5.29
CA ASP A 49 11.58 17.20 6.10
C ASP A 49 12.42 15.89 6.07
N GLY A 50 12.25 15.07 5.03
CA GLY A 50 12.90 13.76 4.85
C GLY A 50 11.91 12.59 4.76
N GLU A 51 10.69 12.77 5.26
CA GLU A 51 9.58 11.82 5.16
C GLU A 51 9.04 11.85 3.73
N GLU A 52 8.76 10.67 3.17
CA GLU A 52 8.18 10.49 1.84
C GLU A 52 6.83 9.78 1.99
N ILE A 53 5.78 10.30 1.37
CA ILE A 53 4.43 9.77 1.45
C ILE A 53 3.91 9.47 0.05
N VAL A 54 3.24 8.33 -0.14
CA VAL A 54 2.63 7.91 -1.40
C VAL A 54 1.20 7.45 -1.12
N THR A 55 0.22 8.14 -1.72
CA THR A 55 -1.21 7.78 -1.60
C THR A 55 -1.84 7.52 -2.97
N TYR A 56 -2.64 6.45 -3.12
CA TYR A 56 -3.33 6.10 -4.37
C TYR A 56 -4.61 5.27 -4.16
N ASP A 57 -5.18 4.77 -5.25
CA ASP A 57 -6.41 3.98 -5.26
C ASP A 57 -6.29 2.86 -6.32
N HIS A 58 -7.09 1.81 -6.16
CA HIS A 58 -7.16 0.66 -7.09
C HIS A 58 -8.54 0.67 -7.76
N LEU A 59 -8.62 0.34 -9.05
CA LEU A 59 -9.84 0.39 -9.85
C LEU A 59 -10.03 -0.89 -10.65
N CYS A 60 -11.24 -1.44 -10.65
CA CYS A 60 -11.61 -2.63 -11.40
C CYS A 60 -11.39 -2.41 -12.90
N LYS A 61 -10.59 -3.25 -13.57
CA LYS A 61 -10.35 -3.13 -15.03
C LYS A 61 -11.65 -3.34 -15.84
N ASN A 62 -12.73 -3.86 -15.21
CA ASN A 62 -14.01 -4.10 -15.85
C ASN A 62 -14.98 -2.93 -15.65
N CYS A 63 -15.45 -2.69 -14.41
CA CYS A 63 -16.40 -1.63 -14.08
C CYS A 63 -15.78 -0.29 -13.66
N HIS A 64 -14.45 -0.21 -13.50
CA HIS A 64 -13.68 0.97 -13.06
C HIS A 64 -14.15 1.59 -11.74
N HIS A 65 -14.86 0.81 -10.94
CA HIS A 65 -15.22 1.13 -9.57
C HIS A 65 -13.93 1.09 -8.72
N VAL A 66 -13.82 1.93 -7.69
CA VAL A 66 -12.66 1.93 -6.81
C VAL A 66 -12.71 0.73 -5.85
N ILE A 67 -11.89 -0.28 -6.14
CA ILE A 67 -11.76 -1.52 -5.36
C ILE A 67 -11.30 -1.23 -3.92
N ALA A 68 -10.28 -0.37 -3.77
CA ALA A 68 -9.65 -0.05 -2.51
C ALA A 68 -8.81 1.24 -2.57
N ARG A 69 -8.38 1.75 -1.39
CA ARG A 69 -7.49 2.90 -1.22
C ARG A 69 -6.20 2.43 -0.54
N HIS A 70 -5.07 2.98 -0.99
CA HIS A 70 -3.71 2.64 -0.54
C HIS A 70 -2.95 3.86 -0.04
N GLU A 71 -2.20 3.68 1.04
CA GLU A 71 -1.31 4.68 1.61
C GLU A 71 -0.03 4.00 2.07
N TYR A 72 1.12 4.58 1.71
CA TYR A 72 2.45 4.16 2.14
C TYR A 72 3.16 5.43 2.61
N THR A 73 3.70 5.42 3.83
CA THR A 73 4.41 6.57 4.38
C THR A 73 5.77 6.08 4.92
N PHE A 74 6.83 6.82 4.64
CA PHE A 74 8.20 6.49 5.04
C PHE A 74 8.84 7.69 5.73
N SER A 75 9.39 7.55 6.94
CA SER A 75 10.00 8.62 7.76
C SER A 75 11.41 8.29 8.26
N ILE A 76 12.30 9.27 8.33
CA ILE A 76 13.65 9.10 8.89
C ILE A 76 13.76 9.85 10.23
N MET A 77 14.07 9.13 11.31
CA MET A 77 14.26 9.68 12.66
C MET A 77 15.66 9.45 13.25
N ASP A 78 16.41 10.54 13.48
CA ASP A 78 17.75 10.61 14.12
C ASP A 78 18.86 9.68 13.55
N GLU A 79 18.74 8.37 13.75
CA GLU A 79 19.66 7.32 13.28
C GLU A 79 18.92 6.13 12.67
N PHE A 80 17.59 6.19 12.51
CA PHE A 80 16.82 5.04 12.02
C PHE A 80 15.87 5.48 10.90
N GLN A 81 15.26 4.50 10.25
CA GLN A 81 14.25 4.68 9.22
C GLN A 81 12.97 3.97 9.64
N GLU A 82 11.82 4.56 9.31
CA GLU A 82 10.47 4.08 9.62
C GLU A 82 9.69 3.89 8.35
N TYR A 83 9.07 2.74 8.21
CA TYR A 83 8.24 2.35 7.07
C TYR A 83 6.85 2.00 7.57
N THR A 84 5.81 2.57 6.95
CA THR A 84 4.43 2.25 7.29
C THR A 84 3.59 2.15 6.02
N MET A 85 2.63 1.23 6.00
CA MET A 85 1.69 0.99 4.90
C MET A 85 0.31 0.72 5.48
N LEU A 86 -0.71 1.18 4.77
CA LEU A 86 -2.12 1.04 5.12
C LEU A 86 -2.98 1.05 3.83
N CYS A 87 -3.48 -0.12 3.45
CA CYS A 87 -4.34 -0.36 2.30
C CYS A 87 -5.40 -1.42 2.64
N LEU A 88 -6.65 -1.17 2.22
CA LEU A 88 -7.78 -2.09 2.39
C LEU A 88 -7.51 -3.45 1.73
N LEU A 89 -6.81 -3.46 0.59
CA LEU A 89 -6.45 -4.65 -0.17
C LEU A 89 -5.04 -5.13 0.18
N CYS A 90 -4.04 -4.33 -0.10
CA CYS A 90 -2.64 -4.69 0.03
C CYS A 90 -2.23 -4.97 1.48
N GLY A 91 -2.77 -4.21 2.44
CA GLY A 91 -2.58 -4.48 3.87
C GLY A 91 -2.08 -3.32 4.73
N LYS A 92 -2.02 -3.59 6.03
CA LYS A 92 -1.49 -2.69 7.06
C LYS A 92 -0.22 -3.26 7.66
N ALA A 93 0.89 -2.52 7.52
CA ALA A 93 2.20 -2.93 8.00
C ALA A 93 3.06 -1.76 8.53
N GLU A 94 4.03 -2.07 9.39
CA GLU A 94 5.01 -1.11 9.92
C GLU A 94 6.34 -1.80 10.25
N ASP A 95 7.46 -1.17 9.89
CA ASP A 95 8.83 -1.63 10.14
C ASP A 95 9.77 -0.47 10.50
N THR A 96 10.83 -0.74 11.27
CA THR A 96 11.85 0.27 11.58
C THR A 96 13.26 -0.33 11.45
N ILE A 97 14.17 0.38 10.78
CA ILE A 97 15.55 -0.05 10.49
C ILE A 97 16.57 0.95 11.05
N SER A 98 17.54 0.51 11.83
CA SER A 98 18.62 1.39 12.31
C SER A 98 19.70 1.53 11.22
N ILE A 99 20.22 2.75 11.03
CA ILE A 99 21.23 3.09 10.01
C ILE A 99 22.37 3.97 10.57
N LEU A 100 23.36 4.26 9.72
CA LEU A 100 24.56 5.05 10.04
C LEU A 100 24.93 5.97 8.85
N PRO A 101 25.75 7.03 9.05
CA PRO A 101 26.19 7.92 7.98
C PRO A 101 27.02 7.21 6.89
N ASP A 102 27.56 6.02 7.19
CA ASP A 102 28.29 5.15 6.27
C ASP A 102 27.38 4.43 5.24
N ASP A 103 26.05 4.63 5.34
CA ASP A 103 25.00 4.04 4.48
C ASP A 103 25.06 2.49 4.36
N PRO A 104 24.97 1.74 5.49
CA PRO A 104 24.97 0.28 5.48
C PRO A 104 23.68 -0.32 4.89
N ARG A 105 22.58 0.45 4.92
CA ARG A 105 21.24 0.17 4.37
C ARG A 105 20.75 -1.28 4.52
N GLN A 106 20.93 -1.87 5.71
CA GLN A 106 20.56 -3.25 6.04
C GLN A 106 19.13 -3.65 5.64
ZN ZN B . -15.73 -4.20 -6.15
ZN ZN C . -15.70 -4.71 -10.62
ZN ZN D . -3.13 -1.40 -2.10
N CYS A 1 -15.45 -2.39 -3.04
CA CYS A 1 -16.68 -2.48 -2.27
C CYS A 1 -16.49 -3.21 -0.93
N GLY A 2 -15.24 -3.50 -0.55
CA GLY A 2 -14.83 -4.23 0.66
C GLY A 2 -15.08 -5.73 0.53
N ASP A 3 -16.16 -6.12 -0.15
CA ASP A 3 -16.40 -7.52 -0.53
C ASP A 3 -15.33 -8.00 -1.54
N CYS A 4 -14.63 -7.05 -2.19
CA CYS A 4 -13.51 -7.30 -3.10
C CYS A 4 -12.31 -7.99 -2.41
N VAL A 5 -12.14 -7.80 -1.09
CA VAL A 5 -10.98 -8.30 -0.31
C VAL A 5 -11.37 -9.42 0.66
N GLU A 6 -10.53 -10.46 0.76
CA GLU A 6 -10.71 -11.60 1.67
C GLU A 6 -10.62 -11.13 3.14
N LYS A 7 -9.68 -10.22 3.43
CA LYS A 7 -9.42 -9.62 4.74
C LYS A 7 -9.24 -8.11 4.57
N GLU A 8 -9.80 -7.31 5.47
CA GLU A 8 -9.63 -5.84 5.48
C GLU A 8 -8.29 -5.49 6.12
N TYR A 9 -7.43 -4.74 5.42
CA TYR A 9 -6.09 -4.31 5.90
C TYR A 9 -5.28 -5.45 6.53
N PRO A 10 -5.00 -6.53 5.76
CA PRO A 10 -4.26 -7.70 6.26
C PRO A 10 -2.83 -7.33 6.66
N ASN A 11 -2.26 -7.94 7.70
CA ASN A 11 -0.87 -7.68 8.05
C ASN A 11 0.05 -8.44 7.08
N ARG A 12 1.20 -7.83 6.72
CA ARG A 12 2.15 -8.40 5.74
C ARG A 12 3.53 -8.71 6.35
N GLY A 13 3.54 -9.06 7.63
CA GLY A 13 4.72 -9.38 8.44
C GLY A 13 5.81 -8.30 8.52
N ASN A 14 5.46 -7.07 8.09
CA ASN A 14 6.20 -5.79 8.04
C ASN A 14 6.37 -5.16 6.62
N THR A 15 5.92 -5.84 5.56
CA THR A 15 6.10 -5.39 4.16
C THR A 15 5.38 -4.07 3.85
N CYS A 16 6.08 -2.99 3.49
CA CYS A 16 5.51 -1.68 3.16
C CYS A 16 5.93 -1.26 1.74
N LEU A 17 4.99 -1.26 0.80
CA LEU A 17 5.19 -0.99 -0.64
C LEU A 17 4.40 0.23 -1.14
N GLU A 18 5.00 0.93 -2.11
CA GLU A 18 4.44 2.08 -2.83
C GLU A 18 3.76 1.69 -4.15
N ASN A 19 3.85 0.42 -4.58
CA ASN A 19 3.28 -0.08 -5.83
C ASN A 19 2.85 -1.56 -5.74
N GLY A 20 1.85 -1.93 -6.55
CA GLY A 20 1.31 -3.30 -6.67
C GLY A 20 -0.19 -3.42 -6.37
N SER A 21 -0.69 -4.66 -6.38
CA SER A 21 -2.07 -5.07 -6.07
C SER A 21 -2.04 -6.51 -5.52
N PHE A 22 -2.45 -6.72 -4.27
CA PHE A 22 -2.37 -8.01 -3.58
C PHE A 22 -3.40 -9.06 -4.01
N LEU A 23 -3.17 -9.68 -5.17
CA LEU A 23 -4.05 -10.69 -5.79
C LEU A 23 -4.44 -11.86 -4.85
N LEU A 24 -3.57 -12.24 -3.91
CA LEU A 24 -3.82 -13.29 -2.92
C LEU A 24 -4.88 -12.90 -1.86
N ASN A 25 -5.22 -11.60 -1.73
CA ASN A 25 -6.27 -11.10 -0.84
C ASN A 25 -7.48 -10.63 -1.67
N PHE A 26 -7.27 -10.15 -2.90
CA PHE A 26 -8.37 -9.79 -3.82
C PHE A 26 -9.13 -11.05 -4.25
N THR A 27 -10.38 -11.17 -3.81
CA THR A 27 -11.27 -12.31 -4.13
C THR A 27 -12.16 -12.03 -5.35
N GLY A 28 -11.88 -10.92 -6.05
CA GLY A 28 -12.66 -10.44 -7.19
C GLY A 28 -13.74 -9.46 -6.71
N CYS A 29 -14.10 -8.51 -7.57
CA CYS A 29 -15.06 -7.45 -7.32
C CYS A 29 -16.43 -7.95 -6.84
N ALA A 30 -17.25 -7.00 -6.41
CA ALA A 30 -18.64 -7.20 -6.07
C ALA A 30 -19.58 -6.20 -6.77
N VAL A 31 -19.06 -5.13 -7.39
CA VAL A 31 -19.88 -4.23 -8.22
C VAL A 31 -20.23 -4.94 -9.54
N CYS A 32 -19.30 -5.76 -10.07
CA CYS A 32 -19.43 -6.51 -11.33
C CYS A 32 -19.06 -8.01 -11.25
N SER A 33 -18.33 -8.45 -10.21
CA SER A 33 -17.90 -9.85 -9.96
C SER A 33 -16.64 -10.32 -10.74
N LYS A 34 -15.81 -9.42 -11.30
CA LYS A 34 -14.57 -9.78 -12.04
C LYS A 34 -13.37 -10.02 -11.10
N ARG A 35 -12.44 -10.90 -11.50
CA ARG A 35 -11.17 -11.19 -10.79
C ARG A 35 -9.99 -11.01 -11.75
N ASP A 36 -8.76 -10.84 -11.22
CA ASP A 36 -7.52 -10.56 -11.96
C ASP A 36 -7.61 -9.34 -12.92
N PHE A 37 -8.51 -8.43 -12.57
CA PHE A 37 -8.90 -7.20 -13.25
C PHE A 37 -8.71 -5.98 -12.35
N MET A 38 -7.60 -5.28 -12.51
CA MET A 38 -7.31 -4.03 -11.78
C MET A 38 -6.23 -3.15 -12.43
N LEU A 39 -6.41 -1.85 -12.20
CA LEU A 39 -5.61 -0.69 -12.60
C LEU A 39 -5.28 0.16 -11.35
N ILE A 40 -4.34 1.09 -11.50
CA ILE A 40 -3.95 2.07 -10.48
C ILE A 40 -4.03 3.46 -11.13
N THR A 41 -4.62 4.42 -10.43
CA THR A 41 -4.74 5.81 -10.89
C THR A 41 -4.75 6.78 -9.72
N ASN A 42 -4.81 8.08 -10.02
CA ASN A 42 -4.95 9.16 -9.04
C ASN A 42 -3.82 9.17 -7.96
N LYS A 43 -2.69 8.52 -8.28
CA LYS A 43 -1.48 8.40 -7.47
C LYS A 43 -0.83 9.75 -7.15
N SER A 44 -0.83 10.10 -5.88
CA SER A 44 -0.20 11.29 -5.31
C SER A 44 1.06 10.94 -4.52
N LEU A 45 1.96 11.91 -4.39
CA LEU A 45 3.22 11.82 -3.63
C LEU A 45 3.46 13.13 -2.89
N LYS A 46 3.91 13.02 -1.64
CA LYS A 46 4.18 14.11 -0.70
C LYS A 46 5.54 13.94 -0.04
N GLU A 47 6.23 15.03 0.25
CA GLU A 47 7.52 14.97 0.96
C GLU A 47 7.63 16.09 2.01
N GLU A 48 7.72 15.71 3.29
CA GLU A 48 7.92 16.62 4.42
C GLU A 48 9.22 16.35 5.19
N ASP A 49 10.13 17.33 5.30
CA ASP A 49 11.34 17.28 6.14
C ASP A 49 12.22 15.99 6.13
N GLY A 50 12.09 15.17 5.09
CA GLY A 50 12.77 13.86 4.91
C GLY A 50 11.81 12.67 4.81
N GLU A 51 10.57 12.83 5.28
CA GLU A 51 9.48 11.86 5.15
C GLU A 51 8.96 11.88 3.72
N GLU A 52 8.70 10.71 3.15
CA GLU A 52 8.12 10.52 1.81
C GLU A 52 6.79 9.79 1.96
N ILE A 53 5.72 10.31 1.33
CA ILE A 53 4.38 9.73 1.41
C ILE A 53 3.87 9.44 0.01
N VAL A 54 3.21 8.31 -0.17
CA VAL A 54 2.60 7.88 -1.44
C VAL A 54 1.18 7.39 -1.18
N THR A 55 0.19 8.06 -1.76
CA THR A 55 -1.22 7.69 -1.65
C THR A 55 -1.85 7.43 -3.03
N TYR A 56 -2.62 6.35 -3.19
CA TYR A 56 -3.29 6.00 -4.46
C TYR A 56 -4.57 5.16 -4.27
N ASP A 57 -5.09 4.60 -5.36
CA ASP A 57 -6.29 3.78 -5.35
C ASP A 57 -6.12 2.61 -6.36
N HIS A 58 -6.90 1.56 -6.16
CA HIS A 58 -7.00 0.42 -7.07
C HIS A 58 -8.38 0.52 -7.72
N LEU A 59 -8.48 0.24 -9.03
CA LEU A 59 -9.70 0.40 -9.81
C LEU A 59 -9.94 -0.85 -10.66
N CYS A 60 -11.15 -1.38 -10.62
CA CYS A 60 -11.56 -2.56 -11.39
C CYS A 60 -11.36 -2.34 -12.89
N LYS A 61 -10.60 -3.20 -13.59
CA LYS A 61 -10.39 -3.08 -15.04
C LYS A 61 -11.71 -3.22 -15.84
N ASN A 62 -12.79 -3.70 -15.20
CA ASN A 62 -14.08 -3.89 -15.83
C ASN A 62 -15.01 -2.68 -15.59
N CYS A 63 -15.44 -2.43 -14.36
CA CYS A 63 -16.36 -1.36 -14.00
C CYS A 63 -15.67 -0.03 -13.56
N HIS A 64 -14.33 -0.01 -13.44
CA HIS A 64 -13.51 1.13 -12.97
C HIS A 64 -13.95 1.76 -11.65
N HIS A 65 -14.69 0.99 -10.85
CA HIS A 65 -15.04 1.29 -9.48
C HIS A 65 -13.76 1.20 -8.64
N VAL A 66 -13.61 2.02 -7.59
CA VAL A 66 -12.45 1.96 -6.72
C VAL A 66 -12.56 0.74 -5.79
N ILE A 67 -11.77 -0.28 -6.09
CA ILE A 67 -11.68 -1.55 -5.34
C ILE A 67 -11.22 -1.29 -3.89
N ALA A 68 -10.20 -0.44 -3.74
CA ALA A 68 -9.57 -0.11 -2.46
C ALA A 68 -8.69 1.16 -2.56
N ARG A 69 -8.35 1.74 -1.41
CA ARG A 69 -7.41 2.86 -1.27
C ARG A 69 -6.13 2.36 -0.60
N HIS A 70 -4.99 2.88 -1.06
CA HIS A 70 -3.64 2.53 -0.60
C HIS A 70 -2.88 3.75 -0.10
N GLU A 71 -2.17 3.59 1.01
CA GLU A 71 -1.30 4.61 1.58
C GLU A 71 0.00 3.95 2.05
N TYR A 72 1.12 4.52 1.67
CA TYR A 72 2.45 4.13 2.11
C TYR A 72 3.17 5.40 2.56
N THR A 73 3.69 5.40 3.79
CA THR A 73 4.41 6.56 4.34
C THR A 73 5.75 6.07 4.89
N PHE A 74 6.81 6.82 4.59
CA PHE A 74 8.17 6.50 5.02
C PHE A 74 8.80 7.72 5.71
N SER A 75 9.33 7.58 6.92
CA SER A 75 9.90 8.65 7.76
C SER A 75 11.31 8.35 8.27
N ILE A 76 12.19 9.36 8.35
CA ILE A 76 13.53 9.20 8.94
C ILE A 76 13.61 9.95 10.28
N MET A 77 13.93 9.22 11.36
CA MET A 77 14.09 9.76 12.71
C MET A 77 15.49 9.57 13.31
N ASP A 78 16.21 10.66 13.57
CA ASP A 78 17.54 10.76 14.22
C ASP A 78 18.66 9.87 13.65
N GLU A 79 18.59 8.55 13.83
CA GLU A 79 19.53 7.53 13.35
C GLU A 79 18.82 6.32 12.73
N PHE A 80 17.49 6.36 12.56
CA PHE A 80 16.75 5.19 12.07
C PHE A 80 15.80 5.62 10.95
N GLN A 81 15.22 4.62 10.28
CA GLN A 81 14.22 4.79 9.23
C GLN A 81 12.94 4.06 9.63
N GLU A 82 11.79 4.62 9.31
CA GLU A 82 10.46 4.11 9.62
C GLU A 82 9.67 3.92 8.32
N TYR A 83 9.07 2.75 8.18
CA TYR A 83 8.26 2.36 7.04
C TYR A 83 6.87 1.99 7.53
N THR A 84 5.83 2.55 6.93
CA THR A 84 4.45 2.20 7.29
C THR A 84 3.61 2.12 6.03
N MET A 85 2.67 1.18 5.99
CA MET A 85 1.72 0.96 4.90
C MET A 85 0.34 0.67 5.49
N LEU A 86 -0.68 1.13 4.77
CA LEU A 86 -2.10 1.00 5.11
C LEU A 86 -2.94 0.98 3.82
N CYS A 87 -3.45 -0.19 3.46
CA CYS A 87 -4.30 -0.44 2.29
C CYS A 87 -5.36 -1.49 2.64
N LEU A 88 -6.61 -1.24 2.23
CA LEU A 88 -7.73 -2.16 2.43
C LEU A 88 -7.48 -3.53 1.76
N LEU A 89 -6.79 -3.53 0.62
CA LEU A 89 -6.45 -4.73 -0.14
C LEU A 89 -5.06 -5.25 0.23
N CYS A 90 -4.02 -4.46 -0.04
CA CYS A 90 -2.64 -4.83 0.10
C CYS A 90 -2.22 -5.08 1.55
N GLY A 91 -2.72 -4.29 2.49
CA GLY A 91 -2.51 -4.52 3.92
C GLY A 91 -2.03 -3.35 4.77
N LYS A 92 -1.98 -3.61 6.09
CA LYS A 92 -1.46 -2.70 7.10
C LYS A 92 -0.19 -3.29 7.72
N ALA A 93 0.93 -2.61 7.54
CA ALA A 93 2.24 -3.03 8.01
C ALA A 93 3.13 -1.87 8.49
N GLU A 94 4.12 -2.17 9.34
CA GLU A 94 5.10 -1.20 9.85
C GLU A 94 6.45 -1.89 10.16
N ASP A 95 7.54 -1.22 9.81
CA ASP A 95 8.93 -1.65 10.05
C ASP A 95 9.83 -0.48 10.43
N THR A 96 10.90 -0.72 11.19
CA THR A 96 11.90 0.30 11.53
C THR A 96 13.31 -0.26 11.40
N ILE A 97 14.23 0.48 10.75
CA ILE A 97 15.62 0.09 10.49
C ILE A 97 16.59 1.10 11.08
N SER A 98 17.55 0.67 11.90
CA SER A 98 18.60 1.56 12.41
C SER A 98 19.70 1.72 11.35
N ILE A 99 20.19 2.94 11.15
CA ILE A 99 21.19 3.29 10.13
C ILE A 99 22.33 4.18 10.69
N LEU A 100 23.28 4.52 9.82
CA LEU A 100 24.49 5.31 10.11
C LEU A 100 24.76 6.32 8.98
N PRO A 101 25.63 7.34 9.18
CA PRO A 101 26.00 8.30 8.13
C PRO A 101 26.68 7.66 6.91
N ASP A 102 27.14 6.41 7.03
CA ASP A 102 27.72 5.59 5.95
C ASP A 102 26.64 5.07 4.95
N ASP A 103 25.36 5.36 5.21
CA ASP A 103 24.18 4.99 4.41
C ASP A 103 24.01 3.45 4.16
N PRO A 104 24.04 2.60 5.21
CA PRO A 104 23.95 1.14 5.08
C PRO A 104 22.57 0.61 4.66
N ARG A 105 21.47 1.29 5.03
CA ARG A 105 20.06 0.94 4.72
C ARG A 105 19.71 -0.56 4.89
N GLN A 106 20.27 -1.20 5.92
CA GLN A 106 20.08 -2.63 6.22
C GLN A 106 18.61 -3.08 6.23
ZN ZN B . -15.69 -4.06 -6.12
ZN ZN C . -15.72 -4.52 -10.59
ZN ZN D . -3.04 -1.57 -2.05
N CYS A 1 -15.41 -2.50 -3.00
CA CYS A 1 -16.65 -2.58 -2.23
C CYS A 1 -16.46 -3.32 -0.88
N GLY A 2 -15.21 -3.60 -0.52
CA GLY A 2 -14.78 -4.35 0.69
C GLY A 2 -15.03 -5.85 0.53
N ASP A 3 -16.11 -6.24 -0.16
CA ASP A 3 -16.34 -7.63 -0.55
C ASP A 3 -15.27 -8.08 -1.57
N CYS A 4 -14.57 -7.12 -2.21
CA CYS A 4 -13.45 -7.35 -3.12
C CYS A 4 -12.23 -8.02 -2.43
N VAL A 5 -12.07 -7.87 -1.11
CA VAL A 5 -10.91 -8.37 -0.35
C VAL A 5 -11.29 -9.50 0.63
N GLU A 6 -10.45 -10.54 0.75
CA GLU A 6 -10.66 -11.66 1.68
C GLU A 6 -10.60 -11.20 3.15
N LYS A 7 -9.68 -10.27 3.46
CA LYS A 7 -9.51 -9.61 4.76
C LYS A 7 -9.29 -8.12 4.55
N GLU A 8 -9.84 -7.30 5.45
CA GLU A 8 -9.64 -5.83 5.45
C GLU A 8 -8.29 -5.50 6.11
N TYR A 9 -7.43 -4.74 5.41
CA TYR A 9 -6.10 -4.33 5.89
C TYR A 9 -5.30 -5.49 6.53
N PRO A 10 -5.03 -6.58 5.78
CA PRO A 10 -4.29 -7.74 6.28
C PRO A 10 -2.86 -7.36 6.69
N ASN A 11 -2.30 -7.99 7.72
CA ASN A 11 -0.90 -7.73 8.08
C ASN A 11 0.02 -8.46 7.08
N ARG A 12 1.18 -7.86 6.77
CA ARG A 12 2.13 -8.35 5.76
C ARG A 12 3.53 -8.64 6.29
N GLY A 13 3.64 -9.02 7.58
CA GLY A 13 4.93 -9.30 8.23
C GLY A 13 5.93 -8.14 8.13
N ASN A 14 5.40 -6.91 8.26
CA ASN A 14 6.09 -5.62 8.20
C ASN A 14 6.42 -5.11 6.77
N THR A 15 5.91 -5.75 5.70
CA THR A 15 6.19 -5.33 4.30
C THR A 15 5.45 -4.03 3.95
N CYS A 16 6.15 -2.94 3.60
CA CYS A 16 5.57 -1.65 3.26
C CYS A 16 6.00 -1.22 1.84
N LEU A 17 5.06 -1.23 0.88
CA LEU A 17 5.29 -0.96 -0.56
C LEU A 17 4.48 0.21 -1.11
N GLU A 18 5.06 0.87 -2.10
CA GLU A 18 4.50 1.98 -2.89
C GLU A 18 3.98 1.53 -4.28
N ASN A 19 4.04 0.23 -4.58
CA ASN A 19 3.65 -0.37 -5.86
C ASN A 19 2.94 -1.74 -5.69
N GLY A 20 2.15 -2.12 -6.70
CA GLY A 20 1.47 -3.42 -6.79
C GLY A 20 0.01 -3.45 -6.32
N SER A 21 -0.56 -4.66 -6.37
CA SER A 21 -1.93 -5.04 -5.99
C SER A 21 -1.91 -6.48 -5.45
N PHE A 22 -2.34 -6.69 -4.21
CA PHE A 22 -2.27 -8.00 -3.52
C PHE A 22 -3.31 -9.03 -3.99
N LEU A 23 -3.06 -9.65 -5.15
CA LEU A 23 -3.93 -10.65 -5.78
C LEU A 23 -4.36 -11.81 -4.86
N LEU A 24 -3.51 -12.21 -3.90
CA LEU A 24 -3.79 -13.27 -2.92
C LEU A 24 -4.88 -12.87 -1.89
N ASN A 25 -5.18 -11.57 -1.75
CA ASN A 25 -6.27 -11.07 -0.90
C ASN A 25 -7.46 -10.64 -1.77
N PHE A 26 -7.23 -10.13 -2.99
CA PHE A 26 -8.31 -9.77 -3.91
C PHE A 26 -9.08 -11.03 -4.37
N THR A 27 -10.32 -11.16 -3.95
CA THR A 27 -11.22 -12.29 -4.29
C THR A 27 -12.10 -12.01 -5.52
N GLY A 28 -11.86 -10.88 -6.20
CA GLY A 28 -12.66 -10.41 -7.33
C GLY A 28 -13.74 -9.44 -6.85
N CYS A 29 -14.09 -8.47 -7.71
CA CYS A 29 -15.06 -7.42 -7.43
C CYS A 29 -16.42 -7.95 -6.97
N ALA A 30 -17.23 -7.03 -6.45
CA ALA A 30 -18.61 -7.25 -6.09
C ALA A 30 -19.57 -6.23 -6.73
N VAL A 31 -19.07 -5.12 -7.32
CA VAL A 31 -19.91 -4.21 -8.10
C VAL A 31 -20.31 -4.88 -9.43
N CYS A 32 -19.41 -5.69 -10.01
CA CYS A 32 -19.57 -6.40 -11.28
C CYS A 32 -19.22 -7.90 -11.27
N SER A 33 -18.51 -8.40 -10.25
CA SER A 33 -18.10 -9.81 -10.07
C SER A 33 -16.85 -10.27 -10.87
N LYS A 34 -15.96 -9.37 -11.32
CA LYS A 34 -14.74 -9.73 -12.09
C LYS A 34 -13.50 -9.94 -11.21
N ARG A 35 -12.63 -10.90 -11.59
CA ARG A 35 -11.32 -11.16 -10.95
C ARG A 35 -10.20 -11.00 -11.98
N ASP A 36 -8.95 -10.84 -11.53
CA ASP A 36 -7.76 -10.55 -12.36
C ASP A 36 -7.87 -9.29 -13.26
N PHE A 37 -8.81 -8.42 -12.87
CA PHE A 37 -9.20 -7.15 -13.49
C PHE A 37 -8.96 -6.00 -12.51
N MET A 38 -7.87 -5.28 -12.71
CA MET A 38 -7.51 -4.10 -11.89
C MET A 38 -6.41 -3.22 -12.51
N LEU A 39 -6.53 -1.92 -12.22
CA LEU A 39 -5.71 -0.77 -12.59
C LEU A 39 -5.35 0.05 -11.33
N ILE A 40 -4.41 0.98 -11.46
CA ILE A 40 -4.00 1.95 -10.44
C ILE A 40 -4.05 3.33 -11.11
N THR A 41 -4.62 4.31 -10.42
CA THR A 41 -4.71 5.69 -10.90
C THR A 41 -4.68 6.68 -9.73
N ASN A 42 -4.70 7.99 -10.06
CA ASN A 42 -4.80 9.08 -9.08
C ASN A 42 -3.65 9.09 -8.03
N LYS A 43 -2.56 8.38 -8.34
CA LYS A 43 -1.34 8.23 -7.54
C LYS A 43 -0.67 9.56 -7.22
N SER A 44 -0.71 9.94 -5.95
CA SER A 44 -0.10 11.15 -5.40
C SER A 44 1.14 10.82 -4.57
N LEU A 45 2.03 11.81 -4.45
CA LEU A 45 3.28 11.75 -3.68
C LEU A 45 3.50 13.07 -2.93
N LYS A 46 3.94 12.97 -1.69
CA LYS A 46 4.21 14.08 -0.76
C LYS A 46 5.56 13.91 -0.08
N GLU A 47 6.24 15.01 0.21
CA GLU A 47 7.53 14.95 0.92
C GLU A 47 7.61 16.08 1.96
N GLU A 48 7.69 15.73 3.24
CA GLU A 48 7.89 16.65 4.37
C GLU A 48 9.18 16.39 5.15
N ASP A 49 10.07 17.36 5.26
CA ASP A 49 11.29 17.34 6.11
C ASP A 49 12.17 16.05 6.12
N GLY A 50 12.06 15.21 5.09
CA GLY A 50 12.75 13.91 4.93
C GLY A 50 11.79 12.73 4.82
N GLU A 51 10.54 12.88 5.29
CA GLU A 51 9.47 11.89 5.16
C GLU A 51 8.95 11.90 3.72
N GLU A 52 8.70 10.71 3.15
CA GLU A 52 8.13 10.51 1.82
C GLU A 52 6.79 9.78 1.96
N ILE A 53 5.73 10.29 1.33
CA ILE A 53 4.39 9.72 1.41
C ILE A 53 3.90 9.41 0.00
N VAL A 54 3.23 8.27 -0.18
CA VAL A 54 2.63 7.83 -1.44
C VAL A 54 1.21 7.36 -1.18
N THR A 55 0.23 8.02 -1.79
CA THR A 55 -1.19 7.64 -1.68
C THR A 55 -1.82 7.35 -3.05
N TYR A 56 -2.60 6.28 -3.20
CA TYR A 56 -3.27 5.92 -4.45
C TYR A 56 -4.55 5.09 -4.25
N ASP A 57 -5.08 4.53 -5.34
CA ASP A 57 -6.29 3.72 -5.35
C ASP A 57 -6.11 2.56 -6.34
N HIS A 58 -6.91 1.51 -6.16
CA HIS A 58 -7.02 0.37 -7.06
C HIS A 58 -8.41 0.47 -7.70
N LEU A 59 -8.52 0.23 -9.00
CA LEU A 59 -9.75 0.38 -9.78
C LEU A 59 -10.00 -0.85 -10.64
N CYS A 60 -11.23 -1.37 -10.61
CA CYS A 60 -11.65 -2.53 -11.39
C CYS A 60 -11.48 -2.26 -12.90
N LYS A 61 -10.76 -3.13 -13.62
CA LYS A 61 -10.58 -2.98 -15.09
C LYS A 61 -11.92 -3.10 -15.85
N ASN A 62 -12.99 -3.56 -15.20
CA ASN A 62 -14.30 -3.74 -15.82
C ASN A 62 -15.22 -2.53 -15.56
N CYS A 63 -15.61 -2.29 -14.30
CA CYS A 63 -16.50 -1.20 -13.90
C CYS A 63 -15.78 0.10 -13.47
N HIS A 64 -14.44 0.10 -13.34
CA HIS A 64 -13.60 1.23 -12.87
C HIS A 64 -14.03 1.83 -11.52
N HIS A 65 -14.77 1.05 -10.75
CA HIS A 65 -15.08 1.34 -9.35
C HIS A 65 -13.79 1.23 -8.54
N VAL A 66 -13.63 2.03 -7.50
CA VAL A 66 -12.45 1.95 -6.62
C VAL A 66 -12.55 0.73 -5.71
N ILE A 67 -11.78 -0.31 -6.04
CA ILE A 67 -11.68 -1.57 -5.30
C ILE A 67 -11.20 -1.33 -3.87
N ALA A 68 -10.18 -0.47 -3.72
CA ALA A 68 -9.54 -0.16 -2.44
C ALA A 68 -8.67 1.12 -2.54
N ARG A 69 -8.33 1.70 -1.39
CA ARG A 69 -7.38 2.83 -1.26
C ARG A 69 -6.10 2.33 -0.60
N HIS A 70 -4.96 2.85 -1.06
CA HIS A 70 -3.61 2.50 -0.61
C HIS A 70 -2.86 3.73 -0.10
N GLU A 71 -2.13 3.56 1.00
CA GLU A 71 -1.26 4.58 1.58
C GLU A 71 0.03 3.92 2.06
N TYR A 72 1.16 4.50 1.68
CA TYR A 72 2.49 4.10 2.13
C TYR A 72 3.19 5.38 2.59
N THR A 73 3.71 5.39 3.80
CA THR A 73 4.41 6.56 4.35
C THR A 73 5.76 6.08 4.90
N PHE A 74 6.82 6.83 4.62
CA PHE A 74 8.19 6.53 5.05
C PHE A 74 8.81 7.75 5.74
N SER A 75 9.34 7.62 6.95
CA SER A 75 9.92 8.70 7.78
C SER A 75 11.33 8.40 8.29
N ILE A 76 12.21 9.40 8.37
CA ILE A 76 13.56 9.24 8.96
C ILE A 76 13.63 10.01 10.29
N MET A 77 13.96 9.30 11.37
CA MET A 77 14.13 9.86 12.72
C MET A 77 15.54 9.65 13.30
N ASP A 78 16.28 10.75 13.54
CA ASP A 78 17.62 10.83 14.16
C ASP A 78 18.73 9.91 13.58
N GLU A 79 18.63 8.60 13.80
CA GLU A 79 19.57 7.56 13.36
C GLU A 79 18.84 6.35 12.78
N PHE A 80 17.51 6.39 12.60
CA PHE A 80 16.75 5.24 12.14
C PHE A 80 15.81 5.65 11.01
N GLN A 81 15.21 4.67 10.37
CA GLN A 81 14.22 4.83 9.31
C GLN A 81 12.93 4.11 9.72
N GLU A 82 11.78 4.67 9.38
CA GLU A 82 10.45 4.17 9.68
C GLU A 82 9.68 3.97 8.38
N TYR A 83 9.08 2.80 8.25
CA TYR A 83 8.26 2.40 7.12
C TYR A 83 6.88 2.03 7.60
N THR A 84 5.83 2.57 6.98
CA THR A 84 4.45 2.25 7.31
C THR A 84 3.61 2.14 6.04
N MET A 85 2.68 1.20 6.02
CA MET A 85 1.74 0.95 4.93
C MET A 85 0.36 0.67 5.51
N LEU A 86 -0.66 1.12 4.79
CA LEU A 86 -2.07 0.98 5.13
C LEU A 86 -2.93 0.97 3.84
N CYS A 87 -3.41 -0.21 3.46
CA CYS A 87 -4.26 -0.46 2.29
C CYS A 87 -5.32 -1.50 2.65
N LEU A 88 -6.57 -1.25 2.23
CA LEU A 88 -7.69 -2.18 2.42
C LEU A 88 -7.43 -3.54 1.74
N LEU A 89 -6.74 -3.55 0.61
CA LEU A 89 -6.38 -4.75 -0.15
C LEU A 89 -4.99 -5.24 0.22
N CYS A 90 -3.97 -4.44 -0.06
CA CYS A 90 -2.57 -4.81 0.10
C CYS A 90 -2.18 -5.08 1.55
N GLY A 91 -2.70 -4.30 2.49
CA GLY A 91 -2.52 -4.55 3.92
C GLY A 91 -2.02 -3.39 4.77
N LYS A 92 -1.97 -3.64 6.09
CA LYS A 92 -1.43 -2.73 7.09
C LYS A 92 -0.14 -3.30 7.68
N ALA A 93 0.95 -2.56 7.55
CA ALA A 93 2.26 -2.94 8.02
C ALA A 93 3.10 -1.78 8.57
N GLU A 94 4.08 -2.08 9.43
CA GLU A 94 5.04 -1.09 9.95
C GLU A 94 6.38 -1.77 10.30
N ASP A 95 7.50 -1.13 9.95
CA ASP A 95 8.87 -1.57 10.22
C ASP A 95 9.78 -0.39 10.58
N THR A 96 10.84 -0.63 11.36
CA THR A 96 11.85 0.40 11.69
C THR A 96 13.26 -0.17 11.58
N ILE A 97 14.17 0.55 10.91
CA ILE A 97 15.56 0.12 10.66
C ILE A 97 16.55 1.14 11.23
N SER A 98 17.48 0.71 12.07
CA SER A 98 18.55 1.58 12.56
C SER A 98 19.66 1.70 11.51
N ILE A 99 20.17 2.91 11.28
CA ILE A 99 21.19 3.21 10.26
C ILE A 99 22.33 4.11 10.81
N LEU A 100 23.32 4.40 9.95
CA LEU A 100 24.52 5.18 10.22
C LEU A 100 24.85 6.10 9.03
N PRO A 101 25.70 7.14 9.20
CA PRO A 101 26.11 8.02 8.10
C PRO A 101 26.84 7.29 6.95
N ASP A 102 27.35 6.08 7.21
CA ASP A 102 27.99 5.19 6.22
C ASP A 102 26.96 4.53 5.26
N ASP A 103 25.66 4.77 5.46
CA ASP A 103 24.53 4.24 4.68
C ASP A 103 24.51 2.70 4.53
N PRO A 104 24.50 1.93 5.64
CA PRO A 104 24.44 0.46 5.61
C PRO A 104 23.05 -0.05 5.15
N ARG A 105 21.99 0.77 5.34
CA ARG A 105 20.58 0.56 4.96
C ARG A 105 20.01 -0.86 5.17
N GLN A 106 20.45 -1.54 6.23
CA GLN A 106 20.08 -2.92 6.60
C GLN A 106 18.55 -3.17 6.54
ZN ZN B . -15.67 -4.09 -6.11
ZN ZN C . -15.81 -4.44 -10.60
ZN ZN D . -3.00 -1.57 -2.07
N CYS A 1 -15.52 -2.56 -3.11
CA CYS A 1 -16.75 -2.66 -2.34
C CYS A 1 -16.55 -3.38 -0.99
N GLY A 2 -15.29 -3.64 -0.61
CA GLY A 2 -14.87 -4.36 0.60
C GLY A 2 -15.10 -5.86 0.48
N ASP A 3 -16.17 -6.28 -0.21
CA ASP A 3 -16.37 -7.68 -0.57
C ASP A 3 -15.28 -8.14 -1.59
N CYS A 4 -14.60 -7.18 -2.24
CA CYS A 4 -13.48 -7.40 -3.15
C CYS A 4 -12.26 -8.06 -2.44
N VAL A 5 -12.10 -7.85 -1.13
CA VAL A 5 -10.94 -8.32 -0.34
C VAL A 5 -11.34 -9.45 0.63
N GLU A 6 -10.49 -10.48 0.76
CA GLU A 6 -10.68 -11.61 1.70
C GLU A 6 -10.65 -11.12 3.15
N LYS A 7 -9.72 -10.20 3.46
CA LYS A 7 -9.52 -9.54 4.76
C LYS A 7 -9.35 -8.04 4.56
N GLU A 8 -9.90 -7.23 5.46
CA GLU A 8 -9.73 -5.77 5.46
C GLU A 8 -8.39 -5.42 6.11
N TYR A 9 -7.52 -4.69 5.40
CA TYR A 9 -6.19 -4.27 5.87
C TYR A 9 -5.39 -5.42 6.53
N PRO A 10 -5.10 -6.51 5.78
CA PRO A 10 -4.37 -7.66 6.29
C PRO A 10 -2.94 -7.28 6.70
N ASN A 11 -2.38 -7.89 7.75
CA ASN A 11 -0.98 -7.62 8.11
C ASN A 11 -0.05 -8.39 7.16
N ARG A 12 1.10 -7.80 6.80
CA ARG A 12 2.06 -8.37 5.83
C ARG A 12 3.45 -8.65 6.39
N GLY A 13 3.53 -8.98 7.69
CA GLY A 13 4.79 -9.28 8.37
C GLY A 13 5.81 -8.14 8.26
N ASN A 14 5.31 -6.90 8.31
CA ASN A 14 6.03 -5.61 8.24
C ASN A 14 6.33 -5.12 6.80
N THR A 15 5.83 -5.78 5.75
CA THR A 15 6.07 -5.38 4.34
C THR A 15 5.32 -4.09 3.99
N CYS A 16 6.03 -3.01 3.63
CA CYS A 16 5.45 -1.71 3.28
C CYS A 16 5.87 -1.30 1.85
N LEU A 17 4.93 -1.32 0.91
CA LEU A 17 5.12 -1.07 -0.52
C LEU A 17 4.33 0.14 -1.05
N GLU A 18 4.93 0.83 -2.02
CA GLU A 18 4.39 1.96 -2.76
C GLU A 18 3.76 1.57 -4.10
N ASN A 19 3.84 0.29 -4.51
CA ASN A 19 3.33 -0.19 -5.80
C ASN A 19 2.73 -1.61 -5.75
N GLY A 20 1.86 -1.92 -6.72
CA GLY A 20 1.22 -3.22 -6.92
C GLY A 20 -0.24 -3.31 -6.47
N SER A 21 -0.79 -4.53 -6.48
CA SER A 21 -2.14 -4.93 -6.07
C SER A 21 -2.08 -6.36 -5.52
N PHE A 22 -2.47 -6.56 -4.26
CA PHE A 22 -2.35 -7.85 -3.56
C PHE A 22 -3.36 -8.95 -3.97
N LEU A 23 -3.12 -9.57 -5.11
CA LEU A 23 -3.97 -10.61 -5.71
C LEU A 23 -4.37 -11.77 -4.78
N LEU A 24 -3.54 -12.12 -3.80
CA LEU A 24 -3.82 -13.18 -2.81
C LEU A 24 -4.92 -12.79 -1.80
N ASN A 25 -5.21 -11.49 -1.64
CA ASN A 25 -6.30 -10.99 -0.80
C ASN A 25 -7.48 -10.57 -1.68
N PHE A 26 -7.23 -10.06 -2.89
CA PHE A 26 -8.30 -9.74 -3.84
C PHE A 26 -9.02 -11.02 -4.29
N THR A 27 -10.25 -11.20 -3.85
CA THR A 27 -11.10 -12.37 -4.19
C THR A 27 -11.95 -12.11 -5.45
N GLY A 28 -11.71 -10.98 -6.11
CA GLY A 28 -12.47 -10.50 -7.26
C GLY A 28 -13.59 -9.56 -6.78
N CYS A 29 -13.97 -8.62 -7.64
CA CYS A 29 -14.97 -7.59 -7.38
C CYS A 29 -16.32 -8.13 -6.91
N ALA A 30 -17.17 -7.22 -6.47
CA ALA A 30 -18.56 -7.49 -6.14
C ALA A 30 -19.52 -6.53 -6.87
N VAL A 31 -19.04 -5.44 -7.50
CA VAL A 31 -19.87 -4.59 -8.35
C VAL A 31 -20.17 -5.32 -9.67
N CYS A 32 -19.20 -6.10 -10.18
CA CYS A 32 -19.28 -6.86 -11.43
C CYS A 32 -18.84 -8.34 -11.36
N SER A 33 -18.12 -8.75 -10.32
CA SER A 33 -17.63 -10.13 -10.07
C SER A 33 -16.33 -10.53 -10.82
N LYS A 34 -15.54 -9.60 -11.39
CA LYS A 34 -14.28 -9.92 -12.10
C LYS A 34 -13.08 -10.09 -11.15
N ARG A 35 -12.12 -10.94 -11.52
CA ARG A 35 -10.84 -11.17 -10.77
C ARG A 35 -9.64 -10.93 -11.69
N ASP A 36 -8.45 -10.70 -11.14
CA ASP A 36 -7.19 -10.36 -11.84
C ASP A 36 -7.31 -9.16 -12.82
N PHE A 37 -8.25 -8.28 -12.50
CA PHE A 37 -8.65 -7.07 -13.22
C PHE A 37 -8.52 -5.84 -12.33
N MET A 38 -7.44 -5.09 -12.50
CA MET A 38 -7.20 -3.84 -11.76
C MET A 38 -6.19 -2.88 -12.40
N LEU A 39 -6.42 -1.59 -12.15
CA LEU A 39 -5.70 -0.38 -12.54
C LEU A 39 -5.40 0.47 -11.29
N ILE A 40 -4.51 1.45 -11.43
CA ILE A 40 -4.12 2.43 -10.40
C ILE A 40 -4.29 3.82 -11.02
N THR A 41 -4.92 4.74 -10.29
CA THR A 41 -5.13 6.14 -10.73
C THR A 41 -5.08 7.12 -9.56
N ASN A 42 -5.11 8.42 -9.85
CA ASN A 42 -5.09 9.55 -8.89
C ASN A 42 -3.89 9.58 -7.93
N LYS A 43 -2.88 8.73 -8.20
CA LYS A 43 -1.65 8.53 -7.44
C LYS A 43 -0.89 9.82 -7.12
N SER A 44 -0.87 10.15 -5.84
CA SER A 44 -0.17 11.31 -5.29
C SER A 44 1.08 10.91 -4.50
N LEU A 45 2.02 11.87 -4.40
CA LEU A 45 3.27 11.76 -3.66
C LEU A 45 3.55 13.08 -2.93
N LYS A 46 4.01 12.96 -1.68
CA LYS A 46 4.33 14.07 -0.77
C LYS A 46 5.68 13.87 -0.12
N GLU A 47 6.40 14.96 0.15
CA GLU A 47 7.69 14.88 0.84
C GLU A 47 7.82 16.02 1.87
N GLU A 48 7.91 15.66 3.16
CA GLU A 48 8.15 16.59 4.27
C GLU A 48 9.44 16.30 5.05
N ASP A 49 10.36 17.24 5.13
CA ASP A 49 11.59 17.19 5.97
C ASP A 49 12.43 15.88 5.96
N GLY A 50 12.28 15.04 4.93
CA GLY A 50 12.94 13.73 4.78
C GLY A 50 11.94 12.56 4.69
N GLU A 51 10.71 12.74 5.18
CA GLU A 51 9.61 11.79 5.07
C GLU A 51 9.07 11.80 3.64
N GLU A 52 8.78 10.63 3.08
CA GLU A 52 8.19 10.43 1.76
C GLU A 52 6.84 9.73 1.93
N ILE A 53 5.78 10.26 1.32
CA ILE A 53 4.43 9.72 1.42
C ILE A 53 3.90 9.42 0.01
N VAL A 54 3.21 8.29 -0.16
CA VAL A 54 2.58 7.87 -1.41
C VAL A 54 1.16 7.43 -1.12
N THR A 55 0.18 8.12 -1.71
CA THR A 55 -1.25 7.78 -1.58
C THR A 55 -1.90 7.52 -2.93
N TYR A 56 -2.69 6.45 -3.08
CA TYR A 56 -3.38 6.11 -4.33
C TYR A 56 -4.66 5.28 -4.11
N ASP A 57 -5.24 4.78 -5.20
CA ASP A 57 -6.46 3.99 -5.21
C ASP A 57 -6.32 2.88 -6.27
N HIS A 58 -7.11 1.81 -6.12
CA HIS A 58 -7.18 0.68 -7.04
C HIS A 58 -8.56 0.70 -7.72
N LEU A 59 -8.64 0.39 -9.01
CA LEU A 59 -9.86 0.44 -9.82
C LEU A 59 -10.02 -0.83 -10.64
N CYS A 60 -11.23 -1.39 -10.63
CA CYS A 60 -11.58 -2.58 -11.40
C CYS A 60 -11.36 -2.34 -12.90
N LYS A 61 -10.55 -3.17 -13.57
CA LYS A 61 -10.32 -3.04 -15.03
C LYS A 61 -11.61 -3.25 -15.85
N ASN A 62 -12.68 -3.76 -15.23
CA ASN A 62 -13.96 -4.02 -15.88
C ASN A 62 -14.94 -2.86 -15.66
N CYS A 63 -15.40 -2.63 -14.43
CA CYS A 63 -16.38 -1.60 -14.08
C CYS A 63 -15.77 -0.25 -13.65
N HIS A 64 -14.44 -0.17 -13.49
CA HIS A 64 -13.68 1.02 -13.03
C HIS A 64 -14.16 1.63 -11.71
N HIS A 65 -14.87 0.83 -10.92
CA HIS A 65 -15.24 1.12 -9.54
C HIS A 65 -13.95 1.08 -8.70
N VAL A 66 -13.86 1.92 -7.66
CA VAL A 66 -12.68 1.93 -6.76
C VAL A 66 -12.74 0.72 -5.82
N ILE A 67 -11.91 -0.28 -6.11
CA ILE A 67 -11.77 -1.53 -5.34
C ILE A 67 -11.32 -1.25 -3.90
N ALA A 68 -10.30 -0.39 -3.75
CA ALA A 68 -9.67 -0.07 -2.47
C ALA A 68 -8.84 1.23 -2.53
N ARG A 69 -8.41 1.73 -1.36
CA ARG A 69 -7.52 2.88 -1.18
C ARG A 69 -6.23 2.41 -0.51
N HIS A 70 -5.11 2.97 -0.96
CA HIS A 70 -3.75 2.64 -0.51
C HIS A 70 -2.98 3.86 0.00
N GLU A 71 -2.23 3.68 1.07
CA GLU A 71 -1.35 4.68 1.65
C GLU A 71 -0.05 3.99 2.11
N TYR A 72 1.09 4.56 1.74
CA TYR A 72 2.41 4.14 2.17
C TYR A 72 3.14 5.41 2.62
N THR A 73 3.67 5.41 3.83
CA THR A 73 4.41 6.56 4.38
C THR A 73 5.75 6.08 4.91
N PHE A 74 6.82 6.80 4.61
CA PHE A 74 8.18 6.46 5.02
C PHE A 74 8.85 7.68 5.68
N SER A 75 9.39 7.54 6.90
CA SER A 75 10.01 8.61 7.71
C SER A 75 11.41 8.28 8.20
N ILE A 76 12.31 9.26 8.25
CA ILE A 76 13.67 9.08 8.82
C ILE A 76 13.79 9.86 10.13
N MET A 77 14.11 9.15 11.23
CA MET A 77 14.31 9.72 12.57
C MET A 77 15.73 9.50 13.12
N ASP A 78 16.48 10.58 13.34
CA ASP A 78 17.84 10.65 13.92
C ASP A 78 18.90 9.69 13.32
N GLU A 79 18.81 8.39 13.62
CA GLU A 79 19.71 7.32 13.16
C GLU A 79 18.94 6.10 12.61
N PHE A 80 17.61 6.19 12.44
CA PHE A 80 16.83 5.04 12.00
C PHE A 80 15.87 5.47 10.88
N GLN A 81 15.24 4.49 10.25
CA GLN A 81 14.23 4.65 9.22
C GLN A 81 12.94 3.97 9.66
N GLU A 82 11.80 4.56 9.32
CA GLU A 82 10.45 4.09 9.64
C GLU A 82 9.66 3.90 8.36
N TYR A 83 9.03 2.74 8.24
CA TYR A 83 8.21 2.35 7.10
C TYR A 83 6.82 2.01 7.61
N THR A 84 5.78 2.57 6.99
CA THR A 84 4.40 2.26 7.34
C THR A 84 3.55 2.16 6.06
N MET A 85 2.61 1.23 6.05
CA MET A 85 1.66 1.00 4.95
C MET A 85 0.28 0.71 5.53
N LEU A 86 -0.74 1.17 4.81
CA LEU A 86 -2.16 1.04 5.14
C LEU A 86 -3.01 1.03 3.86
N CYS A 87 -3.51 -0.14 3.48
CA CYS A 87 -4.36 -0.38 2.32
C CYS A 87 -5.43 -1.43 2.66
N LEU A 88 -6.67 -1.20 2.24
CA LEU A 88 -7.80 -2.12 2.41
C LEU A 88 -7.51 -3.47 1.73
N LEU A 89 -6.81 -3.48 0.61
CA LEU A 89 -6.44 -4.68 -0.15
C LEU A 89 -5.03 -5.14 0.21
N CYS A 90 -4.03 -4.32 -0.07
CA CYS A 90 -2.63 -4.67 0.09
C CYS A 90 -2.22 -4.96 1.53
N GLY A 91 -2.77 -4.20 2.49
CA GLY A 91 -2.58 -4.46 3.92
C GLY A 91 -2.11 -3.31 4.79
N LYS A 92 -2.06 -3.57 6.10
CA LYS A 92 -1.54 -2.66 7.13
C LYS A 92 -0.27 -3.24 7.75
N ALA A 93 0.84 -2.54 7.60
CA ALA A 93 2.15 -2.95 8.09
C ALA A 93 3.02 -1.78 8.60
N GLU A 94 3.99 -2.07 9.46
CA GLU A 94 4.96 -1.09 9.97
C GLU A 94 6.29 -1.78 10.32
N ASP A 95 7.42 -1.15 9.96
CA ASP A 95 8.79 -1.61 10.19
C ASP A 95 9.73 -0.45 10.56
N THR A 96 10.80 -0.72 11.31
CA THR A 96 11.82 0.29 11.62
C THR A 96 13.22 -0.33 11.49
N ILE A 97 14.15 0.39 10.81
CA ILE A 97 15.52 -0.06 10.53
C ILE A 97 16.54 0.93 11.09
N SER A 98 17.49 0.48 11.89
CA SER A 98 18.58 1.35 12.37
C SER A 98 19.67 1.45 11.29
N ILE A 99 20.18 2.66 11.07
CA ILE A 99 21.20 2.96 10.04
C ILE A 99 22.35 3.84 10.58
N LEU A 100 23.33 4.11 9.72
CA LEU A 100 24.55 4.88 10.00
C LEU A 100 24.92 5.76 8.79
N PRO A 101 25.78 6.78 8.95
CA PRO A 101 26.24 7.62 7.82
C PRO A 101 27.02 6.84 6.75
N ASP A 102 27.48 5.62 7.06
CA ASP A 102 28.13 4.69 6.14
C ASP A 102 27.15 4.00 5.15
N ASP A 103 25.85 4.31 5.26
CA ASP A 103 24.74 3.79 4.46
C ASP A 103 24.64 2.23 4.39
N PRO A 104 24.46 1.54 5.54
CA PRO A 104 24.36 0.08 5.60
C PRO A 104 23.05 -0.48 5.02
N ARG A 105 21.97 0.34 4.98
CA ARG A 105 20.62 0.05 4.44
C ARG A 105 20.00 -1.33 4.78
N GLN A 106 20.39 -1.94 5.90
CA GLN A 106 19.93 -3.27 6.34
C GLN A 106 18.40 -3.43 6.33
ZN ZN B . -15.71 -4.22 -6.16
ZN ZN C . -15.66 -4.70 -10.64
ZN ZN D . -3.14 -1.41 -2.07
N CYS A 1 -15.38 -2.42 -3.08
CA CYS A 1 -16.61 -2.45 -2.32
C CYS A 1 -16.45 -3.16 -0.95
N GLY A 2 -15.21 -3.46 -0.56
CA GLY A 2 -14.81 -4.18 0.66
C GLY A 2 -15.09 -5.67 0.54
N ASP A 3 -16.17 -6.06 -0.15
CA ASP A 3 -16.44 -7.45 -0.53
C ASP A 3 -15.38 -7.92 -1.55
N CYS A 4 -14.65 -6.99 -2.19
CA CYS A 4 -13.54 -7.24 -3.10
C CYS A 4 -12.35 -7.94 -2.40
N VAL A 5 -12.17 -7.77 -1.08
CA VAL A 5 -11.00 -8.29 -0.33
C VAL A 5 -11.39 -9.43 0.63
N GLU A 6 -10.57 -10.46 0.75
CA GLU A 6 -10.75 -11.60 1.66
C GLU A 6 -10.67 -11.13 3.13
N LYS A 7 -9.72 -10.24 3.42
CA LYS A 7 -9.48 -9.62 4.73
C LYS A 7 -9.30 -8.11 4.53
N GLU A 8 -9.84 -7.31 5.46
CA GLU A 8 -9.66 -5.85 5.47
C GLU A 8 -8.31 -5.50 6.11
N TYR A 9 -7.43 -4.78 5.40
CA TYR A 9 -6.10 -4.36 5.86
C TYR A 9 -5.29 -5.52 6.49
N PRO A 10 -5.03 -6.61 5.73
CA PRO A 10 -4.28 -7.77 6.23
C PRO A 10 -2.85 -7.39 6.61
N ASN A 11 -2.26 -8.03 7.63
CA ASN A 11 -0.85 -7.76 7.95
C ASN A 11 0.06 -8.50 6.95
N ARG A 12 1.21 -7.90 6.60
CA ARG A 12 2.13 -8.41 5.57
C ARG A 12 3.54 -8.74 6.07
N GLY A 13 3.66 -9.11 7.36
CA GLY A 13 4.96 -9.45 7.96
C GLY A 13 5.94 -8.28 7.89
N ASN A 14 5.45 -7.08 8.21
CA ASN A 14 6.18 -5.81 8.21
C ASN A 14 6.62 -5.31 6.80
N THR A 15 5.94 -5.74 5.71
CA THR A 15 6.26 -5.32 4.32
C THR A 15 5.50 -4.04 3.95
N CYS A 16 6.20 -2.95 3.59
CA CYS A 16 5.59 -1.66 3.22
C CYS A 16 6.01 -1.25 1.80
N LEU A 17 5.07 -1.28 0.84
CA LEU A 17 5.26 -1.02 -0.59
C LEU A 17 4.44 0.17 -1.10
N GLU A 18 5.03 0.89 -2.06
CA GLU A 18 4.46 2.02 -2.79
C GLU A 18 3.80 1.62 -4.12
N ASN A 19 3.88 0.35 -4.53
CA ASN A 19 3.32 -0.17 -5.78
C ASN A 19 2.86 -1.63 -5.69
N GLY A 20 1.88 -2.00 -6.53
CA GLY A 20 1.32 -3.36 -6.65
C GLY A 20 -0.18 -3.45 -6.35
N SER A 21 -0.69 -4.69 -6.36
CA SER A 21 -2.08 -5.09 -6.05
C SER A 21 -2.06 -6.52 -5.50
N PHE A 22 -2.49 -6.74 -4.27
CA PHE A 22 -2.42 -8.03 -3.58
C PHE A 22 -3.45 -9.09 -4.02
N LEU A 23 -3.19 -9.69 -5.18
CA LEU A 23 -4.04 -10.72 -5.82
C LEU A 23 -4.44 -11.91 -4.93
N LEU A 24 -3.64 -12.24 -3.91
CA LEU A 24 -3.92 -13.30 -2.93
C LEU A 24 -5.00 -12.91 -1.90
N ASN A 25 -5.32 -11.62 -1.75
CA ASN A 25 -6.38 -11.09 -0.89
C ASN A 25 -7.58 -10.66 -1.75
N PHE A 26 -7.36 -10.17 -2.97
CA PHE A 26 -8.44 -9.78 -3.88
C PHE A 26 -9.27 -11.01 -4.31
N THR A 27 -10.47 -11.17 -3.77
CA THR A 27 -11.38 -12.29 -4.10
C THR A 27 -12.15 -12.06 -5.40
N GLY A 28 -12.00 -10.88 -5.99
CA GLY A 28 -12.73 -10.42 -7.17
C GLY A 28 -13.82 -9.44 -6.74
N CYS A 29 -14.13 -8.48 -7.61
CA CYS A 29 -15.09 -7.41 -7.38
C CYS A 29 -16.48 -7.90 -6.94
N ALA A 30 -17.27 -6.97 -6.44
CA ALA A 30 -18.67 -7.19 -6.10
C ALA A 30 -19.61 -6.18 -6.80
N VAL A 31 -19.09 -5.11 -7.42
CA VAL A 31 -19.90 -4.22 -8.26
C VAL A 31 -20.24 -4.93 -9.57
N CYS A 32 -19.32 -5.75 -10.09
CA CYS A 32 -19.45 -6.49 -11.36
C CYS A 32 -19.09 -7.99 -11.32
N SER A 33 -18.39 -8.47 -10.28
CA SER A 33 -17.98 -9.88 -10.06
C SER A 33 -16.71 -10.34 -10.81
N LYS A 34 -15.78 -9.44 -11.20
CA LYS A 34 -14.52 -9.79 -11.91
C LYS A 34 -13.31 -9.95 -10.99
N ARG A 35 -12.46 -10.96 -11.25
CA ARG A 35 -11.18 -11.23 -10.55
C ARG A 35 -10.01 -11.03 -11.54
N ASP A 36 -8.79 -10.85 -11.03
CA ASP A 36 -7.55 -10.56 -11.79
C ASP A 36 -7.65 -9.37 -12.77
N PHE A 37 -8.55 -8.45 -12.43
CA PHE A 37 -8.93 -7.23 -13.15
C PHE A 37 -8.75 -6.00 -12.27
N MET A 38 -7.63 -5.30 -12.46
CA MET A 38 -7.33 -4.05 -11.74
C MET A 38 -6.25 -3.18 -12.40
N LEU A 39 -6.42 -1.87 -12.18
CA LEU A 39 -5.62 -0.72 -12.59
C LEU A 39 -5.29 0.13 -11.35
N ILE A 40 -4.33 1.06 -11.50
CA ILE A 40 -3.93 2.03 -10.48
C ILE A 40 -3.99 3.41 -11.15
N THR A 41 -4.58 4.38 -10.45
CA THR A 41 -4.68 5.77 -10.93
C THR A 41 -4.67 6.75 -9.76
N ASN A 42 -4.71 8.05 -10.08
CA ASN A 42 -4.83 9.15 -9.11
C ASN A 42 -3.70 9.17 -8.04
N LYS A 43 -2.59 8.47 -8.34
CA LYS A 43 -1.38 8.34 -7.51
C LYS A 43 -0.75 9.69 -7.18
N SER A 44 -0.77 10.04 -5.90
CA SER A 44 -0.17 11.24 -5.33
C SER A 44 1.08 10.91 -4.51
N LEU A 45 1.96 11.90 -4.37
CA LEU A 45 3.20 11.83 -3.60
C LEU A 45 3.42 13.15 -2.85
N LYS A 46 3.86 13.03 -1.60
CA LYS A 46 4.11 14.13 -0.65
C LYS A 46 5.46 13.98 0.02
N GLU A 47 6.12 15.09 0.32
CA GLU A 47 7.41 15.05 1.04
C GLU A 47 7.51 16.17 2.10
N GLU A 48 7.62 15.79 3.38
CA GLU A 48 7.86 16.68 4.52
C GLU A 48 9.16 16.40 5.28
N ASP A 49 10.07 17.37 5.37
CA ASP A 49 11.31 17.32 6.19
C ASP A 49 12.18 16.04 6.15
N GLY A 50 12.04 15.21 5.10
CA GLY A 50 12.73 13.92 4.92
C GLY A 50 11.76 12.73 4.81
N GLU A 51 10.53 12.88 5.30
CA GLU A 51 9.44 11.90 5.18
C GLU A 51 8.92 11.93 3.75
N GLU A 52 8.67 10.75 3.17
CA GLU A 52 8.09 10.56 1.84
C GLU A 52 6.76 9.83 1.99
N ILE A 53 5.70 10.34 1.37
CA ILE A 53 4.35 9.77 1.44
C ILE A 53 3.86 9.47 0.03
N VAL A 54 3.20 8.32 -0.15
CA VAL A 54 2.61 7.88 -1.42
C VAL A 54 1.19 7.40 -1.16
N THR A 55 0.20 8.06 -1.76
CA THR A 55 -1.22 7.67 -1.66
C THR A 55 -1.83 7.41 -3.03
N TYR A 56 -2.60 6.33 -3.19
CA TYR A 56 -3.25 5.97 -4.47
C TYR A 56 -4.54 5.13 -4.28
N ASP A 57 -5.07 4.58 -5.36
CA ASP A 57 -6.27 3.76 -5.38
C ASP A 57 -6.11 2.60 -6.36
N HIS A 58 -6.90 1.56 -6.16
CA HIS A 58 -7.02 0.41 -7.06
C HIS A 58 -8.40 0.54 -7.72
N LEU A 59 -8.49 0.25 -9.01
CA LEU A 59 -9.71 0.41 -9.81
C LEU A 59 -9.95 -0.84 -10.66
N CYS A 60 -11.17 -1.36 -10.63
CA CYS A 60 -11.58 -2.54 -11.39
C CYS A 60 -11.36 -2.33 -12.90
N LYS A 61 -10.61 -3.21 -13.58
CA LYS A 61 -10.38 -3.12 -15.02
C LYS A 61 -11.70 -3.27 -15.82
N ASN A 62 -12.78 -3.74 -15.19
CA ASN A 62 -14.09 -3.94 -15.81
C ASN A 62 -15.01 -2.74 -15.61
N CYS A 63 -15.43 -2.45 -14.37
CA CYS A 63 -16.34 -1.35 -14.04
C CYS A 63 -15.66 -0.04 -13.60
N HIS A 64 -14.33 -0.02 -13.45
CA HIS A 64 -13.51 1.12 -12.99
C HIS A 64 -13.96 1.75 -11.66
N HIS A 65 -14.71 0.99 -10.87
CA HIS A 65 -15.06 1.31 -9.50
C HIS A 65 -13.77 1.22 -8.65
N VAL A 66 -13.64 2.06 -7.62
CA VAL A 66 -12.48 2.02 -6.72
C VAL A 66 -12.59 0.80 -5.79
N ILE A 67 -11.80 -0.23 -6.10
CA ILE A 67 -11.72 -1.49 -5.34
C ILE A 67 -11.26 -1.25 -3.90
N ALA A 68 -10.22 -0.41 -3.75
CA ALA A 68 -9.58 -0.11 -2.47
C ALA A 68 -8.70 1.16 -2.57
N ARG A 69 -8.33 1.72 -1.42
CA ARG A 69 -7.39 2.85 -1.27
C ARG A 69 -6.12 2.35 -0.60
N HIS A 70 -4.98 2.88 -1.05
CA HIS A 70 -3.63 2.53 -0.60
C HIS A 70 -2.87 3.74 -0.09
N GLU A 71 -2.15 3.57 1.00
CA GLU A 71 -1.29 4.59 1.58
C GLU A 71 0.01 3.92 2.05
N TYR A 72 1.14 4.51 1.68
CA TYR A 72 2.48 4.13 2.11
C TYR A 72 3.17 5.40 2.59
N THR A 73 3.69 5.40 3.80
CA THR A 73 4.39 6.56 4.36
C THR A 73 5.75 6.10 4.90
N PHE A 74 6.80 6.86 4.62
CA PHE A 74 8.17 6.54 5.04
C PHE A 74 8.80 7.77 5.73
N SER A 75 9.33 7.61 6.94
CA SER A 75 9.91 8.69 7.78
C SER A 75 11.32 8.39 8.28
N ILE A 76 12.19 9.39 8.35
CA ILE A 76 13.55 9.24 8.93
C ILE A 76 13.63 9.99 10.26
N MET A 77 13.97 9.28 11.35
CA MET A 77 14.15 9.83 12.69
C MET A 77 15.57 9.64 13.26
N ASP A 78 16.30 10.73 13.49
CA ASP A 78 17.66 10.82 14.07
C ASP A 78 18.74 9.90 13.45
N GLU A 79 18.69 8.60 13.73
CA GLU A 79 19.61 7.55 13.24
C GLU A 79 18.87 6.33 12.69
N PHE A 80 17.55 6.38 12.53
CA PHE A 80 16.78 5.22 12.08
C PHE A 80 15.82 5.64 10.95
N GLN A 81 15.21 4.65 10.31
CA GLN A 81 14.20 4.82 9.27
C GLN A 81 12.93 4.09 9.67
N GLU A 82 11.78 4.66 9.34
CA GLU A 82 10.45 4.15 9.65
C GLU A 82 9.67 3.95 8.35
N TYR A 83 9.09 2.78 8.21
CA TYR A 83 8.27 2.38 7.06
C TYR A 83 6.89 2.01 7.55
N THR A 84 5.84 2.56 6.94
CA THR A 84 4.46 2.22 7.28
C THR A 84 3.62 2.12 6.01
N MET A 85 2.69 1.18 5.98
CA MET A 85 1.75 0.94 4.89
C MET A 85 0.37 0.64 5.48
N LEU A 86 -0.65 1.10 4.76
CA LEU A 86 -2.07 0.96 5.10
C LEU A 86 -2.92 0.95 3.82
N CYS A 87 -3.42 -0.22 3.43
CA CYS A 87 -4.27 -0.46 2.28
C CYS A 87 -5.34 -1.51 2.63
N LEU A 88 -6.58 -1.26 2.22
CA LEU A 88 -7.71 -2.18 2.40
C LEU A 88 -7.46 -3.54 1.72
N LEU A 89 -6.77 -3.55 0.59
CA LEU A 89 -6.42 -4.75 -0.17
C LEU A 89 -5.02 -5.24 0.17
N CYS A 90 -4.00 -4.44 -0.10
CA CYS A 90 -2.61 -4.82 0.04
C CYS A 90 -2.21 -5.10 1.49
N GLY A 91 -2.72 -4.32 2.44
CA GLY A 91 -2.52 -4.56 3.87
C GLY A 91 -2.02 -3.41 4.73
N LYS A 92 -1.95 -3.67 6.04
CA LYS A 92 -1.41 -2.77 7.06
C LYS A 92 -0.15 -3.36 7.67
N ALA A 93 0.97 -2.66 7.50
CA ALA A 93 2.28 -3.07 8.01
C ALA A 93 3.14 -1.89 8.48
N GLU A 94 4.12 -2.15 9.36
CA GLU A 94 5.08 -1.16 9.87
C GLU A 94 6.42 -1.83 10.21
N ASP A 95 7.53 -1.19 9.85
CA ASP A 95 8.91 -1.64 10.10
C ASP A 95 9.83 -0.46 10.46
N THR A 96 10.89 -0.69 11.22
CA THR A 96 11.90 0.33 11.55
C THR A 96 13.32 -0.24 11.41
N ILE A 97 14.24 0.53 10.80
CA ILE A 97 15.62 0.13 10.53
C ILE A 97 16.59 1.13 11.16
N SER A 98 17.50 0.66 11.99
CA SER A 98 18.56 1.49 12.57
C SER A 98 19.72 1.59 11.56
N ILE A 99 20.20 2.82 11.30
CA ILE A 99 21.23 3.09 10.28
C ILE A 99 22.35 4.01 10.79
N LEU A 100 23.37 4.20 9.93
CA LEU A 100 24.55 5.02 10.13
C LEU A 100 24.73 5.93 8.89
N PRO A 101 25.50 7.04 8.96
CA PRO A 101 25.73 7.93 7.83
C PRO A 101 26.42 7.23 6.63
N ASP A 102 27.07 6.09 6.86
CA ASP A 102 27.70 5.24 5.84
C ASP A 102 26.69 4.39 5.03
N ASP A 103 25.39 4.43 5.40
CA ASP A 103 24.27 3.69 4.80
C ASP A 103 24.49 2.16 4.69
N PRO A 104 24.34 1.40 5.80
CA PRO A 104 24.64 -0.03 5.87
C PRO A 104 23.67 -0.99 5.16
N ARG A 105 22.48 -0.53 4.72
CA ARG A 105 21.44 -1.34 4.05
C ARG A 105 21.19 -2.71 4.74
N GLN A 106 20.71 -2.66 5.99
CA GLN A 106 20.43 -3.84 6.84
C GLN A 106 19.71 -4.98 6.09
ZN ZN B . -15.68 -4.04 -6.15
ZN ZN C . -15.75 -4.48 -10.63
ZN ZN D . -3.03 -1.55 -2.08
N CYS A 1 -15.50 -2.51 -3.11
CA CYS A 1 -16.72 -2.60 -2.33
C CYS A 1 -16.54 -3.32 -0.98
N GLY A 2 -15.28 -3.60 -0.60
CA GLY A 2 -14.86 -4.31 0.61
C GLY A 2 -15.10 -5.82 0.50
N ASP A 3 -16.18 -6.23 -0.19
CA ASP A 3 -16.40 -7.63 -0.55
C ASP A 3 -15.31 -8.11 -1.54
N CYS A 4 -14.62 -7.17 -2.21
CA CYS A 4 -13.49 -7.41 -3.10
C CYS A 4 -12.28 -8.06 -2.41
N VAL A 5 -12.12 -7.87 -1.08
CA VAL A 5 -10.95 -8.33 -0.31
C VAL A 5 -11.34 -9.46 0.68
N GLU A 6 -10.50 -10.49 0.82
CA GLU A 6 -10.70 -11.62 1.75
C GLU A 6 -10.66 -11.13 3.22
N LYS A 7 -9.75 -10.19 3.53
CA LYS A 7 -9.59 -9.52 4.82
C LYS A 7 -9.37 -8.03 4.59
N GLU A 8 -9.91 -7.19 5.48
CA GLU A 8 -9.72 -5.74 5.47
C GLU A 8 -8.38 -5.39 6.13
N TYR A 9 -7.51 -4.65 5.42
CA TYR A 9 -6.18 -4.23 5.89
C TYR A 9 -5.38 -5.37 6.56
N PRO A 10 -5.11 -6.48 5.83
CA PRO A 10 -4.39 -7.63 6.35
C PRO A 10 -2.95 -7.27 6.75
N ASN A 11 -2.41 -7.87 7.80
CA ASN A 11 -1.01 -7.62 8.18
C ASN A 11 -0.08 -8.39 7.22
N ARG A 12 1.06 -7.81 6.85
CA ARG A 12 2.01 -8.38 5.86
C ARG A 12 3.41 -8.67 6.42
N GLY A 13 3.50 -9.00 7.70
CA GLY A 13 4.77 -9.30 8.39
C GLY A 13 5.80 -8.16 8.26
N ASN A 14 5.30 -6.93 8.32
CA ASN A 14 6.01 -5.64 8.23
C ASN A 14 6.32 -5.15 6.78
N THR A 15 5.81 -5.82 5.74
CA THR A 15 6.05 -5.42 4.33
C THR A 15 5.32 -4.13 3.97
N CYS A 16 6.03 -3.04 3.64
CA CYS A 16 5.46 -1.73 3.29
C CYS A 16 5.89 -1.33 1.86
N LEU A 17 4.95 -1.34 0.91
CA LEU A 17 5.16 -1.08 -0.52
C LEU A 17 4.38 0.14 -1.05
N GLU A 18 5.00 0.83 -1.99
CA GLU A 18 4.45 1.98 -2.73
C GLU A 18 3.83 1.58 -4.07
N ASN A 19 3.94 0.32 -4.50
CA ASN A 19 3.43 -0.16 -5.81
C ASN A 19 2.85 -1.59 -5.74
N GLY A 20 1.96 -1.90 -6.71
CA GLY A 20 1.35 -3.22 -6.91
C GLY A 20 -0.14 -3.34 -6.52
N SER A 21 -0.60 -4.58 -6.44
CA SER A 21 -1.96 -5.01 -6.06
C SER A 21 -1.85 -6.41 -5.45
N PHE A 22 -2.48 -6.64 -4.28
CA PHE A 22 -2.37 -7.91 -3.55
C PHE A 22 -3.39 -8.98 -3.97
N LEU A 23 -3.16 -9.61 -5.12
CA LEU A 23 -4.03 -10.62 -5.72
C LEU A 23 -4.38 -11.82 -4.81
N LEU A 24 -3.54 -12.15 -3.81
CA LEU A 24 -3.82 -13.20 -2.83
C LEU A 24 -4.92 -12.82 -1.82
N ASN A 25 -5.23 -11.53 -1.66
CA ASN A 25 -6.32 -11.01 -0.81
C ASN A 25 -7.51 -10.62 -1.69
N PHE A 26 -7.27 -10.11 -2.90
CA PHE A 26 -8.36 -9.78 -3.84
C PHE A 26 -9.08 -11.05 -4.27
N THR A 27 -10.33 -11.22 -3.85
CA THR A 27 -11.18 -12.38 -4.20
C THR A 27 -12.01 -12.13 -5.47
N GLY A 28 -11.79 -10.98 -6.11
CA GLY A 28 -12.54 -10.50 -7.26
C GLY A 28 -13.65 -9.55 -6.79
N CYS A 29 -14.02 -8.60 -7.65
CA CYS A 29 -15.01 -7.57 -7.39
C CYS A 29 -16.37 -8.10 -6.91
N ALA A 30 -17.19 -7.17 -6.47
CA ALA A 30 -18.60 -7.42 -6.13
C ALA A 30 -19.55 -6.45 -6.85
N VAL A 31 -19.05 -5.37 -7.48
CA VAL A 31 -19.88 -4.50 -8.32
C VAL A 31 -20.19 -5.23 -9.65
N CYS A 32 -19.24 -6.02 -10.17
CA CYS A 32 -19.33 -6.78 -11.41
C CYS A 32 -18.91 -8.27 -11.34
N SER A 33 -18.19 -8.69 -10.29
CA SER A 33 -17.70 -10.06 -10.05
C SER A 33 -16.41 -10.48 -10.80
N LYS A 34 -15.62 -9.56 -11.38
CA LYS A 34 -14.37 -9.89 -12.09
C LYS A 34 -13.17 -10.09 -11.15
N ARG A 35 -12.22 -10.95 -11.52
CA ARG A 35 -10.95 -11.21 -10.81
C ARG A 35 -9.76 -10.99 -11.76
N ASP A 36 -8.55 -10.82 -11.24
CA ASP A 36 -7.31 -10.50 -11.98
C ASP A 36 -7.41 -9.27 -12.92
N PHE A 37 -8.32 -8.38 -12.56
CA PHE A 37 -8.70 -7.14 -13.24
C PHE A 37 -8.55 -5.92 -12.32
N MET A 38 -7.47 -5.18 -12.49
CA MET A 38 -7.21 -3.93 -11.75
C MET A 38 -6.17 -2.98 -12.39
N LEU A 39 -6.39 -1.69 -12.12
CA LEU A 39 -5.65 -0.47 -12.50
C LEU A 39 -5.33 0.37 -11.26
N ILE A 40 -4.45 1.37 -11.41
CA ILE A 40 -4.07 2.35 -10.39
C ILE A 40 -4.23 3.74 -11.02
N THR A 41 -4.84 4.67 -10.30
CA THR A 41 -5.05 6.06 -10.76
C THR A 41 -5.01 7.06 -9.60
N ASN A 42 -5.05 8.35 -9.90
CA ASN A 42 -5.05 9.50 -8.96
C ASN A 42 -3.84 9.55 -7.98
N LYS A 43 -2.82 8.72 -8.26
CA LYS A 43 -1.59 8.53 -7.49
C LYS A 43 -0.85 9.82 -7.15
N SER A 44 -0.83 10.15 -5.88
CA SER A 44 -0.16 11.31 -5.31
C SER A 44 1.10 10.93 -4.52
N LEU A 45 2.01 11.89 -4.40
CA LEU A 45 3.27 11.79 -3.65
C LEU A 45 3.52 13.11 -2.90
N LYS A 46 3.96 13.01 -1.65
CA LYS A 46 4.26 14.11 -0.73
C LYS A 46 5.61 13.93 -0.06
N GLU A 47 6.30 15.02 0.22
CA GLU A 47 7.59 14.96 0.93
C GLU A 47 7.71 16.08 1.97
N GLU A 48 7.80 15.71 3.25
CA GLU A 48 8.01 16.63 4.38
C GLU A 48 9.30 16.35 5.16
N ASP A 49 10.21 17.31 5.26
CA ASP A 49 11.44 17.27 6.09
C ASP A 49 12.30 15.98 6.08
N GLY A 50 12.17 15.14 5.05
CA GLY A 50 12.84 13.84 4.87
C GLY A 50 11.86 12.66 4.77
N GLU A 51 10.63 12.82 5.26
CA GLU A 51 9.54 11.85 5.14
C GLU A 51 9.01 11.87 3.70
N GLU A 52 8.74 10.70 3.14
CA GLU A 52 8.15 10.52 1.81
C GLU A 52 6.81 9.79 1.96
N ILE A 53 5.75 10.31 1.35
CA ILE A 53 4.40 9.75 1.43
C ILE A 53 3.89 9.44 0.02
N VAL A 54 3.22 8.31 -0.15
CA VAL A 54 2.60 7.89 -1.41
C VAL A 54 1.17 7.44 -1.13
N THR A 55 0.19 8.12 -1.72
CA THR A 55 -1.24 7.78 -1.60
C THR A 55 -1.88 7.53 -2.97
N TYR A 56 -2.67 6.45 -3.11
CA TYR A 56 -3.35 6.11 -4.36
C TYR A 56 -4.62 5.26 -4.14
N ASP A 57 -5.18 4.75 -5.23
CA ASP A 57 -6.41 3.95 -5.24
C ASP A 57 -6.26 2.83 -6.28
N HIS A 58 -7.05 1.77 -6.13
CA HIS A 58 -7.12 0.62 -7.06
C HIS A 58 -8.50 0.65 -7.73
N LEU A 59 -8.57 0.33 -9.02
CA LEU A 59 -9.80 0.40 -9.82
C LEU A 59 -9.99 -0.88 -10.64
N CYS A 60 -11.20 -1.42 -10.62
CA CYS A 60 -11.57 -2.60 -11.39
C CYS A 60 -11.36 -2.37 -12.90
N LYS A 61 -10.56 -3.19 -13.57
CA LYS A 61 -10.32 -3.05 -15.03
C LYS A 61 -11.62 -3.24 -15.84
N ASN A 62 -12.69 -3.76 -15.23
CA ASN A 62 -13.98 -4.00 -15.86
C ASN A 62 -14.95 -2.82 -15.65
N CYS A 63 -15.40 -2.61 -14.42
CA CYS A 63 -16.37 -1.56 -14.06
C CYS A 63 -15.73 -0.20 -13.63
N HIS A 64 -14.40 -0.14 -13.47
CA HIS A 64 -13.63 1.04 -13.02
C HIS A 64 -14.10 1.66 -11.70
N HIS A 65 -14.81 0.86 -10.91
CA HIS A 65 -15.18 1.16 -9.54
C HIS A 65 -13.89 1.11 -8.69
N VAL A 66 -13.78 1.93 -7.64
CA VAL A 66 -12.61 1.92 -6.75
C VAL A 66 -12.68 0.70 -5.82
N ILE A 67 -11.84 -0.30 -6.10
CA ILE A 67 -11.73 -1.55 -5.33
C ILE A 67 -11.27 -1.27 -3.89
N ALA A 68 -10.26 -0.41 -3.75
CA ALA A 68 -9.63 -0.08 -2.47
C ALA A 68 -8.79 1.21 -2.54
N ARG A 69 -8.39 1.74 -1.37
CA ARG A 69 -7.49 2.88 -1.20
C ARG A 69 -6.19 2.41 -0.53
N HIS A 70 -5.07 2.96 -0.99
CA HIS A 70 -3.71 2.62 -0.55
C HIS A 70 -2.95 3.84 -0.04
N GLU A 71 -2.21 3.67 1.05
CA GLU A 71 -1.33 4.68 1.61
C GLU A 71 -0.05 4.00 2.09
N TYR A 72 1.09 4.57 1.72
CA TYR A 72 2.42 4.16 2.16
C TYR A 72 3.14 5.42 2.62
N THR A 73 3.67 5.44 3.83
CA THR A 73 4.39 6.58 4.38
C THR A 73 5.74 6.10 4.91
N PHE A 74 6.81 6.83 4.61
CA PHE A 74 8.18 6.51 5.01
C PHE A 74 8.83 7.72 5.70
N SER A 75 9.38 7.57 6.90
CA SER A 75 9.98 8.64 7.73
C SER A 75 11.39 8.32 8.22
N ILE A 76 12.29 9.31 8.28
CA ILE A 76 13.64 9.11 8.85
C ILE A 76 13.77 9.86 10.19
N MET A 77 14.09 9.13 11.26
CA MET A 77 14.30 9.67 12.61
C MET A 77 15.72 9.44 13.17
N ASP A 78 16.47 10.51 13.42
CA ASP A 78 17.82 10.58 14.03
C ASP A 78 18.91 9.66 13.45
N GLU A 79 18.79 8.34 13.62
CA GLU A 79 19.71 7.29 13.13
C GLU A 79 18.96 6.11 12.53
N PHE A 80 17.63 6.17 12.39
CA PHE A 80 16.85 5.03 11.92
C PHE A 80 15.88 5.48 10.82
N GLN A 81 15.25 4.50 10.17
CA GLN A 81 14.23 4.70 9.16
C GLN A 81 12.95 3.99 9.57
N GLU A 82 11.81 4.58 9.27
CA GLU A 82 10.46 4.10 9.59
C GLU A 82 9.67 3.91 8.31
N TYR A 83 9.05 2.75 8.18
CA TYR A 83 8.22 2.37 7.05
C TYR A 83 6.83 2.02 7.54
N THR A 84 5.79 2.58 6.94
CA THR A 84 4.40 2.26 7.29
C THR A 84 3.56 2.17 6.03
N MET A 85 2.62 1.23 6.01
CA MET A 85 1.68 0.99 4.93
C MET A 85 0.29 0.71 5.50
N LEU A 86 -0.73 1.17 4.79
CA LEU A 86 -2.14 1.04 5.13
C LEU A 86 -3.00 1.03 3.85
N CYS A 87 -3.49 -0.14 3.46
CA CYS A 87 -4.35 -0.38 2.30
C CYS A 87 -5.41 -1.44 2.64
N LEU A 88 -6.65 -1.19 2.22
CA LEU A 88 -7.78 -2.12 2.40
C LEU A 88 -7.51 -3.47 1.73
N LEU A 89 -6.80 -3.49 0.60
CA LEU A 89 -6.45 -4.69 -0.15
C LEU A 89 -5.04 -5.16 0.20
N CYS A 90 -4.04 -4.36 -0.08
CA CYS A 90 -2.64 -4.72 0.07
C CYS A 90 -2.24 -5.00 1.52
N GLY A 91 -2.76 -4.23 2.47
CA GLY A 91 -2.59 -4.49 3.90
C GLY A 91 -2.10 -3.33 4.76
N LYS A 92 -2.03 -3.59 6.07
CA LYS A 92 -1.51 -2.69 7.09
C LYS A 92 -0.23 -3.26 7.70
N ALA A 93 0.87 -2.53 7.55
CA ALA A 93 2.18 -2.92 8.03
C ALA A 93 3.03 -1.75 8.56
N GLU A 94 4.01 -2.05 9.42
CA GLU A 94 5.00 -1.09 9.93
C GLU A 94 6.33 -1.78 10.25
N ASP A 95 7.45 -1.15 9.89
CA ASP A 95 8.82 -1.62 10.13
C ASP A 95 9.76 -0.46 10.47
N THR A 96 10.83 -0.72 11.24
CA THR A 96 11.85 0.29 11.55
C THR A 96 13.25 -0.31 11.41
N ILE A 97 14.17 0.40 10.73
CA ILE A 97 15.54 -0.04 10.44
C ILE A 97 16.56 0.94 11.00
N SER A 98 17.55 0.48 11.76
CA SER A 98 18.64 1.33 12.27
C SER A 98 19.78 1.43 11.25
N ILE A 99 20.24 2.65 10.97
CA ILE A 99 21.27 2.96 9.96
C ILE A 99 22.40 3.88 10.49
N LEU A 100 23.43 4.10 9.68
CA LEU A 100 24.61 4.92 9.98
C LEU A 100 25.07 5.69 8.72
N PRO A 101 25.81 6.80 8.86
CA PRO A 101 26.36 7.56 7.72
C PRO A 101 27.41 6.77 6.91
N ASP A 102 27.94 5.68 7.48
CA ASP A 102 28.90 4.75 6.86
C ASP A 102 28.26 3.80 5.82
N ASP A 103 26.95 3.93 5.56
CA ASP A 103 26.15 3.11 4.62
C ASP A 103 26.23 1.59 4.89
N PRO A 104 25.68 1.12 6.04
CA PRO A 104 25.75 -0.29 6.45
C PRO A 104 24.82 -1.25 5.66
N ARG A 105 23.88 -0.71 4.88
CA ARG A 105 22.89 -1.46 4.05
C ARG A 105 22.14 -2.54 4.86
N GLN A 106 21.74 -2.18 6.07
CA GLN A 106 21.02 -2.97 7.08
C GLN A 106 19.93 -3.88 6.47
ZN ZN B . -15.71 -4.20 -6.15
ZN ZN C . -15.68 -4.67 -10.63
ZN ZN D . -3.10 -1.43 -2.07
N CYS A 1 -15.45 -2.55 -3.17
CA CYS A 1 -16.69 -2.60 -2.40
C CYS A 1 -16.52 -3.28 -1.02
N GLY A 2 -15.27 -3.55 -0.62
CA GLY A 2 -14.86 -4.25 0.61
C GLY A 2 -15.10 -5.76 0.50
N ASP A 3 -16.17 -6.17 -0.19
CA ASP A 3 -16.41 -7.57 -0.56
C ASP A 3 -15.33 -8.03 -1.56
N CYS A 4 -14.64 -7.09 -2.22
CA CYS A 4 -13.51 -7.31 -3.13
C CYS A 4 -12.31 -7.98 -2.43
N VAL A 5 -12.13 -7.77 -1.11
CA VAL A 5 -10.97 -8.27 -0.34
C VAL A 5 -11.36 -9.40 0.63
N GLU A 6 -10.51 -10.43 0.75
CA GLU A 6 -10.69 -11.57 1.67
C GLU A 6 -10.66 -11.09 3.13
N LYS A 7 -9.73 -10.16 3.44
CA LYS A 7 -9.52 -9.52 4.75
C LYS A 7 -9.35 -8.02 4.54
N GLU A 8 -9.90 -7.21 5.45
CA GLU A 8 -9.73 -5.74 5.44
C GLU A 8 -8.39 -5.40 6.10
N TYR A 9 -7.53 -4.67 5.39
CA TYR A 9 -6.18 -4.25 5.87
C TYR A 9 -5.38 -5.41 6.51
N PRO A 10 -5.10 -6.48 5.74
CA PRO A 10 -4.36 -7.64 6.26
C PRO A 10 -2.93 -7.25 6.67
N ASN A 11 -2.38 -7.84 7.73
CA ASN A 11 -0.99 -7.57 8.08
C ASN A 11 -0.05 -8.34 7.14
N ARG A 12 1.09 -7.75 6.78
CA ARG A 12 2.05 -8.35 5.82
C ARG A 12 3.42 -8.67 6.43
N GLY A 13 3.41 -8.99 7.73
CA GLY A 13 4.58 -9.33 8.54
C GLY A 13 5.69 -8.27 8.63
N ASN A 14 5.38 -7.06 8.16
CA ASN A 14 6.16 -5.79 8.09
C ASN A 14 6.34 -5.20 6.66
N THR A 15 5.84 -5.85 5.61
CA THR A 15 6.03 -5.41 4.21
C THR A 15 5.29 -4.10 3.90
N CYS A 16 6.00 -3.01 3.54
CA CYS A 16 5.42 -1.70 3.21
C CYS A 16 5.85 -1.27 1.80
N LEU A 17 4.90 -1.24 0.85
CA LEU A 17 5.12 -0.96 -0.58
C LEU A 17 4.31 0.23 -1.11
N GLU A 18 4.89 0.90 -2.10
CA GLU A 18 4.33 2.03 -2.86
C GLU A 18 3.80 1.61 -4.25
N ASN A 19 3.86 0.31 -4.58
CA ASN A 19 3.45 -0.25 -5.89
C ASN A 19 2.75 -1.62 -5.76
N GLY A 20 1.97 -1.97 -6.79
CA GLY A 20 1.28 -3.27 -6.93
C GLY A 20 -0.18 -3.32 -6.44
N SER A 21 -0.74 -4.53 -6.48
CA SER A 21 -2.10 -4.92 -6.06
C SER A 21 -2.04 -6.33 -5.49
N PHE A 22 -2.48 -6.54 -4.25
CA PHE A 22 -2.36 -7.82 -3.54
C PHE A 22 -3.36 -8.92 -3.96
N LEU A 23 -3.08 -9.56 -5.09
CA LEU A 23 -3.91 -10.61 -5.70
C LEU A 23 -4.27 -11.80 -4.79
N LEU A 24 -3.48 -12.09 -3.75
CA LEU A 24 -3.76 -13.16 -2.77
C LEU A 24 -4.88 -12.78 -1.78
N ASN A 25 -5.22 -11.49 -1.66
CA ASN A 25 -6.32 -10.98 -0.83
C ASN A 25 -7.51 -10.57 -1.72
N PHE A 26 -7.27 -10.08 -2.93
CA PHE A 26 -8.35 -9.73 -3.87
C PHE A 26 -9.13 -10.99 -4.29
N THR A 27 -10.33 -11.17 -3.76
CA THR A 27 -11.21 -12.32 -4.08
C THR A 27 -11.98 -12.11 -5.39
N GLY A 28 -11.87 -10.90 -5.96
CA GLY A 28 -12.56 -10.45 -7.16
C GLY A 28 -13.70 -9.51 -6.76
N CYS A 29 -14.02 -8.57 -7.64
CA CYS A 29 -15.03 -7.54 -7.42
C CYS A 29 -16.39 -8.07 -6.99
N ALA A 30 -17.22 -7.18 -6.47
CA ALA A 30 -18.62 -7.44 -6.14
C ALA A 30 -19.57 -6.49 -6.88
N VAL A 31 -19.07 -5.44 -7.54
CA VAL A 31 -19.89 -4.59 -8.41
C VAL A 31 -20.17 -5.33 -9.73
N CYS A 32 -19.20 -6.12 -10.22
CA CYS A 32 -19.27 -6.88 -11.48
C CYS A 32 -18.84 -8.37 -11.43
N SER A 33 -18.19 -8.82 -10.34
CA SER A 33 -17.74 -10.21 -10.11
C SER A 33 -16.41 -10.64 -10.81
N LYS A 34 -15.54 -9.70 -11.24
CA LYS A 34 -14.26 -10.02 -11.93
C LYS A 34 -13.05 -10.10 -10.98
N ARG A 35 -12.16 -11.07 -11.20
CA ARG A 35 -10.88 -11.26 -10.46
C ARG A 35 -9.68 -11.00 -11.40
N ASP A 36 -8.48 -10.77 -10.84
CA ASP A 36 -7.24 -10.43 -11.56
C ASP A 36 -7.35 -9.27 -12.59
N PHE A 37 -8.28 -8.38 -12.30
CA PHE A 37 -8.68 -7.20 -13.07
C PHE A 37 -8.54 -5.93 -12.22
N MET A 38 -7.45 -5.20 -12.40
CA MET A 38 -7.19 -3.93 -11.71
C MET A 38 -6.17 -3.01 -12.36
N LEU A 39 -6.39 -1.72 -12.12
CA LEU A 39 -5.65 -0.51 -12.52
C LEU A 39 -5.36 0.34 -11.27
N ILE A 40 -4.45 1.31 -11.39
CA ILE A 40 -4.10 2.28 -10.35
C ILE A 40 -4.20 3.67 -10.99
N THR A 41 -4.81 4.62 -10.28
CA THR A 41 -4.96 6.01 -10.75
C THR A 41 -4.93 7.01 -9.59
N ASN A 42 -4.91 8.30 -9.91
CA ASN A 42 -4.89 9.45 -8.99
C ASN A 42 -3.70 9.49 -7.99
N LYS A 43 -2.68 8.67 -8.25
CA LYS A 43 -1.46 8.49 -7.45
C LYS A 43 -0.76 9.81 -7.13
N SER A 44 -0.78 10.16 -5.85
CA SER A 44 -0.15 11.33 -5.28
C SER A 44 1.10 10.98 -4.46
N LEU A 45 1.99 11.97 -4.33
CA LEU A 45 3.25 11.88 -3.58
C LEU A 45 3.49 13.20 -2.82
N LYS A 46 3.95 13.08 -1.58
CA LYS A 46 4.25 14.17 -0.65
C LYS A 46 5.60 13.99 0.00
N GLU A 47 6.31 15.08 0.29
CA GLU A 47 7.59 15.00 1.01
C GLU A 47 7.70 16.13 2.05
N GLU A 48 7.77 15.76 3.33
CA GLU A 48 7.99 16.68 4.47
C GLU A 48 9.28 16.36 5.25
N ASP A 49 10.20 17.31 5.37
CA ASP A 49 11.41 17.26 6.21
C ASP A 49 12.26 15.95 6.20
N GLY A 50 12.13 15.13 5.15
CA GLY A 50 12.81 13.82 4.99
C GLY A 50 11.82 12.65 4.87
N GLU A 51 10.59 12.82 5.35
CA GLU A 51 9.49 11.87 5.23
C GLU A 51 8.96 11.90 3.79
N GLU A 52 8.70 10.74 3.20
CA GLU A 52 8.13 10.56 1.87
C GLU A 52 6.79 9.83 2.00
N ILE A 53 5.72 10.36 1.39
CA ILE A 53 4.38 9.78 1.47
C ILE A 53 3.86 9.50 0.07
N VAL A 54 3.19 8.37 -0.11
CA VAL A 54 2.58 7.95 -1.38
C VAL A 54 1.15 7.49 -1.12
N THR A 55 0.17 8.17 -1.71
CA THR A 55 -1.25 7.82 -1.59
C THR A 55 -1.89 7.55 -2.95
N TYR A 56 -2.68 6.48 -3.09
CA TYR A 56 -3.38 6.13 -4.34
C TYR A 56 -4.66 5.31 -4.12
N ASP A 57 -5.23 4.80 -5.21
CA ASP A 57 -6.46 4.03 -5.23
C ASP A 57 -6.31 2.89 -6.28
N HIS A 58 -7.11 1.84 -6.13
CA HIS A 58 -7.17 0.70 -7.05
C HIS A 58 -8.54 0.72 -7.74
N LEU A 59 -8.60 0.38 -9.03
CA LEU A 59 -9.82 0.42 -9.85
C LEU A 59 -9.99 -0.86 -10.65
N CYS A 60 -11.19 -1.41 -10.66
CA CYS A 60 -11.56 -2.61 -11.40
C CYS A 60 -11.32 -2.41 -12.91
N LYS A 61 -10.50 -3.24 -13.55
CA LYS A 61 -10.25 -3.16 -15.01
C LYS A 61 -11.54 -3.40 -15.82
N ASN A 62 -12.61 -3.90 -15.19
CA ASN A 62 -13.88 -4.21 -15.83
C ASN A 62 -14.91 -3.06 -15.67
N CYS A 63 -15.33 -2.73 -14.45
CA CYS A 63 -16.32 -1.68 -14.16
C CYS A 63 -15.71 -0.33 -13.73
N HIS A 64 -14.38 -0.24 -13.56
CA HIS A 64 -13.63 0.94 -13.10
C HIS A 64 -14.11 1.56 -11.78
N HIS A 65 -14.85 0.78 -10.99
CA HIS A 65 -15.22 1.11 -9.63
C HIS A 65 -13.93 1.09 -8.77
N VAL A 66 -13.84 1.95 -7.74
CA VAL A 66 -12.68 1.97 -6.84
C VAL A 66 -12.74 0.77 -5.87
N ILE A 67 -11.91 -0.24 -6.14
CA ILE A 67 -11.78 -1.48 -5.37
C ILE A 67 -11.34 -1.19 -3.93
N ALA A 68 -10.31 -0.34 -3.78
CA ALA A 68 -9.68 -0.02 -2.50
C ALA A 68 -8.84 1.28 -2.55
N ARG A 69 -8.42 1.77 -1.38
CA ARG A 69 -7.52 2.92 -1.20
C ARG A 69 -6.23 2.45 -0.52
N HIS A 70 -5.11 3.01 -0.97
CA HIS A 70 -3.74 2.67 -0.53
C HIS A 70 -2.99 3.89 -0.02
N GLU A 71 -2.24 3.71 1.07
CA GLU A 71 -1.36 4.71 1.64
C GLU A 71 -0.07 4.04 2.10
N TYR A 72 1.07 4.60 1.72
CA TYR A 72 2.40 4.18 2.16
C TYR A 72 3.11 5.45 2.61
N THR A 73 3.65 5.45 3.83
CA THR A 73 4.38 6.59 4.39
C THR A 73 5.72 6.10 4.92
N PHE A 74 6.80 6.84 4.62
CA PHE A 74 8.16 6.52 5.02
C PHE A 74 8.81 7.72 5.71
N SER A 75 9.38 7.55 6.91
CA SER A 75 9.99 8.61 7.75
C SER A 75 11.40 8.27 8.23
N ILE A 76 12.31 9.26 8.29
CA ILE A 76 13.66 9.07 8.85
C ILE A 76 13.78 9.80 10.19
N MET A 77 14.11 9.07 11.26
CA MET A 77 14.31 9.60 12.61
C MET A 77 15.73 9.37 13.17
N ASP A 78 16.48 10.45 13.42
CA ASP A 78 17.82 10.51 14.03
C ASP A 78 18.93 9.60 13.43
N GLU A 79 18.81 8.29 13.60
CA GLU A 79 19.73 7.25 13.09
C GLU A 79 18.97 6.05 12.48
N PHE A 80 17.64 6.12 12.36
CA PHE A 80 16.87 4.97 11.88
C PHE A 80 15.90 5.43 10.77
N GLN A 81 15.27 4.46 10.13
CA GLN A 81 14.25 4.64 9.10
C GLN A 81 12.98 3.94 9.53
N GLU A 82 11.83 4.52 9.24
CA GLU A 82 10.49 4.05 9.56
C GLU A 82 9.68 3.87 8.28
N TYR A 83 9.07 2.71 8.13
CA TYR A 83 8.23 2.34 7.00
C TYR A 83 6.84 1.98 7.49
N THR A 84 5.79 2.55 6.91
CA THR A 84 4.42 2.23 7.28
C THR A 84 3.56 2.17 6.03
N MET A 85 2.61 1.23 6.00
CA MET A 85 1.66 1.01 4.92
C MET A 85 0.27 0.74 5.51
N LEU A 86 -0.75 1.20 4.80
CA LEU A 86 -2.16 1.07 5.14
C LEU A 86 -3.02 1.06 3.85
N CYS A 87 -3.51 -0.10 3.46
CA CYS A 87 -4.37 -0.34 2.31
C CYS A 87 -5.42 -1.40 2.65
N LEU A 88 -6.67 -1.16 2.22
CA LEU A 88 -7.80 -2.09 2.40
C LEU A 88 -7.52 -3.45 1.72
N LEU A 89 -6.81 -3.45 0.60
CA LEU A 89 -6.45 -4.63 -0.16
C LEU A 89 -5.03 -5.10 0.19
N CYS A 90 -4.04 -4.29 -0.07
CA CYS A 90 -2.64 -4.65 0.07
C CYS A 90 -2.23 -4.93 1.52
N GLY A 91 -2.77 -4.17 2.48
CA GLY A 91 -2.58 -4.43 3.90
C GLY A 91 -2.11 -3.27 4.78
N LYS A 92 -2.06 -3.53 6.08
CA LYS A 92 -1.52 -2.63 7.11
C LYS A 92 -0.26 -3.22 7.72
N ALA A 93 0.86 -2.55 7.54
CA ALA A 93 2.17 -2.98 8.02
C ALA A 93 3.08 -1.83 8.50
N GLU A 94 4.04 -2.14 9.35
CA GLU A 94 5.05 -1.19 9.85
C GLU A 94 6.38 -1.89 10.15
N ASP A 95 7.49 -1.24 9.78
CA ASP A 95 8.87 -1.70 10.00
C ASP A 95 9.80 -0.53 10.37
N THR A 96 10.88 -0.79 11.11
CA THR A 96 11.90 0.21 11.42
C THR A 96 13.31 -0.39 11.27
N ILE A 97 14.22 0.34 10.62
CA ILE A 97 15.59 -0.09 10.33
C ILE A 97 16.60 0.90 10.91
N SER A 98 17.55 0.43 11.71
CA SER A 98 18.64 1.27 12.23
C SER A 98 19.76 1.37 11.20
N ILE A 99 20.25 2.58 10.95
CA ILE A 99 21.28 2.89 9.93
C ILE A 99 22.41 3.80 10.44
N LEU A 100 23.37 4.09 9.56
CA LEU A 100 24.57 4.91 9.78
C LEU A 100 24.84 5.79 8.55
N PRO A 101 25.65 6.87 8.65
CA PRO A 101 25.99 7.74 7.51
C PRO A 101 26.71 7.01 6.37
N ASP A 102 27.29 5.83 6.64
CA ASP A 102 27.96 4.95 5.66
C ASP A 102 26.95 4.15 4.78
N ASP A 103 25.64 4.33 5.00
CA ASP A 103 24.52 3.67 4.32
C ASP A 103 24.61 2.12 4.28
N PRO A 104 24.65 1.44 5.44
CA PRO A 104 24.70 -0.02 5.51
C PRO A 104 23.40 -0.69 5.03
N ARG A 105 22.27 0.03 5.11
CA ARG A 105 20.89 -0.35 4.69
C ARG A 105 20.44 -1.80 4.97
N GLN A 106 20.98 -2.40 6.04
CA GLN A 106 20.74 -3.75 6.55
C GLN A 106 20.35 -4.78 5.47
ZN ZN B . -15.70 -4.19 -6.21
ZN ZN C . -15.68 -4.67 -10.68
ZN ZN D . -3.14 -1.37 -2.08
N CYS A 1 -15.43 -2.53 -3.08
CA CYS A 1 -16.67 -2.60 -2.32
C CYS A 1 -16.50 -3.33 -0.96
N GLY A 2 -15.25 -3.61 -0.57
CA GLY A 2 -14.85 -4.34 0.64
C GLY A 2 -15.10 -5.84 0.49
N ASP A 3 -16.16 -6.24 -0.20
CA ASP A 3 -16.40 -7.63 -0.59
C ASP A 3 -15.32 -8.08 -1.60
N CYS A 4 -14.62 -7.13 -2.24
CA CYS A 4 -13.49 -7.35 -3.14
C CYS A 4 -12.28 -8.03 -2.43
N VAL A 5 -12.12 -7.86 -1.11
CA VAL A 5 -10.96 -8.36 -0.34
C VAL A 5 -11.35 -9.48 0.64
N GLU A 6 -10.51 -10.52 0.78
CA GLU A 6 -10.73 -11.64 1.71
C GLU A 6 -10.67 -11.18 3.18
N LYS A 7 -9.77 -10.24 3.50
CA LYS A 7 -9.61 -9.58 4.80
C LYS A 7 -9.37 -8.09 4.59
N GLU A 8 -9.91 -7.26 5.47
CA GLU A 8 -9.72 -5.80 5.46
C GLU A 8 -8.36 -5.47 6.13
N TYR A 9 -7.50 -4.72 5.43
CA TYR A 9 -6.17 -4.31 5.90
C TYR A 9 -5.37 -5.46 6.56
N PRO A 10 -5.10 -6.55 5.81
CA PRO A 10 -4.37 -7.72 6.32
C PRO A 10 -2.93 -7.34 6.73
N ASN A 11 -2.35 -7.96 7.75
CA ASN A 11 -0.95 -7.69 8.08
C ASN A 11 -0.03 -8.47 7.11
N ARG A 12 1.12 -7.87 6.75
CA ARG A 12 2.06 -8.44 5.76
C ARG A 12 3.47 -8.70 6.30
N GLY A 13 3.56 -9.03 7.60
CA GLY A 13 4.84 -9.32 8.26
C GLY A 13 5.86 -8.17 8.14
N ASN A 14 5.34 -6.93 8.21
CA ASN A 14 6.04 -5.64 8.13
C ASN A 14 6.33 -5.14 6.69
N THR A 15 5.82 -5.78 5.64
CA THR A 15 6.04 -5.38 4.23
C THR A 15 5.31 -4.06 3.90
N CYS A 16 6.03 -3.00 3.53
CA CYS A 16 5.46 -1.68 3.19
C CYS A 16 5.88 -1.26 1.77
N LEU A 17 4.92 -1.25 0.83
CA LEU A 17 5.12 -0.98 -0.61
C LEU A 17 4.34 0.24 -1.12
N GLU A 18 4.95 0.94 -2.07
CA GLU A 18 4.43 2.12 -2.78
C GLU A 18 3.77 1.77 -4.14
N ASN A 19 3.88 0.51 -4.58
CA ASN A 19 3.32 0.03 -5.85
C ASN A 19 2.88 -1.45 -5.76
N GLY A 20 1.85 -1.82 -6.53
CA GLY A 20 1.31 -3.20 -6.62
C GLY A 20 -0.20 -3.30 -6.34
N SER A 21 -0.70 -4.55 -6.36
CA SER A 21 -2.07 -4.98 -6.05
C SER A 21 -2.04 -6.41 -5.52
N PHE A 22 -2.44 -6.63 -4.27
CA PHE A 22 -2.34 -7.92 -3.58
C PHE A 22 -3.37 -8.99 -4.01
N LEU A 23 -3.14 -9.60 -5.17
CA LEU A 23 -4.00 -10.61 -5.79
C LEU A 23 -4.42 -11.78 -4.88
N LEU A 24 -3.58 -12.17 -3.91
CA LEU A 24 -3.88 -13.24 -2.95
C LEU A 24 -4.97 -12.86 -1.92
N ASN A 25 -5.23 -11.55 -1.71
CA ASN A 25 -6.31 -11.06 -0.86
C ASN A 25 -7.51 -10.64 -1.71
N PHE A 26 -7.27 -10.13 -2.93
CA PHE A 26 -8.34 -9.78 -3.86
C PHE A 26 -9.10 -11.04 -4.31
N THR A 27 -10.34 -11.20 -3.87
CA THR A 27 -11.22 -12.33 -4.21
C THR A 27 -12.08 -12.06 -5.45
N GLY A 28 -11.84 -10.93 -6.12
CA GLY A 28 -12.61 -10.46 -7.27
C GLY A 28 -13.71 -9.50 -6.80
N CYS A 29 -14.06 -8.55 -7.67
CA CYS A 29 -15.05 -7.50 -7.42
C CYS A 29 -16.41 -8.02 -6.96
N ALA A 30 -17.22 -7.09 -6.49
CA ALA A 30 -18.62 -7.32 -6.15
C ALA A 30 -19.56 -6.31 -6.85
N VAL A 31 -19.05 -5.23 -7.46
CA VAL A 31 -19.87 -4.33 -8.28
C VAL A 31 -20.20 -5.03 -9.61
N CYS A 32 -19.26 -5.82 -10.15
CA CYS A 32 -19.37 -6.56 -11.41
C CYS A 32 -18.99 -8.07 -11.37
N SER A 33 -18.30 -8.53 -10.33
CA SER A 33 -17.85 -9.93 -10.11
C SER A 33 -16.57 -10.37 -10.86
N LYS A 34 -15.73 -9.46 -11.39
CA LYS A 34 -14.48 -9.81 -12.11
C LYS A 34 -13.28 -10.02 -11.17
N ARG A 35 -12.35 -10.93 -11.52
CA ARG A 35 -11.08 -11.20 -10.81
C ARG A 35 -9.89 -10.98 -11.75
N ASP A 36 -8.68 -10.79 -11.20
CA ASP A 36 -7.42 -10.48 -11.92
C ASP A 36 -7.52 -9.26 -12.88
N PHE A 37 -8.44 -8.37 -12.53
CA PHE A 37 -8.83 -7.14 -13.23
C PHE A 37 -8.67 -5.92 -12.32
N MET A 38 -7.56 -5.21 -12.47
CA MET A 38 -7.28 -3.96 -11.73
C MET A 38 -6.21 -3.07 -12.37
N LEU A 39 -6.40 -1.78 -12.13
CA LEU A 39 -5.60 -0.61 -12.53
C LEU A 39 -5.28 0.23 -11.29
N ILE A 40 -4.33 1.16 -11.44
CA ILE A 40 -3.92 2.14 -10.42
C ILE A 40 -4.01 3.52 -11.07
N THR A 41 -4.65 4.47 -10.38
CA THR A 41 -4.78 5.85 -10.84
C THR A 41 -4.75 6.81 -9.66
N ASN A 42 -4.75 8.12 -9.94
CA ASN A 42 -4.84 9.20 -8.94
C ASN A 42 -3.68 9.15 -7.89
N LYS A 43 -2.61 8.42 -8.22
CA LYS A 43 -1.39 8.21 -7.44
C LYS A 43 -0.67 9.53 -7.15
N SER A 44 -0.71 9.94 -5.89
CA SER A 44 -0.08 11.14 -5.36
C SER A 44 1.15 10.83 -4.51
N LEU A 45 2.04 11.81 -4.40
CA LEU A 45 3.28 11.75 -3.63
C LEU A 45 3.51 13.07 -2.89
N LYS A 46 3.94 12.98 -1.63
CA LYS A 46 4.21 14.08 -0.70
C LYS A 46 5.55 13.92 -0.02
N GLU A 47 6.23 15.02 0.27
CA GLU A 47 7.53 14.97 0.98
C GLU A 47 7.64 16.09 2.04
N GLU A 48 7.74 15.71 3.32
CA GLU A 48 8.00 16.62 4.45
C GLU A 48 9.31 16.32 5.20
N ASP A 49 10.24 17.26 5.29
CA ASP A 49 11.48 17.21 6.10
C ASP A 49 12.33 15.90 6.07
N GLY A 50 12.16 15.07 5.03
CA GLY A 50 12.82 13.76 4.85
C GLY A 50 11.84 12.59 4.76
N GLU A 51 10.61 12.77 5.27
CA GLU A 51 9.51 11.82 5.17
C GLU A 51 8.96 11.84 3.73
N GLU A 52 8.69 10.68 3.16
CA GLU A 52 8.11 10.49 1.84
C GLU A 52 6.77 9.77 2.00
N ILE A 53 5.71 10.29 1.37
CA ILE A 53 4.37 9.75 1.46
C ILE A 53 3.86 9.44 0.05
N VAL A 54 3.20 8.29 -0.12
CA VAL A 54 2.60 7.86 -1.38
C VAL A 54 1.17 7.39 -1.12
N THR A 55 0.19 8.05 -1.73
CA THR A 55 -1.24 7.69 -1.61
C THR A 55 -1.87 7.41 -2.98
N TYR A 56 -2.62 6.31 -3.13
CA TYR A 56 -3.30 5.95 -4.39
C TYR A 56 -4.58 5.15 -4.19
N ASP A 57 -5.12 4.58 -5.28
CA ASP A 57 -6.32 3.76 -5.29
C ASP A 57 -6.15 2.60 -6.28
N HIS A 58 -6.94 1.55 -6.08
CA HIS A 58 -7.06 0.41 -6.99
C HIS A 58 -8.44 0.53 -7.66
N LEU A 59 -8.52 0.27 -8.96
CA LEU A 59 -9.73 0.42 -9.76
C LEU A 59 -9.95 -0.82 -10.63
N CYS A 60 -11.16 -1.36 -10.61
CA CYS A 60 -11.56 -2.53 -11.39
C CYS A 60 -11.34 -2.30 -12.88
N LYS A 61 -10.57 -3.15 -13.56
CA LYS A 61 -10.34 -3.04 -15.02
C LYS A 61 -11.65 -3.20 -15.83
N ASN A 62 -12.73 -3.66 -15.21
CA ASN A 62 -14.03 -3.87 -15.84
C ASN A 62 -14.97 -2.68 -15.62
N CYS A 63 -15.40 -2.42 -14.38
CA CYS A 63 -16.34 -1.35 -14.03
C CYS A 63 -15.66 -0.03 -13.58
N HIS A 64 -14.33 0.00 -13.43
CA HIS A 64 -13.52 1.15 -12.95
C HIS A 64 -13.98 1.75 -11.60
N HIS A 65 -14.73 0.97 -10.84
CA HIS A 65 -15.09 1.26 -9.46
C HIS A 65 -13.81 1.18 -8.62
N VAL A 66 -13.69 2.00 -7.57
CA VAL A 66 -12.54 1.97 -6.68
C VAL A 66 -12.63 0.75 -5.75
N ILE A 67 -11.84 -0.28 -6.06
CA ILE A 67 -11.74 -1.54 -5.32
C ILE A 67 -11.29 -1.29 -3.87
N ALA A 68 -10.27 -0.44 -3.72
CA ALA A 68 -9.64 -0.14 -2.44
C ALA A 68 -8.77 1.13 -2.51
N ARG A 69 -8.41 1.68 -1.36
CA ARG A 69 -7.48 2.82 -1.21
C ARG A 69 -6.19 2.31 -0.58
N HIS A 70 -5.07 2.91 -0.99
CA HIS A 70 -3.72 2.57 -0.54
C HIS A 70 -2.95 3.80 -0.03
N GLU A 71 -2.22 3.63 1.06
CA GLU A 71 -1.34 4.63 1.63
C GLU A 71 -0.05 3.96 2.10
N TYR A 72 1.08 4.55 1.74
CA TYR A 72 2.41 4.14 2.17
C TYR A 72 3.13 5.41 2.63
N THR A 73 3.65 5.41 3.84
CA THR A 73 4.36 6.56 4.41
C THR A 73 5.71 6.09 4.95
N PHE A 74 6.77 6.84 4.66
CA PHE A 74 8.14 6.50 5.06
C PHE A 74 8.81 7.72 5.74
N SER A 75 9.37 7.57 6.93
CA SER A 75 10.00 8.63 7.75
C SER A 75 11.43 8.30 8.18
N ILE A 76 12.34 9.29 8.21
CA ILE A 76 13.68 9.09 8.80
C ILE A 76 13.79 9.97 10.05
N MET A 77 14.05 9.37 11.21
CA MET A 77 14.30 10.06 12.48
C MET A 77 15.67 9.79 13.10
N ASP A 78 16.47 10.84 13.30
CA ASP A 78 17.79 10.87 13.97
C ASP A 78 18.88 9.92 13.43
N GLU A 79 18.71 8.61 13.61
CA GLU A 79 19.61 7.54 13.16
C GLU A 79 18.88 6.34 12.57
N PHE A 80 17.54 6.38 12.44
CA PHE A 80 16.80 5.20 11.98
C PHE A 80 15.83 5.61 10.86
N GLN A 81 15.21 4.62 10.25
CA GLN A 81 14.18 4.76 9.21
C GLN A 81 12.92 4.04 9.66
N GLU A 82 11.77 4.59 9.33
CA GLU A 82 10.42 4.09 9.63
C GLU A 82 9.64 3.92 8.35
N TYR A 83 9.02 2.76 8.21
CA TYR A 83 8.20 2.37 7.07
C TYR A 83 6.81 2.01 7.57
N THR A 84 5.77 2.56 6.95
CA THR A 84 4.38 2.23 7.30
C THR A 84 3.54 2.13 6.03
N MET A 85 2.61 1.19 6.00
CA MET A 85 1.67 0.96 4.92
C MET A 85 0.30 0.67 5.50
N LEU A 86 -0.72 1.14 4.80
CA LEU A 86 -2.14 1.01 5.15
C LEU A 86 -3.00 1.00 3.86
N CYS A 87 -3.49 -0.18 3.49
CA CYS A 87 -4.34 -0.42 2.33
C CYS A 87 -5.40 -1.47 2.68
N LEU A 88 -6.64 -1.24 2.25
CA LEU A 88 -7.76 -2.17 2.43
C LEU A 88 -7.50 -3.52 1.76
N LEU A 89 -6.78 -3.55 0.64
CA LEU A 89 -6.44 -4.75 -0.12
C LEU A 89 -5.04 -5.24 0.25
N CYS A 90 -4.02 -4.43 -0.02
CA CYS A 90 -2.62 -4.80 0.13
C CYS A 90 -2.24 -5.08 1.59
N GLY A 91 -2.76 -4.28 2.53
CA GLY A 91 -2.59 -4.52 3.96
C GLY A 91 -2.10 -3.37 4.82
N LYS A 92 -2.04 -3.62 6.13
CA LYS A 92 -1.51 -2.71 7.15
C LYS A 92 -0.24 -3.29 7.76
N ALA A 93 0.87 -2.58 7.59
CA ALA A 93 2.18 -2.98 8.07
C ALA A 93 3.06 -1.80 8.56
N GLU A 94 4.04 -2.11 9.41
CA GLU A 94 5.02 -1.13 9.92
C GLU A 94 6.36 -1.81 10.25
N ASP A 95 7.48 -1.17 9.88
CA ASP A 95 8.85 -1.63 10.11
C ASP A 95 9.79 -0.46 10.46
N THR A 96 10.86 -0.72 11.22
CA THR A 96 11.88 0.29 11.54
C THR A 96 13.29 -0.28 11.39
N ILE A 97 14.20 0.46 10.75
CA ILE A 97 15.58 0.07 10.46
C ILE A 97 16.57 1.08 11.05
N SER A 98 17.54 0.61 11.83
CA SER A 98 18.61 1.48 12.35
C SER A 98 19.71 1.63 11.31
N ILE A 99 20.18 2.86 11.07
CA ILE A 99 21.19 3.18 10.05
C ILE A 99 22.31 4.10 10.57
N LEU A 100 23.24 4.46 9.66
CA LEU A 100 24.43 5.27 9.88
C LEU A 100 24.58 6.28 8.72
N PRO A 101 25.42 7.34 8.85
CA PRO A 101 25.65 8.32 7.79
C PRO A 101 26.24 7.70 6.50
N ASP A 102 26.80 6.48 6.58
CA ASP A 102 27.31 5.69 5.45
C ASP A 102 26.17 5.05 4.60
N ASP A 103 24.91 5.22 5.02
CA ASP A 103 23.68 4.71 4.39
C ASP A 103 23.69 3.18 4.08
N PRO A 104 23.97 2.30 5.07
CA PRO A 104 24.06 0.85 4.88
C PRO A 104 22.72 0.11 4.70
N ARG A 105 21.60 0.68 5.20
CA ARG A 105 20.23 0.12 5.16
C ARG A 105 20.11 -1.36 5.54
N GLN A 106 20.92 -1.82 6.51
CA GLN A 106 21.01 -3.19 7.01
C GLN A 106 20.98 -4.25 5.89
ZN ZN B . -15.67 -4.14 -6.17
ZN ZN C . -15.70 -4.53 -10.65
ZN ZN D . -3.06 -1.53 -2.02
N CYS A 1 -15.44 -2.60 -3.16
CA CYS A 1 -16.67 -2.65 -2.40
C CYS A 1 -16.50 -3.33 -1.03
N GLY A 2 -15.26 -3.60 -0.63
CA GLY A 2 -14.86 -4.31 0.60
C GLY A 2 -15.10 -5.81 0.49
N ASP A 3 -16.16 -6.23 -0.21
CA ASP A 3 -16.39 -7.62 -0.57
C ASP A 3 -15.30 -8.09 -1.57
N CYS A 4 -14.61 -7.14 -2.23
CA CYS A 4 -13.48 -7.36 -3.12
C CYS A 4 -12.27 -8.03 -2.42
N VAL A 5 -12.11 -7.83 -1.10
CA VAL A 5 -10.95 -8.30 -0.31
C VAL A 5 -11.35 -9.43 0.66
N GLU A 6 -10.50 -10.45 0.80
CA GLU A 6 -10.69 -11.59 1.72
C GLU A 6 -10.65 -11.11 3.19
N LYS A 7 -9.74 -10.18 3.50
CA LYS A 7 -9.53 -9.53 4.80
C LYS A 7 -9.36 -8.03 4.60
N GLU A 8 -9.90 -7.22 5.49
CA GLU A 8 -9.73 -5.76 5.49
C GLU A 8 -8.38 -5.40 6.15
N TYR A 9 -7.51 -4.67 5.43
CA TYR A 9 -6.18 -4.26 5.91
C TYR A 9 -5.38 -5.40 6.56
N PRO A 10 -5.11 -6.49 5.81
CA PRO A 10 -4.37 -7.65 6.33
C PRO A 10 -2.93 -7.28 6.72
N ASN A 11 -2.37 -7.88 7.76
CA ASN A 11 -0.96 -7.63 8.11
C ASN A 11 -0.05 -8.39 7.15
N ARG A 12 1.10 -7.80 6.77
CA ARG A 12 2.05 -8.37 5.79
C ARG A 12 3.44 -8.65 6.35
N GLY A 13 3.53 -8.99 7.63
CA GLY A 13 4.80 -9.29 8.31
C GLY A 13 5.82 -8.16 8.21
N ASN A 14 5.31 -6.92 8.27
CA ASN A 14 6.02 -5.63 8.21
C ASN A 14 6.33 -5.13 6.77
N THR A 15 5.82 -5.77 5.71
CA THR A 15 6.06 -5.38 4.31
C THR A 15 5.32 -4.07 3.96
N CYS A 16 6.03 -3.00 3.59
CA CYS A 16 5.45 -1.70 3.24
C CYS A 16 5.86 -1.29 1.81
N LEU A 17 4.91 -1.31 0.87
CA LEU A 17 5.09 -1.05 -0.57
C LEU A 17 4.31 0.15 -1.09
N GLU A 18 4.91 0.84 -2.05
CA GLU A 18 4.36 1.98 -2.78
C GLU A 18 3.68 1.59 -4.10
N ASN A 19 3.79 0.33 -4.54
CA ASN A 19 3.22 -0.15 -5.82
C ASN A 19 2.70 -1.59 -5.79
N GLY A 20 1.77 -1.90 -6.70
CA GLY A 20 1.17 -3.22 -6.92
C GLY A 20 -0.31 -3.33 -6.53
N SER A 21 -0.80 -4.57 -6.48
CA SER A 21 -2.17 -4.97 -6.08
C SER A 21 -2.12 -6.39 -5.52
N PHE A 22 -2.50 -6.59 -4.26
CA PHE A 22 -2.38 -7.87 -3.55
C PHE A 22 -3.40 -8.96 -3.95
N LEU A 23 -3.15 -9.60 -5.10
CA LEU A 23 -4.01 -10.63 -5.69
C LEU A 23 -4.41 -11.79 -4.75
N LEU A 24 -3.57 -12.14 -3.77
CA LEU A 24 -3.86 -13.20 -2.78
C LEU A 24 -4.96 -12.79 -1.76
N ASN A 25 -5.24 -11.50 -1.61
CA ASN A 25 -6.32 -10.98 -0.76
C ASN A 25 -7.51 -10.57 -1.64
N PHE A 26 -7.26 -10.07 -2.86
CA PHE A 26 -8.32 -9.74 -3.81
C PHE A 26 -9.05 -11.02 -4.24
N THR A 27 -10.29 -11.21 -3.79
CA THR A 27 -11.13 -12.37 -4.14
C THR A 27 -11.94 -12.14 -5.42
N GLY A 28 -11.76 -10.97 -6.05
CA GLY A 28 -12.48 -10.52 -7.23
C GLY A 28 -13.62 -9.57 -6.79
N CYS A 29 -13.97 -8.63 -7.66
CA CYS A 29 -14.97 -7.60 -7.43
C CYS A 29 -16.33 -8.15 -6.96
N ALA A 30 -17.17 -7.23 -6.50
CA ALA A 30 -18.57 -7.49 -6.17
C ALA A 30 -19.52 -6.53 -6.90
N VAL A 31 -19.02 -5.46 -7.54
CA VAL A 31 -19.85 -4.60 -8.40
C VAL A 31 -20.14 -5.34 -9.72
N CYS A 32 -19.18 -6.11 -10.23
CA CYS A 32 -19.24 -6.87 -11.49
C CYS A 32 -18.81 -8.36 -11.42
N SER A 33 -18.11 -8.79 -10.36
CA SER A 33 -17.63 -10.16 -10.12
C SER A 33 -16.32 -10.57 -10.85
N LYS A 34 -15.51 -9.63 -11.38
CA LYS A 34 -14.23 -9.94 -12.07
C LYS A 34 -13.04 -10.11 -11.12
N ARG A 35 -12.08 -10.98 -11.46
CA ARG A 35 -10.82 -11.21 -10.72
C ARG A 35 -9.61 -10.95 -11.64
N ASP A 36 -8.42 -10.72 -11.08
CA ASP A 36 -7.16 -10.37 -11.78
C ASP A 36 -7.27 -9.18 -12.77
N PHE A 37 -8.23 -8.30 -12.46
CA PHE A 37 -8.63 -7.10 -13.18
C PHE A 37 -8.51 -5.85 -12.30
N MET A 38 -7.41 -5.11 -12.47
CA MET A 38 -7.17 -3.86 -11.75
C MET A 38 -6.14 -2.91 -12.38
N LEU A 39 -6.38 -1.62 -12.13
CA LEU A 39 -5.65 -0.40 -12.51
C LEU A 39 -5.37 0.46 -11.26
N ILE A 40 -4.49 1.46 -11.40
CA ILE A 40 -4.12 2.44 -10.37
C ILE A 40 -4.29 3.82 -11.00
N THR A 41 -4.93 4.75 -10.27
CA THR A 41 -5.15 6.13 -10.72
C THR A 41 -5.12 7.12 -9.55
N ASN A 42 -5.18 8.43 -9.85
CA ASN A 42 -5.18 9.56 -8.91
C ASN A 42 -3.98 9.62 -7.92
N LYS A 43 -2.95 8.81 -8.20
CA LYS A 43 -1.72 8.61 -7.42
C LYS A 43 -0.96 9.90 -7.11
N SER A 44 -0.91 10.24 -5.83
CA SER A 44 -0.17 11.37 -5.27
C SER A 44 1.08 10.96 -4.51
N LEU A 45 2.02 11.89 -4.41
CA LEU A 45 3.28 11.77 -3.67
C LEU A 45 3.56 13.09 -2.94
N LYS A 46 4.02 12.97 -1.69
CA LYS A 46 4.33 14.08 -0.79
C LYS A 46 5.70 13.89 -0.14
N GLU A 47 6.42 14.96 0.12
CA GLU A 47 7.69 14.88 0.84
C GLU A 47 7.81 16.03 1.85
N GLU A 48 7.87 15.70 3.15
CA GLU A 48 8.10 16.65 4.26
C GLU A 48 9.37 16.33 5.06
N ASP A 49 10.32 17.26 5.15
CA ASP A 49 11.52 17.21 6.02
C ASP A 49 12.36 15.90 6.04
N GLY A 50 12.23 15.06 5.01
CA GLY A 50 12.89 13.74 4.86
C GLY A 50 11.89 12.58 4.77
N GLU A 51 10.66 12.77 5.23
CA GLU A 51 9.56 11.81 5.12
C GLU A 51 9.04 11.82 3.68
N GLU A 52 8.77 10.65 3.11
CA GLU A 52 8.19 10.46 1.78
C GLU A 52 6.85 9.74 1.93
N ILE A 53 5.79 10.26 1.31
CA ILE A 53 4.44 9.71 1.41
C ILE A 53 3.90 9.41 0.00
N VAL A 54 3.20 8.29 -0.15
CA VAL A 54 2.56 7.88 -1.41
C VAL A 54 1.13 7.45 -1.12
N THR A 55 0.15 8.16 -1.69
CA THR A 55 -1.27 7.82 -1.56
C THR A 55 -1.93 7.59 -2.92
N TYR A 56 -2.73 6.53 -3.06
CA TYR A 56 -3.43 6.19 -4.31
C TYR A 56 -4.69 5.33 -4.10
N ASP A 57 -5.25 4.82 -5.18
CA ASP A 57 -6.47 4.02 -5.20
C ASP A 57 -6.32 2.90 -6.26
N HIS A 58 -7.10 1.83 -6.11
CA HIS A 58 -7.16 0.69 -7.03
C HIS A 58 -8.53 0.70 -7.72
N LEU A 59 -8.60 0.39 -9.00
CA LEU A 59 -9.82 0.43 -9.82
C LEU A 59 -9.98 -0.85 -10.63
N CYS A 60 -11.19 -1.41 -10.64
CA CYS A 60 -11.54 -2.60 -11.41
C CYS A 60 -11.31 -2.37 -12.90
N LYS A 61 -10.50 -3.18 -13.57
CA LYS A 61 -10.26 -3.06 -15.03
C LYS A 61 -11.55 -3.29 -15.85
N ASN A 62 -12.62 -3.81 -15.24
CA ASN A 62 -13.89 -4.07 -15.88
C ASN A 62 -14.89 -2.90 -15.69
N CYS A 63 -15.35 -2.67 -14.46
CA CYS A 63 -16.33 -1.63 -14.12
C CYS A 63 -15.72 -0.28 -13.69
N HIS A 64 -14.38 -0.20 -13.52
CA HIS A 64 -13.63 1.00 -13.07
C HIS A 64 -14.13 1.61 -11.74
N HIS A 65 -14.83 0.81 -10.95
CA HIS A 65 -15.21 1.11 -9.58
C HIS A 65 -13.92 1.08 -8.73
N VAL A 66 -13.83 1.92 -7.69
CA VAL A 66 -12.66 1.93 -6.79
C VAL A 66 -12.74 0.73 -5.85
N ILE A 67 -11.89 -0.27 -6.11
CA ILE A 67 -11.77 -1.52 -5.35
C ILE A 67 -11.32 -1.24 -3.90
N ALA A 68 -10.31 -0.38 -3.75
CA ALA A 68 -9.68 -0.05 -2.47
C ALA A 68 -8.84 1.25 -2.53
N ARG A 69 -8.43 1.75 -1.35
CA ARG A 69 -7.53 2.90 -1.16
C ARG A 69 -6.24 2.44 -0.49
N HIS A 70 -5.11 2.98 -0.94
CA HIS A 70 -3.76 2.65 -0.50
C HIS A 70 -2.99 3.87 0.00
N GLU A 71 -2.25 3.70 1.09
CA GLU A 71 -1.35 4.70 1.65
C GLU A 71 -0.06 4.00 2.11
N TYR A 72 1.08 4.58 1.73
CA TYR A 72 2.40 4.15 2.15
C TYR A 72 3.14 5.41 2.60
N THR A 73 3.68 5.40 3.82
CA THR A 73 4.41 6.55 4.36
C THR A 73 5.77 6.06 4.89
N PHE A 74 6.83 6.79 4.59
CA PHE A 74 8.19 6.46 5.01
C PHE A 74 8.85 7.68 5.68
N SER A 75 9.40 7.53 6.90
CA SER A 75 10.01 8.60 7.72
C SER A 75 11.41 8.27 8.21
N ILE A 76 12.31 9.26 8.27
CA ILE A 76 13.67 9.07 8.83
C ILE A 76 13.80 9.83 10.16
N MET A 77 14.12 9.11 11.25
CA MET A 77 14.33 9.66 12.59
C MET A 77 15.74 9.43 13.15
N ASP A 78 16.50 10.51 13.37
CA ASP A 78 17.86 10.57 13.97
C ASP A 78 18.94 9.64 13.37
N GLU A 79 18.81 8.34 13.57
CA GLU A 79 19.73 7.28 13.09
C GLU A 79 18.97 6.08 12.51
N PHE A 80 17.64 6.14 12.39
CA PHE A 80 16.86 5.00 11.94
C PHE A 80 15.89 5.44 10.82
N GLN A 81 15.26 4.46 10.20
CA GLN A 81 14.24 4.65 9.17
C GLN A 81 12.96 3.95 9.59
N GLU A 82 11.82 4.54 9.28
CA GLU A 82 10.47 4.07 9.60
C GLU A 82 9.67 3.88 8.32
N TYR A 83 9.05 2.72 8.21
CA TYR A 83 8.22 2.34 7.07
C TYR A 83 6.82 1.99 7.57
N THR A 84 5.79 2.55 6.96
CA THR A 84 4.41 2.25 7.32
C THR A 84 3.56 2.15 6.04
N MET A 85 2.61 1.23 6.03
CA MET A 85 1.66 0.99 4.94
C MET A 85 0.28 0.71 5.53
N LEU A 86 -0.74 1.17 4.81
CA LEU A 86 -2.15 1.05 5.14
C LEU A 86 -3.00 1.04 3.86
N CYS A 87 -3.51 -0.13 3.49
CA CYS A 87 -4.37 -0.37 2.34
C CYS A 87 -5.43 -1.43 2.68
N LEU A 88 -6.68 -1.19 2.25
CA LEU A 88 -7.80 -2.12 2.43
C LEU A 88 -7.52 -3.47 1.76
N LEU A 89 -6.81 -3.47 0.63
CA LEU A 89 -6.44 -4.66 -0.13
C LEU A 89 -5.04 -5.13 0.23
N CYS A 90 -4.03 -4.31 -0.05
CA CYS A 90 -2.64 -4.68 0.10
C CYS A 90 -2.23 -4.95 1.55
N GLY A 91 -2.77 -4.20 2.51
CA GLY A 91 -2.59 -4.46 3.92
C GLY A 91 -2.11 -3.30 4.81
N LYS A 92 -2.06 -3.57 6.12
CA LYS A 92 -1.54 -2.66 7.15
C LYS A 92 -0.28 -3.24 7.77
N ALA A 93 0.84 -2.54 7.60
CA ALA A 93 2.15 -2.95 8.09
C ALA A 93 3.03 -1.79 8.58
N GLU A 94 4.00 -2.08 9.45
CA GLU A 94 4.99 -1.11 9.95
C GLU A 94 6.31 -1.80 10.28
N ASP A 95 7.44 -1.17 9.92
CA ASP A 95 8.80 -1.63 10.17
C ASP A 95 9.75 -0.47 10.52
N THR A 96 10.81 -0.73 11.28
CA THR A 96 11.84 0.28 11.58
C THR A 96 13.24 -0.34 11.45
N ILE A 97 14.17 0.37 10.78
CA ILE A 97 15.54 -0.08 10.52
C ILE A 97 16.55 0.92 11.08
N SER A 98 17.49 0.46 11.90
CA SER A 98 18.59 1.31 12.39
C SER A 98 19.70 1.36 11.34
N ILE A 99 20.21 2.57 11.07
CA ILE A 99 21.23 2.83 10.03
C ILE A 99 22.39 3.72 10.53
N LEU A 100 23.38 3.95 9.66
CA LEU A 100 24.59 4.74 9.89
C LEU A 100 24.93 5.60 8.65
N PRO A 101 25.75 6.66 8.79
CA PRO A 101 26.17 7.51 7.65
C PRO A 101 26.96 6.74 6.57
N ASP A 102 27.49 5.56 6.90
CA ASP A 102 28.19 4.65 5.98
C ASP A 102 27.24 3.91 5.01
N ASP A 103 25.92 4.13 5.13
CA ASP A 103 24.83 3.52 4.34
C ASP A 103 24.86 1.97 4.27
N PRO A 104 24.83 1.26 5.43
CA PRO A 104 24.81 -0.21 5.47
C PRO A 104 23.45 -0.79 5.07
N ARG A 105 22.36 -0.01 5.25
CA ARG A 105 20.94 -0.32 4.95
C ARG A 105 20.47 -1.77 5.24
N GLN A 106 21.03 -2.37 6.29
CA GLN A 106 20.77 -3.73 6.80
C GLN A 106 20.38 -4.75 5.72
ZN ZN B . -15.67 -4.24 -6.20
ZN ZN C . -15.64 -4.71 -10.68
ZN ZN D . -3.14 -1.40 -2.05
#